data_5V35
# 
_entry.id   5V35 
# 
_audit_conform.dict_name       mmcif_pdbx.dic 
_audit_conform.dict_version    5.379 
_audit_conform.dict_location   http://mmcif.pdb.org/dictionaries/ascii/mmcif_pdbx.dic 
# 
loop_
_database_2.database_id 
_database_2.database_code 
_database_2.pdbx_database_accession 
_database_2.pdbx_DOI 
PDB   5V35         pdb_00005v35 10.2210/pdb5v35/pdb 
WWPDB D_1000226752 ?            ?                   
# 
_pdbx_database_status.status_code                     REL 
_pdbx_database_status.status_code_sf                  REL 
_pdbx_database_status.status_code_mr                  ? 
_pdbx_database_status.entry_id                        5V35 
_pdbx_database_status.recvd_initial_deposition_date   2017-03-06 
_pdbx_database_status.SG_entry                        N 
_pdbx_database_status.deposit_site                    RCSB 
_pdbx_database_status.process_site                    RCSB 
_pdbx_database_status.status_code_cs                  ? 
_pdbx_database_status.methods_development_category    ? 
_pdbx_database_status.pdb_format_compatible           Y 
_pdbx_database_status.status_code_nmr_data            ? 
# 
loop_
_audit_author.name 
_audit_author.pdbx_ordinal 
_audit_author.identifier_ORCID 
'Yadav, R.P.'    1 ? 
'Gakhar, L.'     2 ? 
'Liping, Y.'     3 ? 
'Artemyev, N.O.' 4 ? 
# 
_citation.abstract                  ? 
_citation.abstract_id_CAS           ? 
_citation.book_id_ISBN              ? 
_citation.book_publisher            ? 
_citation.book_publisher_city       ? 
_citation.book_title                ? 
_citation.coordinate_linkage        ? 
_citation.country                   US 
_citation.database_id_Medline       ? 
_citation.details                   ? 
_citation.id                        primary 
_citation.journal_abbrev            'Proc. Natl. Acad. Sci. U.S.A.' 
_citation.journal_id_ASTM           PNASA6 
_citation.journal_id_CSD            0040 
_citation.journal_id_ISSN           1091-6490 
_citation.journal_full              ? 
_citation.journal_issue             ? 
_citation.journal_volume            114 
_citation.language                  ? 
_citation.page_first                E6536 
_citation.page_last                 E6545 
_citation.title                     
;Unique structural features of the AIPL1-FKBP domain that support prenyl lipid binding and underlie protein malfunction in blindness.
;
_citation.year                      2017 
_citation.database_id_CSD           ? 
_citation.pdbx_database_id_DOI      10.1073/pnas.1704782114 
_citation.pdbx_database_id_PubMed   28739921 
_citation.unpublished_flag          ? 
# 
loop_
_citation_author.citation_id 
_citation_author.name 
_citation_author.ordinal 
_citation_author.identifier_ORCID 
primary 'Yadav, R.P.'    1 ? 
primary 'Gakhar, L.'     2 ? 
primary 'Yu, L.'         3 ? 
primary 'Artemyev, N.O.' 4 ? 
# 
_cell.entry_id           5V35 
_cell.length_a           53.150 
_cell.length_b           65.520 
_cell.length_c           106.950 
_cell.angle_alpha        90.00 
_cell.angle_beta         90.00 
_cell.angle_gamma        90.00 
_cell.Z_PDB              8 
_cell.pdbx_unique_axis   ? 
# 
_symmetry.entry_id                         5V35 
_symmetry.space_group_name_H-M             'C 2 2 21' 
_symmetry.pdbx_full_space_group_name_H-M   ? 
_symmetry.cell_setting                     ? 
_symmetry.Int_Tables_number                20 
# 
loop_
_entity.id 
_entity.type 
_entity.src_method 
_entity.pdbx_description 
_entity.formula_weight 
_entity.pdbx_number_of_molecules 
_entity.pdbx_ec 
_entity.pdbx_mutation 
_entity.pdbx_fragment 
_entity.details 
1 polymer     man 'Aryl hydrocarbon receptor-interacting protein-like 1 (AIPL1)' 19375.152 1 ? V71F 'UNP residues 2-161' ? 
2 non-polymer syn FARNESYL                                                       206.367   1 ? ?    ?                    ? 
# 
_entity_poly.entity_id                      1 
_entity_poly.type                           'polypeptide(L)' 
_entity_poly.nstd_linkage                   no 
_entity_poly.nstd_monomer                   no 
_entity_poly.pdbx_seq_one_letter_code       
;MGHHHHHHGDAALLLNVEGVKKTILHGGTGELPNFITGSRVIFHFRTMKCDEERTVIDDSRQVGQPMHIIIGNMFKLEFW
EILLTSMRVHEVAEFWCDTIHTGVYPILSRSLRQMAQGKDPTEWHVHTCGLANMFAYHTLGYEDLDELQKEPQPLVFVIE
LLQVDAPSD
;
_entity_poly.pdbx_seq_one_letter_code_can   
;MGHHHHHHGDAALLLNVEGVKKTILHGGTGELPNFITGSRVIFHFRTMKCDEERTVIDDSRQVGQPMHIIIGNMFKLEFW
EILLTSMRVHEVAEFWCDTIHTGVYPILSRSLRQMAQGKDPTEWHVHTCGLANMFAYHTLGYEDLDELQKEPQPLVFVIE
LLQVDAPSD
;
_entity_poly.pdbx_strand_id                 A 
_entity_poly.pdbx_target_identifier         ? 
# 
loop_
_entity_poly_seq.entity_id 
_entity_poly_seq.num 
_entity_poly_seq.mon_id 
_entity_poly_seq.hetero 
1 1   MET n 
1 2   GLY n 
1 3   HIS n 
1 4   HIS n 
1 5   HIS n 
1 6   HIS n 
1 7   HIS n 
1 8   HIS n 
1 9   GLY n 
1 10  ASP n 
1 11  ALA n 
1 12  ALA n 
1 13  LEU n 
1 14  LEU n 
1 15  LEU n 
1 16  ASN n 
1 17  VAL n 
1 18  GLU n 
1 19  GLY n 
1 20  VAL n 
1 21  LYS n 
1 22  LYS n 
1 23  THR n 
1 24  ILE n 
1 25  LEU n 
1 26  HIS n 
1 27  GLY n 
1 28  GLY n 
1 29  THR n 
1 30  GLY n 
1 31  GLU n 
1 32  LEU n 
1 33  PRO n 
1 34  ASN n 
1 35  PHE n 
1 36  ILE n 
1 37  THR n 
1 38  GLY n 
1 39  SER n 
1 40  ARG n 
1 41  VAL n 
1 42  ILE n 
1 43  PHE n 
1 44  HIS n 
1 45  PHE n 
1 46  ARG n 
1 47  THR n 
1 48  MET n 
1 49  LYS n 
1 50  CYS n 
1 51  ASP n 
1 52  GLU n 
1 53  GLU n 
1 54  ARG n 
1 55  THR n 
1 56  VAL n 
1 57  ILE n 
1 58  ASP n 
1 59  ASP n 
1 60  SER n 
1 61  ARG n 
1 62  GLN n 
1 63  VAL n 
1 64  GLY n 
1 65  GLN n 
1 66  PRO n 
1 67  MET n 
1 68  HIS n 
1 69  ILE n 
1 70  ILE n 
1 71  ILE n 
1 72  GLY n 
1 73  ASN n 
1 74  MET n 
1 75  PHE n 
1 76  LYS n 
1 77  LEU n 
1 78  GLU n 
1 79  PHE n 
1 80  TRP n 
1 81  GLU n 
1 82  ILE n 
1 83  LEU n 
1 84  LEU n 
1 85  THR n 
1 86  SER n 
1 87  MET n 
1 88  ARG n 
1 89  VAL n 
1 90  HIS n 
1 91  GLU n 
1 92  VAL n 
1 93  ALA n 
1 94  GLU n 
1 95  PHE n 
1 96  TRP n 
1 97  CYS n 
1 98  ASP n 
1 99  THR n 
1 100 ILE n 
1 101 HIS n 
1 102 THR n 
1 103 GLY n 
1 104 VAL n 
1 105 TYR n 
1 106 PRO n 
1 107 ILE n 
1 108 LEU n 
1 109 SER n 
1 110 ARG n 
1 111 SER n 
1 112 LEU n 
1 113 ARG n 
1 114 GLN n 
1 115 MET n 
1 116 ALA n 
1 117 GLN n 
1 118 GLY n 
1 119 LYS n 
1 120 ASP n 
1 121 PRO n 
1 122 THR n 
1 123 GLU n 
1 124 TRP n 
1 125 HIS n 
1 126 VAL n 
1 127 HIS n 
1 128 THR n 
1 129 CYS n 
1 130 GLY n 
1 131 LEU n 
1 132 ALA n 
1 133 ASN n 
1 134 MET n 
1 135 PHE n 
1 136 ALA n 
1 137 TYR n 
1 138 HIS n 
1 139 THR n 
1 140 LEU n 
1 141 GLY n 
1 142 TYR n 
1 143 GLU n 
1 144 ASP n 
1 145 LEU n 
1 146 ASP n 
1 147 GLU n 
1 148 LEU n 
1 149 GLN n 
1 150 LYS n 
1 151 GLU n 
1 152 PRO n 
1 153 GLN n 
1 154 PRO n 
1 155 LEU n 
1 156 VAL n 
1 157 PHE n 
1 158 VAL n 
1 159 ILE n 
1 160 GLU n 
1 161 LEU n 
1 162 LEU n 
1 163 GLN n 
1 164 VAL n 
1 165 ASP n 
1 166 ALA n 
1 167 PRO n 
1 168 SER n 
1 169 ASP n 
# 
_entity_src_gen.entity_id                          1 
_entity_src_gen.pdbx_src_id                        1 
_entity_src_gen.pdbx_alt_source_flag               sample 
_entity_src_gen.pdbx_seq_type                      'Biological sequence' 
_entity_src_gen.pdbx_beg_seq_num                   1 
_entity_src_gen.pdbx_end_seq_num                   169 
_entity_src_gen.gene_src_common_name               Human 
_entity_src_gen.gene_src_genus                     ? 
_entity_src_gen.pdbx_gene_src_gene                 'AIPL1, AIPL2' 
_entity_src_gen.gene_src_species                   ? 
_entity_src_gen.gene_src_strain                    ? 
_entity_src_gen.gene_src_tissue                    ? 
_entity_src_gen.gene_src_tissue_fraction           ? 
_entity_src_gen.gene_src_details                   ? 
_entity_src_gen.pdbx_gene_src_fragment             ? 
_entity_src_gen.pdbx_gene_src_scientific_name      'Homo sapiens' 
_entity_src_gen.pdbx_gene_src_ncbi_taxonomy_id     9606 
_entity_src_gen.pdbx_gene_src_variant              ? 
_entity_src_gen.pdbx_gene_src_cell_line            ? 
_entity_src_gen.pdbx_gene_src_atcc                 ? 
_entity_src_gen.pdbx_gene_src_organ                ? 
_entity_src_gen.pdbx_gene_src_organelle            ? 
_entity_src_gen.pdbx_gene_src_cell                 ? 
_entity_src_gen.pdbx_gene_src_cellular_location    ? 
_entity_src_gen.host_org_common_name               ? 
_entity_src_gen.pdbx_host_org_scientific_name      'Escherichia coli' 
_entity_src_gen.pdbx_host_org_ncbi_taxonomy_id     469008 
_entity_src_gen.host_org_genus                     ? 
_entity_src_gen.pdbx_host_org_gene                 ? 
_entity_src_gen.pdbx_host_org_organ                ? 
_entity_src_gen.host_org_species                   ? 
_entity_src_gen.pdbx_host_org_tissue               ? 
_entity_src_gen.pdbx_host_org_tissue_fraction      ? 
_entity_src_gen.pdbx_host_org_strain               'BL21(DE3)' 
_entity_src_gen.pdbx_host_org_variant              ? 
_entity_src_gen.pdbx_host_org_cell_line            ? 
_entity_src_gen.pdbx_host_org_atcc                 ? 
_entity_src_gen.pdbx_host_org_culture_collection   ? 
_entity_src_gen.pdbx_host_org_cell                 ? 
_entity_src_gen.pdbx_host_org_organelle            ? 
_entity_src_gen.pdbx_host_org_cellular_location    ? 
_entity_src_gen.pdbx_host_org_vector_type          Plasmid 
_entity_src_gen.pdbx_host_org_vector               ? 
_entity_src_gen.host_org_details                   ? 
_entity_src_gen.expression_system_id               ? 
_entity_src_gen.plasmid_name                       pET15b 
_entity_src_gen.plasmid_details                    ? 
_entity_src_gen.pdbx_description                   ? 
# 
_struct_ref.id                         1 
_struct_ref.db_name                    UNP 
_struct_ref.db_code                    AIPL1_HUMAN 
_struct_ref.pdbx_db_accession          Q9NZN9 
_struct_ref.pdbx_db_isoform            ? 
_struct_ref.entity_id                  1 
_struct_ref.pdbx_seq_one_letter_code   
;DAALLLNVEGVKKTILHGGTGELPNFITGSRVIFHFRTMKCDEERTVIDDSRQVGQPMHIIIGNMFKLEVWEILLTSMRV
HEVAEFWCDTIHTGVYPILSRSLRQMAQGKDPTEWHVHTCGLANMFAYHTLGYEDLDELQKEPQPLVFVIELLQVDAPSD

;
_struct_ref.pdbx_align_begin           2 
# 
_struct_ref_seq.align_id                      1 
_struct_ref_seq.ref_id                        1 
_struct_ref_seq.pdbx_PDB_id_code              5V35 
_struct_ref_seq.pdbx_strand_id                A 
_struct_ref_seq.seq_align_beg                 10 
_struct_ref_seq.pdbx_seq_align_beg_ins_code   ? 
_struct_ref_seq.seq_align_end                 169 
_struct_ref_seq.pdbx_seq_align_end_ins_code   ? 
_struct_ref_seq.pdbx_db_accession             Q9NZN9 
_struct_ref_seq.db_align_beg                  2 
_struct_ref_seq.pdbx_db_align_beg_ins_code    ? 
_struct_ref_seq.db_align_end                  161 
_struct_ref_seq.pdbx_db_align_end_ins_code    ? 
_struct_ref_seq.pdbx_auth_seq_align_beg       2 
_struct_ref_seq.pdbx_auth_seq_align_end       161 
# 
loop_
_struct_ref_seq_dif.align_id 
_struct_ref_seq_dif.pdbx_pdb_id_code 
_struct_ref_seq_dif.mon_id 
_struct_ref_seq_dif.pdbx_pdb_strand_id 
_struct_ref_seq_dif.seq_num 
_struct_ref_seq_dif.pdbx_pdb_ins_code 
_struct_ref_seq_dif.pdbx_seq_db_name 
_struct_ref_seq_dif.pdbx_seq_db_accession_code 
_struct_ref_seq_dif.db_mon_id 
_struct_ref_seq_dif.pdbx_seq_db_seq_num 
_struct_ref_seq_dif.details 
_struct_ref_seq_dif.pdbx_auth_seq_num 
_struct_ref_seq_dif.pdbx_ordinal 
1 5V35 MET A 1  ? UNP Q9NZN9 ?   ?  'initiating methionine' -7 1  
1 5V35 GLY A 2  ? UNP Q9NZN9 ?   ?  'expression tag'        -6 2  
1 5V35 HIS A 3  ? UNP Q9NZN9 ?   ?  'expression tag'        -5 3  
1 5V35 HIS A 4  ? UNP Q9NZN9 ?   ?  'expression tag'        -4 4  
1 5V35 HIS A 5  ? UNP Q9NZN9 ?   ?  'expression tag'        -3 5  
1 5V35 HIS A 6  ? UNP Q9NZN9 ?   ?  'expression tag'        -2 6  
1 5V35 HIS A 7  ? UNP Q9NZN9 ?   ?  'expression tag'        -1 7  
1 5V35 HIS A 8  ? UNP Q9NZN9 ?   ?  'expression tag'        0  8  
1 5V35 GLY A 9  ? UNP Q9NZN9 ?   ?  'expression tag'        1  9  
1 5V35 PHE A 79 ? UNP Q9NZN9 VAL 71 'engineered mutation'   71 10 
# 
loop_
_chem_comp.id 
_chem_comp.type 
_chem_comp.mon_nstd_flag 
_chem_comp.name 
_chem_comp.pdbx_synonyms 
_chem_comp.formula 
_chem_comp.formula_weight 
ALA 'L-peptide linking' y ALANINE         ? 'C3 H7 N O2'     89.093  
ARG 'L-peptide linking' y ARGININE        ? 'C6 H15 N4 O2 1' 175.209 
ASN 'L-peptide linking' y ASPARAGINE      ? 'C4 H8 N2 O3'    132.118 
ASP 'L-peptide linking' y 'ASPARTIC ACID' ? 'C4 H7 N O4'     133.103 
CYS 'L-peptide linking' y CYSTEINE        ? 'C3 H7 N O2 S'   121.158 
FAR non-polymer         . FARNESYL        ? 'C15 H26'        206.367 
GLN 'L-peptide linking' y GLUTAMINE       ? 'C5 H10 N2 O3'   146.144 
GLU 'L-peptide linking' y 'GLUTAMIC ACID' ? 'C5 H9 N O4'     147.129 
GLY 'peptide linking'   y GLYCINE         ? 'C2 H5 N O2'     75.067  
HIS 'L-peptide linking' y HISTIDINE       ? 'C6 H10 N3 O2 1' 156.162 
ILE 'L-peptide linking' y ISOLEUCINE      ? 'C6 H13 N O2'    131.173 
LEU 'L-peptide linking' y LEUCINE         ? 'C6 H13 N O2'    131.173 
LYS 'L-peptide linking' y LYSINE          ? 'C6 H15 N2 O2 1' 147.195 
MET 'L-peptide linking' y METHIONINE      ? 'C5 H11 N O2 S'  149.211 
PHE 'L-peptide linking' y PHENYLALANINE   ? 'C9 H11 N O2'    165.189 
PRO 'L-peptide linking' y PROLINE         ? 'C5 H9 N O2'     115.130 
SER 'L-peptide linking' y SERINE          ? 'C3 H7 N O3'     105.093 
THR 'L-peptide linking' y THREONINE       ? 'C4 H9 N O3'     119.119 
TRP 'L-peptide linking' y TRYPTOPHAN      ? 'C11 H12 N2 O2'  204.225 
TYR 'L-peptide linking' y TYROSINE        ? 'C9 H11 N O3'    181.189 
VAL 'L-peptide linking' y VALINE          ? 'C5 H11 N O2'    117.146 
# 
_exptl.absorpt_coefficient_mu     ? 
_exptl.absorpt_correction_T_max   ? 
_exptl.absorpt_correction_T_min   ? 
_exptl.absorpt_correction_type    ? 
_exptl.absorpt_process_details    ? 
_exptl.entry_id                   5V35 
_exptl.crystals_number            1 
_exptl.details                    ? 
_exptl.method                     'X-RAY DIFFRACTION' 
_exptl.method_details             ? 
# 
_exptl_crystal.colour                      ? 
_exptl_crystal.density_diffrn              ? 
_exptl_crystal.density_Matthews            2.40 
_exptl_crystal.density_method              ? 
_exptl_crystal.density_percent_sol         48.81 
_exptl_crystal.description                 ? 
_exptl_crystal.F_000                       ? 
_exptl_crystal.id                          1 
_exptl_crystal.preparation                 ? 
_exptl_crystal.size_max                    ? 
_exptl_crystal.size_mid                    ? 
_exptl_crystal.size_min                    ? 
_exptl_crystal.size_rad                    ? 
_exptl_crystal.colour_lustre               ? 
_exptl_crystal.colour_modifier             ? 
_exptl_crystal.colour_primary              ? 
_exptl_crystal.density_meas                ? 
_exptl_crystal.density_meas_esd            ? 
_exptl_crystal.density_meas_gt             ? 
_exptl_crystal.density_meas_lt             ? 
_exptl_crystal.density_meas_temp           ? 
_exptl_crystal.density_meas_temp_esd       ? 
_exptl_crystal.density_meas_temp_gt        ? 
_exptl_crystal.density_meas_temp_lt        ? 
_exptl_crystal.pdbx_crystal_image_url      ? 
_exptl_crystal.pdbx_crystal_image_format   ? 
_exptl_crystal.pdbx_mosaicity              ? 
_exptl_crystal.pdbx_mosaicity_esd          ? 
# 
_exptl_crystal_grow.apparatus       ? 
_exptl_crystal_grow.atmosphere      ? 
_exptl_crystal_grow.crystal_id      1 
_exptl_crystal_grow.details         ? 
_exptl_crystal_grow.method          'VAPOR DIFFUSION' 
_exptl_crystal_grow.method_ref      ? 
_exptl_crystal_grow.pH              ? 
_exptl_crystal_grow.pressure        ? 
_exptl_crystal_grow.pressure_esd    ? 
_exptl_crystal_grow.seeding         ? 
_exptl_crystal_grow.seeding_ref     ? 
_exptl_crystal_grow.temp            291 
_exptl_crystal_grow.temp_details    ? 
_exptl_crystal_grow.temp_esd        ? 
_exptl_crystal_grow.time            ? 
_exptl_crystal_grow.pdbx_details    
;100 mM Na-Citrate
20 % (W/V) PEG 4000
20 % (V/V) 2-Propanol
;
_exptl_crystal_grow.pdbx_pH_range   5-7 
# 
_diffrn.ambient_environment    ? 
_diffrn.ambient_temp           100 
_diffrn.ambient_temp_details   ? 
_diffrn.ambient_temp_esd       ? 
_diffrn.crystal_id             1 
_diffrn.crystal_support        ? 
_diffrn.crystal_treatment      ? 
_diffrn.details                ? 
_diffrn.id                     1 
_diffrn.ambient_pressure       ? 
_diffrn.ambient_pressure_esd   ? 
_diffrn.ambient_pressure_gt    ? 
_diffrn.ambient_pressure_lt    ? 
_diffrn.ambient_temp_gt        ? 
_diffrn.ambient_temp_lt        ? 
# 
_diffrn_detector.details                      ? 
_diffrn_detector.detector                     CMOS 
_diffrn_detector.diffrn_id                    1 
_diffrn_detector.type                         'RDI CMOS_8M' 
_diffrn_detector.area_resol_mean              ? 
_diffrn_detector.dtime                        ? 
_diffrn_detector.pdbx_frames_total            ? 
_diffrn_detector.pdbx_collection_time_total   ? 
_diffrn_detector.pdbx_collection_date         2016-11-09 
# 
_diffrn_radiation.collimation                      ? 
_diffrn_radiation.diffrn_id                        1 
_diffrn_radiation.filter_edge                      ? 
_diffrn_radiation.inhomogeneity                    ? 
_diffrn_radiation.monochromator                    ? 
_diffrn_radiation.polarisn_norm                    ? 
_diffrn_radiation.polarisn_ratio                   ? 
_diffrn_radiation.probe                            ? 
_diffrn_radiation.type                             ? 
_diffrn_radiation.xray_symbol                      ? 
_diffrn_radiation.wavelength_id                    1 
_diffrn_radiation.pdbx_monochromatic_or_laue_m_l   M 
_diffrn_radiation.pdbx_wavelength_list             ? 
_diffrn_radiation.pdbx_wavelength                  ? 
_diffrn_radiation.pdbx_diffrn_protocol             'SINGLE WAVELENGTH' 
_diffrn_radiation.pdbx_analyzer                    ? 
_diffrn_radiation.pdbx_scattering_type             x-ray 
# 
_diffrn_radiation_wavelength.id           1 
_diffrn_radiation_wavelength.wavelength   1 
_diffrn_radiation_wavelength.wt           1.0 
# 
_diffrn_source.current                     ? 
_diffrn_source.details                     ? 
_diffrn_source.diffrn_id                   1 
_diffrn_source.power                       ? 
_diffrn_source.size                        ? 
_diffrn_source.source                      SYNCHROTRON 
_diffrn_source.target                      ? 
_diffrn_source.type                        'ALS BEAMLINE 4.2.2' 
_diffrn_source.voltage                     ? 
_diffrn_source.take-off_angle              ? 
_diffrn_source.pdbx_wavelength_list        1 
_diffrn_source.pdbx_wavelength             ? 
_diffrn_source.pdbx_synchrotron_beamline   4.2.2 
_diffrn_source.pdbx_synchrotron_site       ALS 
# 
_reflns.B_iso_Wilson_estimate            63.99 
_reflns.entry_id                         5V35 
_reflns.data_reduction_details           ? 
_reflns.data_reduction_method            ? 
_reflns.d_resolution_high                2.5 
_reflns.d_resolution_low                 53.475 
_reflns.details                          ? 
_reflns.limit_h_max                      ? 
_reflns.limit_h_min                      ? 
_reflns.limit_k_max                      ? 
_reflns.limit_k_min                      ? 
_reflns.limit_l_max                      ? 
_reflns.limit_l_min                      ? 
_reflns.number_all                       ? 
_reflns.number_obs                       6744 
_reflns.observed_criterion               ? 
_reflns.observed_criterion_F_max         ? 
_reflns.observed_criterion_F_min         ? 
_reflns.observed_criterion_I_max         ? 
_reflns.observed_criterion_I_min         ? 
_reflns.observed_criterion_sigma_F       ? 
_reflns.observed_criterion_sigma_I       ? 
_reflns.percent_possible_obs             99.8 
_reflns.R_free_details                   ? 
_reflns.Rmerge_F_all                     ? 
_reflns.Rmerge_F_obs                     ? 
_reflns.Friedel_coverage                 ? 
_reflns.number_gt                        ? 
_reflns.threshold_expression             ? 
_reflns.pdbx_redundancy                  13.8 
_reflns.pdbx_Rmerge_I_obs                0.055 
_reflns.pdbx_Rmerge_I_all                ? 
_reflns.pdbx_Rsym_value                  ? 
_reflns.pdbx_netI_over_av_sigmaI         ? 
_reflns.pdbx_netI_over_sigmaI            23.8 
_reflns.pdbx_res_netI_over_av_sigmaI_2   ? 
_reflns.pdbx_res_netI_over_sigmaI_2      ? 
_reflns.pdbx_chi_squared                 ? 
_reflns.pdbx_scaling_rejects             ? 
_reflns.pdbx_d_res_high_opt              ? 
_reflns.pdbx_d_res_low_opt               ? 
_reflns.pdbx_d_res_opt_method            ? 
_reflns.phase_calculation_details        ? 
_reflns.pdbx_Rrim_I_all                  ? 
_reflns.pdbx_Rpim_I_all                  ? 
_reflns.pdbx_d_opt                       ? 
_reflns.pdbx_number_measured_all         ? 
_reflns.pdbx_diffrn_id                   1 
_reflns.pdbx_ordinal                     1 
_reflns.pdbx_CC_half                     0.999 
_reflns.pdbx_R_split                     ? 
# 
_reflns_shell.d_res_high                  2.5 
_reflns_shell.d_res_low                   2.64 
_reflns_shell.meanI_over_sigI_all         ? 
_reflns_shell.meanI_over_sigI_obs         3.5 
_reflns_shell.number_measured_all         ? 
_reflns_shell.number_measured_obs         ? 
_reflns_shell.number_possible             ? 
_reflns_shell.number_unique_all           741 
_reflns_shell.number_unique_obs           ? 
_reflns_shell.percent_possible_all        99.9 
_reflns_shell.percent_possible_obs        ? 
_reflns_shell.Rmerge_F_all                ? 
_reflns_shell.Rmerge_F_obs                ? 
_reflns_shell.Rmerge_I_all                ? 
_reflns_shell.Rmerge_I_obs                0.681 
_reflns_shell.meanI_over_sigI_gt          ? 
_reflns_shell.meanI_over_uI_all           ? 
_reflns_shell.meanI_over_uI_gt            ? 
_reflns_shell.number_measured_gt          ? 
_reflns_shell.number_unique_gt            ? 
_reflns_shell.percent_possible_gt         ? 
_reflns_shell.Rmerge_F_gt                 ? 
_reflns_shell.Rmerge_I_gt                 ? 
_reflns_shell.pdbx_redundancy             13.0 
_reflns_shell.pdbx_Rsym_value             ? 
_reflns_shell.pdbx_chi_squared            ? 
_reflns_shell.pdbx_netI_over_sigmaI_all   ? 
_reflns_shell.pdbx_netI_over_sigmaI_obs   ? 
_reflns_shell.pdbx_Rrim_I_all             ? 
_reflns_shell.pdbx_Rpim_I_all             ? 
_reflns_shell.pdbx_rejects                ? 
_reflns_shell.pdbx_ordinal                1 
_reflns_shell.pdbx_diffrn_id              1 
_reflns_shell.pdbx_CC_half                0.984 
_reflns_shell.pdbx_R_split                ? 
# 
_refine.pdbx_refine_id                           'X-RAY DIFFRACTION' 
_refine.entry_id                                 5V35 
_refine.pdbx_diffrn_id                           1 
_refine.pdbx_TLS_residual_ADP_flag               ? 
_refine.ls_number_reflns_obs                     6393 
_refine.ls_number_reflns_all                     ? 
_refine.pdbx_ls_sigma_I                          ? 
_refine.pdbx_ls_sigma_F                          ? 
_refine.pdbx_data_cutoff_high_absF               ? 
_refine.pdbx_data_cutoff_low_absF                ? 
_refine.pdbx_data_cutoff_high_rms_absF           ? 
_refine.ls_d_res_low                             53.47 
_refine.ls_d_res_high                            2.50 
_refine.ls_percent_reflns_obs                    99.82 
_refine.ls_R_factor_obs                          0.21871 
_refine.ls_R_factor_all                          ? 
_refine.ls_R_factor_R_work                       0.21601 
_refine.ls_R_factor_R_free                       0.27242 
_refine.ls_R_factor_R_free_error                 ? 
_refine.ls_R_factor_R_free_error_details         ? 
_refine.ls_percent_reflns_R_free                 4.9 
_refine.ls_number_reflns_R_free                  331 
_refine.ls_number_parameters                     ? 
_refine.ls_number_restraints                     ? 
_refine.occupancy_min                            ? 
_refine.occupancy_max                            ? 
_refine.correlation_coeff_Fo_to_Fc               0.952 
_refine.correlation_coeff_Fo_to_Fc_free          0.938 
_refine.B_iso_mean                               76.432 
_refine.aniso_B[1][1]                            7.79 
_refine.aniso_B[2][2]                            1.19 
_refine.aniso_B[3][3]                            -8.99 
_refine.aniso_B[1][2]                            0.00 
_refine.aniso_B[1][3]                            -0.00 
_refine.aniso_B[2][3]                            0.00 
_refine.solvent_model_details                    MASK 
_refine.solvent_model_param_ksol                 ? 
_refine.solvent_model_param_bsol                 ? 
_refine.pdbx_solvent_vdw_probe_radii             1.20 
_refine.pdbx_solvent_ion_probe_radii             0.80 
_refine.pdbx_solvent_shrinkage_radii             0.80 
_refine.pdbx_ls_cross_valid_method               THROUGHOUT 
_refine.details                                  'HYDROGENS HAVE BEEN ADDED IN THE RIDING POSITIONS' 
_refine.pdbx_starting_model                      5U9A 
_refine.pdbx_method_to_determine_struct          'MOLECULAR REPLACEMENT' 
_refine.pdbx_isotropic_thermal_model             ? 
_refine.pdbx_stereochemistry_target_values       'MAXIMUM LIKELIHOOD' 
_refine.pdbx_stereochem_target_val_spec_case     ? 
_refine.pdbx_R_Free_selection_details            RANDOM 
_refine.pdbx_overall_ESU_R                       0.468 
_refine.pdbx_overall_ESU_R_Free                  0.299 
_refine.overall_SU_ML                            0.292 
_refine.pdbx_overall_phase_error                 ? 
_refine.overall_SU_B                             14.423 
_refine.overall_SU_R_Cruickshank_DPI             ? 
_refine.pdbx_overall_SU_R_free_Cruickshank_DPI   ? 
_refine.pdbx_overall_SU_R_Blow_DPI               ? 
_refine.pdbx_overall_SU_R_free_Blow_DPI          ? 
# 
_refine_hist.pdbx_refine_id                   'X-RAY DIFFRACTION' 
_refine_hist.cycle_id                         1 
_refine_hist.pdbx_number_atoms_protein        1174 
_refine_hist.pdbx_number_atoms_nucleic_acid   0 
_refine_hist.pdbx_number_atoms_ligand         15 
_refine_hist.number_atoms_solvent             0 
_refine_hist.number_atoms_total               1189 
_refine_hist.d_res_high                       2.50 
_refine_hist.d_res_low                        53.47 
# 
loop_
_refine_ls_restr.type 
_refine_ls_restr.dev_ideal 
_refine_ls_restr.dev_ideal_target 
_refine_ls_restr.weight 
_refine_ls_restr.number 
_refine_ls_restr.pdbx_refine_id 
_refine_ls_restr.pdbx_restraint_function 
r_bond_refined_d             0.014  0.019  ? 1219 'X-RAY DIFFRACTION' ? 
r_bond_other_d               0.002  0.020  ? 1091 'X-RAY DIFFRACTION' ? 
r_angle_refined_deg          1.729  1.937  ? 1661 'X-RAY DIFFRACTION' ? 
r_angle_other_deg            1.011  2.993  ? 2513 'X-RAY DIFFRACTION' ? 
r_dihedral_angle_1_deg       6.756  5.000  ? 151  'X-RAY DIFFRACTION' ? 
r_dihedral_angle_2_deg       32.885 24.074 ? 54   'X-RAY DIFFRACTION' ? 
r_dihedral_angle_3_deg       18.039 15.000 ? 181  'X-RAY DIFFRACTION' ? 
r_dihedral_angle_4_deg       12.946 15.000 ? 5    'X-RAY DIFFRACTION' ? 
r_chiral_restr               0.095  0.200  ? 188  'X-RAY DIFFRACTION' ? 
r_gen_planes_refined         0.007  0.021  ? 1370 'X-RAY DIFFRACTION' ? 
r_gen_planes_other           0.002  0.020  ? 253  'X-RAY DIFFRACTION' ? 
r_nbd_refined                ?      ?      ? ?    'X-RAY DIFFRACTION' ? 
r_nbd_other                  ?      ?      ? ?    'X-RAY DIFFRACTION' ? 
r_nbtor_refined              ?      ?      ? ?    'X-RAY DIFFRACTION' ? 
r_nbtor_other                ?      ?      ? ?    'X-RAY DIFFRACTION' ? 
r_xyhbond_nbd_refined        ?      ?      ? ?    'X-RAY DIFFRACTION' ? 
r_xyhbond_nbd_other          ?      ?      ? ?    'X-RAY DIFFRACTION' ? 
r_metal_ion_refined          ?      ?      ? ?    'X-RAY DIFFRACTION' ? 
r_metal_ion_other            ?      ?      ? ?    'X-RAY DIFFRACTION' ? 
r_symmetry_vdw_refined       ?      ?      ? ?    'X-RAY DIFFRACTION' ? 
r_symmetry_vdw_other         ?      ?      ? ?    'X-RAY DIFFRACTION' ? 
r_symmetry_hbond_refined     ?      ?      ? ?    'X-RAY DIFFRACTION' ? 
r_symmetry_hbond_other       ?      ?      ? ?    'X-RAY DIFFRACTION' ? 
r_symmetry_metal_ion_refined ?      ?      ? ?    'X-RAY DIFFRACTION' ? 
r_symmetry_metal_ion_other   ?      ?      ? ?    'X-RAY DIFFRACTION' ? 
r_mcbond_it                  6.369  7.952  ? 607  'X-RAY DIFFRACTION' ? 
r_mcbond_other               6.371  7.949  ? 606  'X-RAY DIFFRACTION' ? 
r_mcangle_it                 9.237  11.906 ? 757  'X-RAY DIFFRACTION' ? 
r_mcangle_other              9.231  11.909 ? 758  'X-RAY DIFFRACTION' ? 
r_scbond_it                  6.303  8.193  ? 612  'X-RAY DIFFRACTION' ? 
r_scbond_other               6.301  8.198  ? 613  'X-RAY DIFFRACTION' ? 
r_scangle_it                 ?      ?      ? ?    'X-RAY DIFFRACTION' ? 
r_scangle_other              9.439  12.197 ? 905  'X-RAY DIFFRACTION' ? 
r_long_range_B_refined       12.660 94.347 ? 1349 'X-RAY DIFFRACTION' ? 
r_long_range_B_other         12.656 94.366 ? 1350 'X-RAY DIFFRACTION' ? 
r_rigid_bond_restr           ?      ?      ? ?    'X-RAY DIFFRACTION' ? 
r_sphericity_free            ?      ?      ? ?    'X-RAY DIFFRACTION' ? 
r_sphericity_bonded          ?      ?      ? ?    'X-RAY DIFFRACTION' ? 
# 
_refine_ls_shell.pdbx_refine_id                   'X-RAY DIFFRACTION' 
_refine_ls_shell.pdbx_total_number_of_bins_used   20 
_refine_ls_shell.d_res_high                       2.500 
_refine_ls_shell.d_res_low                        2.565 
_refine_ls_shell.number_reflns_R_work             458 
_refine_ls_shell.R_factor_R_work                  0.392 
_refine_ls_shell.percent_reflns_obs               100.00 
_refine_ls_shell.R_factor_R_free                  0.267 
_refine_ls_shell.R_factor_R_free_error            ? 
_refine_ls_shell.percent_reflns_R_free            ? 
_refine_ls_shell.number_reflns_R_free             18 
_refine_ls_shell.number_reflns_all                ? 
_refine_ls_shell.R_factor_all                     ? 
_refine_ls_shell.R_factor_obs                     ? 
_refine_ls_shell.number_reflns_obs                ? 
# 
_struct.entry_id                     5V35 
_struct.title                        
;Crystal structure of V71F mutant of the FKBP domain of human aryl hydrocarbon receptor-interacting protein-like 1 (AIPL1) complexed with S-farnesyl-L-cysteine methyl ester
;
_struct.pdbx_model_details           ? 
_struct.pdbx_formula_weight          ? 
_struct.pdbx_formula_weight_method   ? 
_struct.pdbx_model_type_details      ? 
_struct.pdbx_CASP_flag               N 
# 
_struct_keywords.entry_id        5V35 
_struct_keywords.text            'AIPL1, FKBP, chaperone, PDE6, photoreceptor, LCA, isoprenyl, SIGNALING PROTEIN' 
_struct_keywords.pdbx_keywords   'SIGNALING PROTEIN' 
# 
loop_
_struct_asym.id 
_struct_asym.pdbx_blank_PDB_chainid_flag 
_struct_asym.pdbx_modified 
_struct_asym.entity_id 
_struct_asym.details 
A N N 1 ? 
B N N 2 ? 
# 
loop_
_struct_conf.conf_type_id 
_struct_conf.id 
_struct_conf.pdbx_PDB_helix_id 
_struct_conf.beg_label_comp_id 
_struct_conf.beg_label_asym_id 
_struct_conf.beg_label_seq_id 
_struct_conf.pdbx_beg_PDB_ins_code 
_struct_conf.end_label_comp_id 
_struct_conf.end_label_asym_id 
_struct_conf.end_label_seq_id 
_struct_conf.pdbx_end_PDB_ins_code 
_struct_conf.beg_auth_comp_id 
_struct_conf.beg_auth_asym_id 
_struct_conf.beg_auth_seq_id 
_struct_conf.end_auth_comp_id 
_struct_conf.end_auth_asym_id 
_struct_conf.end_auth_seq_id 
_struct_conf.pdbx_PDB_helix_class 
_struct_conf.details 
_struct_conf.pdbx_PDB_helix_length 
HELX_P HELX_P1 AA1 SER A 60  ? GLY A 64  ? SER A 52  GLY A 56  1 ? 5  
HELX_P HELX_P2 AA2 GLU A 78  ? THR A 85  ? GLU A 70  THR A 77  1 ? 8  
HELX_P HELX_P3 AA3 THR A 99  ? THR A 102 ? THR A 91  THR A 94  5 ? 4  
HELX_P HELX_P4 AA4 VAL A 104 ? GLN A 117 ? VAL A 96  GLN A 109 1 ? 14 
HELX_P HELX_P5 AA5 GLU A 123 ? HIS A 138 ? GLU A 115 HIS A 130 1 ? 16 
HELX_P HELX_P6 AA6 TYR A 142 ? LYS A 150 ? TYR A 134 LYS A 142 1 ? 9  
# 
_struct_conf_type.id          HELX_P 
_struct_conf_type.criteria    ? 
_struct_conf_type.reference   ? 
# 
loop_
_struct_sheet.id 
_struct_sheet.type 
_struct_sheet.number_strands 
_struct_sheet.details 
AA1 ? 5 ? 
AA2 ? 5 ? 
# 
loop_
_struct_sheet_order.sheet_id 
_struct_sheet_order.range_id_1 
_struct_sheet_order.range_id_2 
_struct_sheet_order.offset 
_struct_sheet_order.sense 
AA1 1 2 ? anti-parallel 
AA1 2 3 ? anti-parallel 
AA1 3 4 ? anti-parallel 
AA1 4 5 ? anti-parallel 
AA2 1 2 ? anti-parallel 
AA2 2 3 ? anti-parallel 
AA2 3 4 ? anti-parallel 
AA2 4 5 ? anti-parallel 
# 
loop_
_struct_sheet_range.sheet_id 
_struct_sheet_range.id 
_struct_sheet_range.beg_label_comp_id 
_struct_sheet_range.beg_label_asym_id 
_struct_sheet_range.beg_label_seq_id 
_struct_sheet_range.pdbx_beg_PDB_ins_code 
_struct_sheet_range.end_label_comp_id 
_struct_sheet_range.end_label_asym_id 
_struct_sheet_range.end_label_seq_id 
_struct_sheet_range.pdbx_end_PDB_ins_code 
_struct_sheet_range.beg_auth_comp_id 
_struct_sheet_range.beg_auth_asym_id 
_struct_sheet_range.beg_auth_seq_id 
_struct_sheet_range.end_auth_comp_id 
_struct_sheet_range.end_auth_asym_id 
_struct_sheet_range.end_auth_seq_id 
AA1 1 VAL A 20  ? HIS A 26  ? VAL A 12  HIS A 18  
AA1 2 VAL A 92  ? CYS A 97  ? VAL A 84  CYS A 89  
AA1 3 LEU A 155 ? ASP A 165 ? LEU A 147 ASP A 157 
AA1 4 ARG A 40  ? LYS A 49  ? ARG A 32  LYS A 41  
AA1 5 VAL A 56  ? ASP A 59  ? VAL A 48  ASP A 51  
AA2 1 VAL A 20  ? HIS A 26  ? VAL A 12  HIS A 18  
AA2 2 VAL A 92  ? CYS A 97  ? VAL A 84  CYS A 89  
AA2 3 LEU A 155 ? ASP A 165 ? LEU A 147 ASP A 157 
AA2 4 ARG A 40  ? LYS A 49  ? ARG A 32  LYS A 41  
AA2 5 MET A 67  ? ILE A 70  ? MET A 59  ILE A 62  
# 
loop_
_pdbx_struct_sheet_hbond.sheet_id 
_pdbx_struct_sheet_hbond.range_id_1 
_pdbx_struct_sheet_hbond.range_id_2 
_pdbx_struct_sheet_hbond.range_1_label_atom_id 
_pdbx_struct_sheet_hbond.range_1_label_comp_id 
_pdbx_struct_sheet_hbond.range_1_label_asym_id 
_pdbx_struct_sheet_hbond.range_1_label_seq_id 
_pdbx_struct_sheet_hbond.range_1_PDB_ins_code 
_pdbx_struct_sheet_hbond.range_1_auth_atom_id 
_pdbx_struct_sheet_hbond.range_1_auth_comp_id 
_pdbx_struct_sheet_hbond.range_1_auth_asym_id 
_pdbx_struct_sheet_hbond.range_1_auth_seq_id 
_pdbx_struct_sheet_hbond.range_2_label_atom_id 
_pdbx_struct_sheet_hbond.range_2_label_comp_id 
_pdbx_struct_sheet_hbond.range_2_label_asym_id 
_pdbx_struct_sheet_hbond.range_2_label_seq_id 
_pdbx_struct_sheet_hbond.range_2_PDB_ins_code 
_pdbx_struct_sheet_hbond.range_2_auth_atom_id 
_pdbx_struct_sheet_hbond.range_2_auth_comp_id 
_pdbx_struct_sheet_hbond.range_2_auth_asym_id 
_pdbx_struct_sheet_hbond.range_2_auth_seq_id 
AA1 1 2 N LYS A 21  ? N LYS A 13  O TRP A 96  ? O TRP A 88  
AA1 2 3 N PHE A 95  ? N PHE A 87  O PHE A 157 ? O PHE A 149 
AA1 3 4 O VAL A 156 ? O VAL A 148 N MET A 48  ? N MET A 40  
AA1 4 5 N THR A 47  ? N THR A 39  O ILE A 57  ? O ILE A 49  
AA2 1 2 N LYS A 21  ? N LYS A 13  O TRP A 96  ? O TRP A 88  
AA2 2 3 N PHE A 95  ? N PHE A 87  O PHE A 157 ? O PHE A 149 
AA2 3 4 O VAL A 156 ? O VAL A 148 N MET A 48  ? N MET A 40  
AA2 4 5 N VAL A 41  ? N VAL A 33  O ILE A 69  ? O ILE A 61  
# 
_struct_site.id                   AC1 
_struct_site.pdbx_evidence_code   Software 
_struct_site.pdbx_auth_asym_id    A 
_struct_site.pdbx_auth_comp_id    FAR 
_struct_site.pdbx_auth_seq_id     201 
_struct_site.pdbx_auth_ins_code   ? 
_struct_site.pdbx_num_residues    6 
_struct_site.details              'binding site for residue FAR A 201' 
# 
loop_
_struct_site_gen.id 
_struct_site_gen.site_id 
_struct_site_gen.pdbx_num_res 
_struct_site_gen.label_comp_id 
_struct_site_gen.label_asym_id 
_struct_site_gen.label_seq_id 
_struct_site_gen.pdbx_auth_ins_code 
_struct_site_gen.auth_comp_id 
_struct_site_gen.auth_asym_id 
_struct_site_gen.auth_seq_id 
_struct_site_gen.label_atom_id 
_struct_site_gen.label_alt_id 
_struct_site_gen.symmetry 
_struct_site_gen.details 
1 AC1 6 PHE A 45  ? PHE A 37  . ? 1_555 ? 
2 AC1 6 MET A 67  ? MET A 59  . ? 1_555 ? 
3 AC1 6 TRP A 80  ? TRP A 72  . ? 1_555 ? 
4 AC1 6 LEU A 108 ? LEU A 100 . ? 1_555 ? 
5 AC1 6 LEU A 112 ? LEU A 104 . ? 1_555 ? 
6 AC1 6 PHE A 157 ? PHE A 149 . ? 1_555 ? 
# 
_atom_sites.entry_id                    5V35 
_atom_sites.fract_transf_matrix[1][1]   0.01334838 
_atom_sites.fract_transf_matrix[1][2]   -0.01325752 
_atom_sites.fract_transf_matrix[1][3]   -0.00025142 
_atom_sites.fract_transf_matrix[2][1]   0.00927940 
_atom_sites.fract_transf_matrix[2][2]   0.00948601 
_atom_sites.fract_transf_matrix[2][3]   -0.00754106 
_atom_sites.fract_transf_matrix[3][1]   0.00333273 
_atom_sites.fract_transf_matrix[3][2]   0.00320143 
_atom_sites.fract_transf_matrix[3][3]   0.00812811 
_atom_sites.fract_transf_vector[1]      -0.012881 
_atom_sites.fract_transf_vector[2]      0.189259 
_atom_sites.fract_transf_vector[3]      0.113192 
# 
loop_
_atom_type.symbol 
C 
H 
N 
O 
S 
# 
loop_
_atom_site.group_PDB 
_atom_site.id 
_atom_site.type_symbol 
_atom_site.label_atom_id 
_atom_site.label_alt_id 
_atom_site.label_comp_id 
_atom_site.label_asym_id 
_atom_site.label_entity_id 
_atom_site.label_seq_id 
_atom_site.pdbx_PDB_ins_code 
_atom_site.Cartn_x 
_atom_site.Cartn_y 
_atom_site.Cartn_z 
_atom_site.occupancy 
_atom_site.B_iso_or_equiv 
_atom_site.pdbx_formal_charge 
_atom_site.auth_seq_id 
_atom_site.auth_comp_id 
_atom_site.auth_asym_id 
_atom_site.auth_atom_id 
_atom_site.pdbx_PDB_model_num 
ATOM   1    N N   . ASN A 1 16  ? 10.087  10.934  -10.920 1.00 127.22 ?  8   ASN A N   1 
ATOM   2    C CA  . ASN A 1 16  ? 10.240  9.970   -12.002 1.00 140.14 ?  8   ASN A CA  1 
ATOM   3    C C   . ASN A 1 16  ? 8.957   9.795   -12.806 1.00 143.96 ?  8   ASN A C   1 
ATOM   4    O O   . ASN A 1 16  ? 8.987   9.711   -14.034 1.00 131.98 ?  8   ASN A O   1 
ATOM   5    C CB  . ASN A 1 16  ? 10.706  8.619   -11.455 1.00 133.43 ?  8   ASN A CB  1 
ATOM   6    C CG  . ASN A 1 16  ? 11.723  8.761   -10.340 1.00 122.99 ?  8   ASN A CG  1 
ATOM   7    O OD1 . ASN A 1 16  ? 11.440  9.354   -9.297  1.00 102.54 ?  8   ASN A OD1 1 
ATOM   8    N ND2 . ASN A 1 16  ? 12.916  8.219   -10.554 1.00 109.68 ?  8   ASN A ND2 1 
ATOM   9    N N   . VAL A 1 17  ? 7.828   9.741   -12.105 1.00 138.89 ?  9   VAL A N   1 
ATOM   10   C CA  . VAL A 1 17  ? 6.531   9.576   -12.751 1.00 124.69 ?  9   VAL A CA  1 
ATOM   11   C C   . VAL A 1 17  ? 5.632   10.781  -12.497 1.00 111.65 ?  9   VAL A C   1 
ATOM   12   O O   . VAL A 1 17  ? 5.847   11.540  -11.553 1.00 113.34 ?  9   VAL A O   1 
ATOM   13   C CB  . VAL A 1 17  ? 5.817   8.301   -12.264 1.00 132.46 ?  9   VAL A CB  1 
ATOM   14   C CG1 . VAL A 1 17  ? 4.780   7.853   -13.284 1.00 133.57 ?  9   VAL A CG1 1 
ATOM   15   C CG2 . VAL A 1 17  ? 6.827   7.196   -11.999 1.00 130.99 ?  9   VAL A CG2 1 
ATOM   16   N N   . GLU A 1 18  ? 4.623   10.949  -13.347 1.00 114.44 ?  10  GLU A N   1 
ATOM   17   C CA  . GLU A 1 18  ? 3.689   12.061  -13.217 1.00 109.87 ?  10  GLU A CA  1 
ATOM   18   C C   . GLU A 1 18  ? 2.848   11.929  -11.951 1.00 98.92  ?  10  GLU A C   1 
ATOM   19   O O   . GLU A 1 18  ? 2.516   10.822  -11.527 1.00 94.11  ?  10  GLU A O   1 
ATOM   20   C CB  . GLU A 1 18  ? 2.781   12.145  -14.446 1.00 112.83 ?  10  GLU A CB  1 
ATOM   21   C CG  . GLU A 1 18  ? 3.530   12.221  -15.766 1.00 124.00 ?  10  GLU A CG  1 
ATOM   22   C CD  . GLU A 1 18  ? 3.826   13.648  -16.186 1.00 131.24 ?  10  GLU A CD  1 
ATOM   23   O OE1 . GLU A 1 18  ? 3.043   14.551  -15.821 1.00 137.76 ?  10  GLU A OE1 1 
ATOM   24   O OE2 . GLU A 1 18  ? 4.840   13.866  -16.881 1.00 125.50 -1 10  GLU A OE2 1 
ATOM   25   N N   . GLY A 1 19  ? 2.506   13.066  -11.354 1.00 97.73  ?  11  GLY A N   1 
ATOM   26   C CA  . GLY A 1 19  ? 1.707   13.080  -10.143 1.00 90.70  ?  11  GLY A CA  1 
ATOM   27   C C   . GLY A 1 19  ? 2.281   12.191  -9.057  1.00 95.83  ?  11  GLY A C   1 
ATOM   28   O O   . GLY A 1 19  ? 1.556   11.430  -8.417  1.00 88.95  ?  11  GLY A O   1 
ATOM   29   N N   . VAL A 1 20  ? 3.590   12.288  -8.851  1.00 93.48  ?  12  VAL A N   1 
ATOM   30   C CA  . VAL A 1 20  ? 4.267   11.488  -7.837  1.00 91.73  ?  12  VAL A CA  1 
ATOM   31   C C   . VAL A 1 20  ? 5.576   12.140  -7.404  1.00 90.91  ?  12  VAL A C   1 
ATOM   32   O O   . VAL A 1 20  ? 6.543   12.179  -8.164  1.00 107.87 ?  12  VAL A O   1 
ATOM   33   C CB  . VAL A 1 20  ? 4.558   10.063  -8.343  1.00 88.08  ?  12  VAL A CB  1 
ATOM   34   C CG1 . VAL A 1 20  ? 5.350   9.283   -7.306  1.00 83.71  ?  12  VAL A CG1 1 
ATOM   35   C CG2 . VAL A 1 20  ? 3.261   9.346   -8.683  1.00 86.52  ?  12  VAL A CG2 1 
ATOM   36   N N   . LYS A 1 21  ? 5.600   12.650  -6.177  1.00 90.18  ?  13  LYS A N   1 
ATOM   37   C CA  . LYS A 1 21  ? 6.800   13.306  -5.635  1.00 86.71  ?  13  LYS A CA  1 
ATOM   38   C C   . LYS A 1 21  ? 7.381   12.386  -4.548  1.00 87.02  ?  13  LYS A C   1 
ATOM   39   O O   . LYS A 1 21  ? 6.705   12.103  -3.529  1.00 78.30  ?  13  LYS A O   1 
ATOM   40   C CB  . LYS A 1 21  ? 6.466   14.685  -5.040  1.00 84.54  ?  13  LYS A CB  1 
ATOM   41   N N   . LYS A 1 22  ? 8.604   11.894  -4.797  1.00 74.28  ?  14  LYS A N   1 
ATOM   42   C CA  . LYS A 1 22  ? 9.363   11.104  -3.818  1.00 69.85  ?  14  LYS A CA  1 
ATOM   43   C C   . LYS A 1 22  ? 10.412  11.963  -3.086  1.00 76.74  ?  14  LYS A C   1 
ATOM   44   O O   . LYS A 1 22  ? 10.994  12.876  -3.677  1.00 87.20  ?  14  LYS A O   1 
ATOM   45   C CB  . LYS A 1 22  ? 10.065  9.928   -4.500  1.00 59.78  ?  14  LYS A CB  1 
ATOM   46   C CG  . LYS A 1 22  ? 11.043  9.214   -3.564  1.00 59.47  ?  14  LYS A CG  1 
ATOM   47   C CD  . LYS A 1 22  ? 11.590  7.929   -4.124  1.00 55.51  ?  14  LYS A CD  1 
ATOM   48   C CE  . LYS A 1 22  ? 12.394  7.226   -3.066  1.00 57.81  ?  14  LYS A CE  1 
ATOM   49   N NZ  . LYS A 1 22  ? 13.024  5.973   -3.560  1.00 62.90  ?  14  LYS A NZ  1 
ATOM   50   N N   . THR A 1 23  ? 10.653  11.646  -1.812  1.00 76.30  ?  15  THR A N   1 
ATOM   51   C CA  . THR A 1 23  ? 11.637  12.334  -0.973  1.00 70.31  ?  15  THR A CA  1 
ATOM   52   C C   . THR A 1 23  ? 12.258  11.317  -0.038  1.00 70.15  ?  15  THR A C   1 
ATOM   53   O O   . THR A 1 23  ? 11.568  10.752  0.769   1.00 66.28  ?  15  THR A O   1 
ATOM   54   C CB  . THR A 1 23  ? 10.959  13.417  -0.125  1.00 76.46  ?  15  THR A CB  1 
ATOM   55   O OG1 . THR A 1 23  ? 9.945   12.824  0.712   1.00 91.85  ?  15  THR A OG1 1 
ATOM   56   C CG2 . THR A 1 23  ? 10.339  14.453  -1.016  1.00 82.70  ?  15  THR A CG2 1 
ATOM   57   N N   . ILE A 1 24  ? 13.551  11.053  -0.153  1.00 75.95  ?  16  ILE A N   1 
ATOM   58   C CA  . ILE A 1 24  ? 14.205  10.106  0.756   1.00 76.35  ?  16  ILE A CA  1 
ATOM   59   C C   . ILE A 1 24  ? 14.351  10.705  2.153   1.00 79.96  ?  16  ILE A C   1 
ATOM   60   O O   . ILE A 1 24  ? 14.619  11.872  2.306   1.00 92.36  ?  16  ILE A O   1 
ATOM   61   C CB  . ILE A 1 24  ? 15.565  9.665   0.209   1.00 80.66  ?  16  ILE A CB  1 
ATOM   62   C CG1 . ILE A 1 24  ? 15.308  9.019   -1.168  1.00 88.23  ?  16  ILE A CG1 1 
ATOM   63   C CG2 . ILE A 1 24  ? 16.290  8.739   1.202   1.00 79.34  ?  16  ILE A CG2 1 
ATOM   64   C CD1 . ILE A 1 24  ? 16.446  8.211   -1.746  1.00 94.82  ?  16  ILE A CD1 1 
ATOM   65   N N   . LEU A 1 25  ? 14.138  9.888   3.168   1.00 85.31  ?  17  LEU A N   1 
ATOM   66   C CA  . LEU A 1 25  ? 14.249  10.306  4.566   1.00 82.50  ?  17  LEU A CA  1 
ATOM   67   C C   . LEU A 1 25  ? 15.443  9.686   5.274   1.00 81.59  ?  17  LEU A C   1 
ATOM   68   O O   . LEU A 1 25  ? 16.055  10.319  6.121   1.00 100.23 ?  17  LEU A O   1 
ATOM   69   C CB  . LEU A 1 25  ? 12.976  9.906   5.316   1.00 81.30  ?  17  LEU A CB  1 
ATOM   70   C CG  . LEU A 1 25  ? 11.679  10.569  4.863   1.00 74.25  ?  17  LEU A CG  1 
ATOM   71   C CD1 . LEU A 1 25  ? 10.621  10.248  5.873   1.00 73.50  ?  17  LEU A CD1 1 
ATOM   72   C CD2 . LEU A 1 25  ? 11.808  12.082  4.745   1.00 78.84  ?  17  LEU A CD2 1 
ATOM   73   N N   . HIS A 1 26  ? 15.734  8.431   4.974   1.00 73.71  ?  18  HIS A N   1 
ATOM   74   C CA  . HIS A 1 26  ? 16.912  7.788   5.481   1.00 68.99  ?  18  HIS A CA  1 
ATOM   75   C C   . HIS A 1 26  ? 17.350  6.752   4.465   1.00 75.45  ?  18  HIS A C   1 
ATOM   76   O O   . HIS A 1 26  ? 16.774  5.669   4.402   1.00 75.34  ?  18  HIS A O   1 
ATOM   77   C CB  . HIS A 1 26  ? 16.614  7.195   6.837   1.00 67.34  ?  18  HIS A CB  1 
ATOM   78   C CG  . HIS A 1 26  ? 17.574  6.143   7.293   1.00 64.08  ?  18  HIS A CG  1 
ATOM   79   N ND1 . HIS A 1 26  ? 18.763  6.441   7.915   1.00 67.64  ?  18  HIS A ND1 1 
ATOM   80   C CD2 . HIS A 1 26  ? 17.473  4.794   7.306   1.00 67.63  ?  18  HIS A CD2 1 
ATOM   81   C CE1 . HIS A 1 26  ? 19.376  5.319   8.255   1.00 70.74  ?  18  HIS A CE1 1 
ATOM   82   N NE2 . HIS A 1 26  ? 18.620  4.302   7.885   1.00 69.84  ?  18  HIS A NE2 1 
ATOM   83   N N   . GLY A 1 27  ? 18.356  7.145   3.664   1.00 81.86  ?  19  GLY A N   1 
ATOM   84   C CA  . GLY A 1 27  ? 19.046  6.321   2.664   1.00 69.72  ?  19  GLY A CA  1 
ATOM   85   C C   . GLY A 1 27  ? 19.494  5.030   3.276   1.00 70.60  ?  19  GLY A C   1 
ATOM   86   O O   . GLY A 1 27  ? 19.875  4.996   4.433   1.00 83.57  ?  19  GLY A O   1 
ATOM   87   N N   . GLY A 1 28  ? 19.408  3.951   2.520   1.00 73.42  ?  20  GLY A N   1 
ATOM   88   C CA  . GLY A 1 28  ? 19.694  2.648   3.068   1.00 82.51  ?  20  GLY A CA  1 
ATOM   89   C C   . GLY A 1 28  ? 21.026  2.188   2.552   1.00 99.73  ?  20  GLY A C   1 
ATOM   90   O O   . GLY A 1 28  ? 21.617  2.836   1.677   1.00 95.76  ?  20  GLY A O   1 
ATOM   91   N N   . THR A 1 29  ? 21.494  1.066   3.087   1.00 110.10 ?  21  THR A N   1 
ATOM   92   C CA  . THR A 1 29  ? 22.744  0.471   2.621   1.00 126.30 ?  21  THR A CA  1 
ATOM   93   C C   . THR A 1 29  ? 22.577  -0.111  1.194   1.00 132.52 ?  21  THR A C   1 
ATOM   94   O O   . THR A 1 29  ? 21.459  -0.455  0.761   1.00 121.78 ?  21  THR A O   1 
ATOM   95   C CB  . THR A 1 29  ? 23.309  -0.594  3.609   1.00 130.47 ?  21  THR A CB  1 
ATOM   96   O OG1 . THR A 1 29  ? 22.413  -1.706  3.714   1.00 133.18 ?  21  THR A OG1 1 
ATOM   97   C CG2 . THR A 1 29  ? 23.561  0.008   5.006   1.00 121.77 ?  21  THR A CG2 1 
ATOM   98   N N   . GLY A 1 30  ? 23.697  -0.162  0.467   1.00 123.62 ?  22  GLY A N   1 
ATOM   99   C CA  . GLY A 1 30  ? 23.752  -0.704  -0.877  1.00 111.09 ?  22  GLY A CA  1 
ATOM   100  C C   . GLY A 1 30  ? 23.007  0.127   -1.903  1.00 121.20 ?  22  GLY A C   1 
ATOM   101  O O   . GLY A 1 30  ? 22.396  1.163   -1.571  1.00 101.56 ?  22  GLY A O   1 
ATOM   102  N N   . GLU A 1 31  ? 23.077  -0.363  -3.149  1.00 129.19 ?  23  GLU A N   1 
ATOM   103  C CA  . GLU A 1 31  ? 22.357  0.175   -4.316  1.00 126.78 ?  23  GLU A CA  1 
ATOM   104  C C   . GLU A 1 31  ? 21.126  -0.697  -4.624  1.00 126.14 ?  23  GLU A C   1 
ATOM   105  O O   . GLU A 1 31  ? 21.033  -1.827  -4.122  1.00 108.65 ?  23  GLU A O   1 
ATOM   106  C CB  . GLU A 1 31  ? 23.302  0.210   -5.532  1.00 128.71 ?  23  GLU A CB  1 
ATOM   107  C CG  . GLU A 1 31  ? 23.156  -0.911  -6.595  1.00 132.75 ?  23  GLU A CG  1 
ATOM   108  C CD  . GLU A 1 31  ? 23.472  -2.322  -6.120  1.00 128.36 ?  23  GLU A CD  1 
ATOM   109  O OE1 . GLU A 1 31  ? 23.804  -2.485  -4.921  1.00 124.40 ?  23  GLU A OE1 1 
ATOM   110  O OE2 . GLU A 1 31  ? 23.378  -3.261  -6.967  1.00 103.86 -1 23  GLU A OE2 1 
ATOM   111  N N   . LEU A 1 32  ? 20.235  -0.211  -5.466  1.00 119.55 ?  24  LEU A N   1 
ATOM   112  C CA  . LEU A 1 32  ? 19.049  -0.954  -5.821  1.00 112.99 ?  24  LEU A CA  1 
ATOM   113  C C   . LEU A 1 32  ? 19.263  -2.434  -5.779  1.00 106.62 ?  24  LEU A C   1 
ATOM   114  O O   . LEU A 1 32  ? 20.250  -2.918  -6.286  1.00 109.27 ?  24  LEU A O   1 
ATOM   115  C CB  . LEU A 1 32  ? 18.611  -0.589  -7.222  1.00 115.98 ?  24  LEU A CB  1 
ATOM   116  C CG  . LEU A 1 32  ? 17.208  -0.017  -7.239  1.00 121.92 ?  24  LEU A CG  1 
ATOM   117  C CD1 . LEU A 1 32  ? 17.196  1.287   -6.474  1.00 117.48 ?  24  LEU A CD1 1 
ATOM   118  C CD2 . LEU A 1 32  ? 16.706  0.185   -8.657  1.00 117.75 ?  24  LEU A CD2 1 
ATOM   119  N N   . PRO A 1 33  ? 18.277  -3.163  -5.129  1.00 100.39 ?  25  PRO A N   1 
ATOM   120  C CA  . PRO A 1 33  ? 18.485  -4.608  -5.148  1.00 94.77  ?  25  PRO A CA  1 
ATOM   121  C C   . PRO A 1 33  ? 17.882  -5.221  -6.394  1.00 88.74  ?  25  PRO A C   1 
ATOM   122  O O   . PRO A 1 33  ? 17.505  -4.508  -7.303  1.00 69.98  ?  25  PRO A O   1 
ATOM   123  C CB  . PRO A 1 33  ? 17.740  -5.086  -3.922  1.00 98.26  ?  25  PRO A CB  1 
ATOM   124  C CG  . PRO A 1 33  ? 16.553  -4.236  -3.899  1.00 99.31  ?  25  PRO A CG  1 
ATOM   125  C CD  . PRO A 1 33  ? 17.084  -2.885  -4.210  1.00 101.99 ?  25  PRO A CD  1 
ATOM   126  N N   . ASN A 1 34  ? 17.803  -6.541  -6.412  1.00 82.17  ?  26  ASN A N   1 
ATOM   127  C CA  . ASN A 1 34  ? 17.301  -7.297  -7.540  1.00 84.90  ?  26  ASN A CA  1 
ATOM   128  C C   . ASN A 1 34  ? 15.783  -7.480  -7.407  1.00 87.84  ?  26  ASN A C   1 
ATOM   129  O O   . ASN A 1 34  ? 15.303  -8.467  -6.841  1.00 83.41  ?  26  ASN A O   1 
ATOM   130  C CB  . ASN A 1 34  ? 18.025  -8.646  -7.620  1.00 85.73  ?  26  ASN A CB  1 
ATOM   131  C CG  . ASN A 1 34  ? 17.604  -9.464  -8.821  1.00 93.01  ?  26  ASN A CG  1 
ATOM   132  O OD1 . ASN A 1 34  ? 17.233  -8.925  -9.866  1.00 102.87 ?  26  ASN A OD1 1 
ATOM   133  N ND2 . ASN A 1 34  ? 17.644  -10.779 -8.674  1.00 99.41  ?  26  ASN A ND2 1 
ATOM   134  N N   . PHE A 1 35  ? 15.038  -6.510  -7.937  1.00 87.78  ?  27  PHE A N   1 
ATOM   135  C CA  . PHE A 1 35  ? 13.579  -6.575  -8.003  1.00 80.07  ?  27  PHE A CA  1 
ATOM   136  C C   . PHE A 1 35  ? 13.170  -7.385  -9.232  1.00 78.81  ?  27  PHE A C   1 
ATOM   137  O O   . PHE A 1 35  ? 12.503  -6.857  -10.146 1.00 63.40  ?  27  PHE A O   1 
ATOM   138  C CB  . PHE A 1 35  ? 12.953  -5.165  -8.070  1.00 76.94  ?  27  PHE A CB  1 
ATOM   139  C CG  . PHE A 1 35  ? 13.135  -4.341  -6.823  1.00 70.16  ?  27  PHE A CG  1 
ATOM   140  C CD1 . PHE A 1 35  ? 12.519  -4.709  -5.654  1.00 67.00  ?  27  PHE A CD1 1 
ATOM   141  C CD2 . PHE A 1 35  ? 13.884  -3.176  -6.841  1.00 65.44  ?  27  PHE A CD2 1 
ATOM   142  C CE1 . PHE A 1 35  ? 12.668  -3.951  -4.510  1.00 69.06  ?  27  PHE A CE1 1 
ATOM   143  C CE2 . PHE A 1 35  ? 14.024  -2.404  -5.713  1.00 70.09  ?  27  PHE A CE2 1 
ATOM   144  C CZ  . PHE A 1 35  ? 13.406  -2.786  -4.540  1.00 72.37  ?  27  PHE A CZ  1 
ATOM   145  N N   . ILE A 1 36  ? 13.552  -8.669  -9.248  1.00 80.09  ?  28  ILE A N   1 
ATOM   146  C CA  . ILE A 1 36  ? 13.198  -9.564  -10.356 1.00 85.51  ?  28  ILE A CA  1 
ATOM   147  C C   . ILE A 1 36  ? 11.819  -10.174 -10.093 1.00 89.16  ?  28  ILE A C   1 
ATOM   148  O O   . ILE A 1 36  ? 11.438  -10.382 -8.937  1.00 103.23 ?  28  ILE A O   1 
ATOM   149  C CB  . ILE A 1 36  ? 14.303  -10.638 -10.646 1.00 89.08  ?  28  ILE A CB  1 
ATOM   150  C CG1 . ILE A 1 36  ? 14.331  -10.966 -12.148 1.00 104.84 ?  28  ILE A CG1 1 
ATOM   151  C CG2 . ILE A 1 36  ? 14.148  -11.928 -9.826  1.00 78.72  ?  28  ILE A CG2 1 
ATOM   152  C CD1 . ILE A 1 36  ? 15.627  -11.584 -12.624 1.00 116.20 ?  28  ILE A CD1 1 
ATOM   153  N N   . THR A 1 37  ? 11.081  -10.439 -11.170 1.00 89.26  ?  29  THR A N   1 
ATOM   154  C CA  . THR A 1 37  ? 9.754   -11.058 -11.113 1.00 87.94  ?  29  THR A CA  1 
ATOM   155  C C   . THR A 1 37  ? 9.687   -12.275 -10.179 1.00 90.16  ?  29  THR A C   1 
ATOM   156  O O   . THR A 1 37  ? 10.543  -13.165 -10.257 1.00 82.79  ?  29  THR A O   1 
ATOM   157  C CB  . THR A 1 37  ? 9.296   -11.443 -12.529 1.00 87.62  ?  29  THR A CB  1 
ATOM   158  O OG1 . THR A 1 37  ? 8.998   -10.243 -13.253 1.00 86.40  ?  29  THR A OG1 1 
ATOM   159  C CG2 . THR A 1 37  ? 8.062   -12.335 -12.508 1.00 88.43  ?  29  THR A CG2 1 
ATOM   160  N N   . GLY A 1 38  ? 8.678   -12.277 -9.292  1.00 89.13  ?  30  GLY A N   1 
ATOM   161  C CA  . GLY A 1 38  ? 8.508   -13.320 -8.259  1.00 92.82  ?  30  GLY A CA  1 
ATOM   162  C C   . GLY A 1 38  ? 9.243   -13.089 -6.932  1.00 94.80  ?  30  GLY A C   1 
ATOM   163  O O   . GLY A 1 38  ? 9.081   -13.871 -5.971  1.00 89.71  ?  30  GLY A O   1 
ATOM   164  N N   . SER A 1 39  ? 10.056  -12.033 -6.862  1.00 90.98  ?  31  SER A N   1 
ATOM   165  C CA  . SER A 1 39  ? 10.627  -11.608 -5.588  1.00 92.94  ?  31  SER A CA  1 
ATOM   166  C C   . SER A 1 39  ? 9.506   -11.223 -4.616  1.00 95.36  ?  31  SER A C   1 
ATOM   167  O O   . SER A 1 39  ? 8.457   -10.719 -5.059  1.00 79.35  ?  31  SER A O   1 
ATOM   168  C CB  . SER A 1 39  ? 11.569  -10.418 -5.773  1.00 94.42  ?  31  SER A CB  1 
ATOM   169  O OG  . SER A 1 39  ? 12.747  -10.796 -6.463  1.00 96.30  ?  31  SER A OG  1 
ATOM   170  N N   . ARG A 1 40  ? 9.723   -11.511 -3.323  1.00 91.14  ?  32  ARG A N   1 
ATOM   171  C CA  . ARG A 1 40  ? 8.882   -11.014 -2.225  1.00 91.65  ?  32  ARG A CA  1 
ATOM   172  C C   . ARG A 1 40  ? 9.557   -9.784  -1.584  1.00 86.82  ?  32  ARG A C   1 
ATOM   173  O O   . ARG A 1 40  ? 10.717  -9.848  -1.158  1.00 79.81  ?  32  ARG A O   1 
ATOM   174  C CB  . ARG A 1 40  ? 8.616   -12.104 -1.171  1.00 92.02  ?  32  ARG A CB  1 
ATOM   175  N N   . VAL A 1 41  ? 8.832   -8.665  -1.524  1.00 85.37  ?  33  VAL A N   1 
ATOM   176  C CA  . VAL A 1 41  ? 9.342   -7.390  -0.961  1.00 74.10  ?  33  VAL A CA  1 
ATOM   177  C C   . VAL A 1 41  ? 8.652   -7.171  0.393   1.00 79.02  ?  33  VAL A C   1 
ATOM   178  O O   . VAL A 1 41  ? 7.411   -7.200  0.486   1.00 75.58  ?  33  VAL A O   1 
ATOM   179  C CB  . VAL A 1 41  ? 9.010   -6.213  -1.886  1.00 71.18  ?  33  VAL A CB  1 
ATOM   180  C CG1 . VAL A 1 41  ? 9.776   -4.967  -1.492  1.00 71.99  ?  33  VAL A CG1 1 
ATOM   181  C CG2 . VAL A 1 41  ? 9.286   -6.588  -3.335  1.00 68.50  ?  33  VAL A CG2 1 
ATOM   182  N N   . ILE A 1 42  ? 9.463   -6.961  1.430   1.00 76.08  ?  34  ILE A N   1 
ATOM   183  C CA  . ILE A 1 42  ? 8.993   -6.895  2.809   1.00 67.31  ?  34  ILE A CA  1 
ATOM   184  C C   . ILE A 1 42  ? 9.207   -5.476  3.288   1.00 65.35  ?  34  ILE A C   1 
ATOM   185  O O   . ILE A 1 42  ? 10.297  -4.936  3.146   1.00 69.57  ?  34  ILE A O   1 
ATOM   186  C CB  . ILE A 1 42  ? 9.721   -7.932  3.680   1.00 67.52  ?  34  ILE A CB  1 
ATOM   187  C CG1 . ILE A 1 42  ? 9.281   -9.339  3.249   1.00 76.61  ?  34  ILE A CG1 1 
ATOM   188  C CG2 . ILE A 1 42  ? 9.383   -7.747  5.152   1.00 67.88  ?  34  ILE A CG2 1 
ATOM   189  C CD1 . ILE A 1 42  ? 10.227  -10.447 3.654   1.00 84.59  ?  34  ILE A CD1 1 
ATOM   190  N N   . PHE A 1 43  ? 8.170   -4.850  3.835   1.00 67.44  ?  35  PHE A N   1 
ATOM   191  C CA  . PHE A 1 43  ? 8.251   -3.414  4.150   1.00 66.26  ?  35  PHE A CA  1 
ATOM   192  C C   . PHE A 1 43  ? 7.236   -2.982  5.193   1.00 64.11  ?  35  PHE A C   1 
ATOM   193  O O   . PHE A 1 43  ? 6.376   -3.757  5.591   1.00 74.83  ?  35  PHE A O   1 
ATOM   194  C CB  . PHE A 1 43  ? 8.057   -2.580  2.873   1.00 66.64  ?  35  PHE A CB  1 
ATOM   195  C CG  . PHE A 1 43  ? 6.712   -2.785  2.210   1.00 59.83  ?  35  PHE A CG  1 
ATOM   196  C CD1 . PHE A 1 43  ? 6.426   -3.965  1.539   1.00 63.44  ?  35  PHE A CD1 1 
ATOM   197  C CD2 . PHE A 1 43  ? 5.751   -1.807  2.259   1.00 54.86  ?  35  PHE A CD2 1 
ATOM   198  C CE1 . PHE A 1 43  ? 5.201   -4.166  0.952   1.00 58.41  ?  35  PHE A CE1 1 
ATOM   199  C CE2 . PHE A 1 43  ? 4.541   -1.991  1.662   1.00 54.09  ?  35  PHE A CE2 1 
ATOM   200  C CZ  . PHE A 1 43  ? 4.264   -3.172  1.003   1.00 56.66  ?  35  PHE A CZ  1 
ATOM   201  N N   . HIS A 1 44  ? 7.366   -1.732  5.616   1.00 54.87  ?  36  HIS A N   1 
ATOM   202  C CA  . HIS A 1 44  ? 6.426   -1.075  6.487   1.00 51.95  ?  36  HIS A CA  1 
ATOM   203  C C   . HIS A 1 44  ? 5.965   0.162   5.752   1.00 56.40  ?  36  HIS A C   1 
ATOM   204  O O   . HIS A 1 44  ? 6.736   0.818   5.028   1.00 56.99  ?  36  HIS A O   1 
ATOM   205  C CB  . HIS A 1 44  ? 7.059   -0.668  7.830   1.00 53.47  ?  36  HIS A CB  1 
ATOM   206  C CG  . HIS A 1 44  ? 6.951   -1.716  8.902   1.00 55.75  ?  36  HIS A CG  1 
ATOM   207  N ND1 . HIS A 1 44  ? 5.759   -2.307  9.251   1.00 67.36  ?  36  HIS A ND1 1 
ATOM   208  C CD2 . HIS A 1 44  ? 7.878   -2.238  9.733   1.00 56.75  ?  36  HIS A CD2 1 
ATOM   209  C CE1 . HIS A 1 44  ? 5.960   -3.173  10.225  1.00 65.89  ?  36  HIS A CE1 1 
ATOM   210  N NE2 . HIS A 1 44  ? 7.241   -3.154  10.532  1.00 60.58  ?  36  HIS A NE2 1 
ATOM   211  N N   . PHE A 1 45  ? 4.689   0.477   5.936   1.00 54.17  ?  37  PHE A N   1 
ATOM   212  C CA  . PHE A 1 45  ? 4.137   1.655   5.376   1.00 49.23  ?  37  PHE A CA  1 
ATOM   213  C C   . PHE A 1 45  ? 3.189   2.302   6.379   1.00 50.98  ?  37  PHE A C   1 
ATOM   214  O O   . PHE A 1 45  ? 2.701   1.679   7.359   1.00 45.24  ?  37  PHE A O   1 
ATOM   215  C CB  . PHE A 1 45  ? 3.424   1.321   4.070   1.00 53.70  ?  37  PHE A CB  1 
ATOM   216  C CG  . PHE A 1 45  ? 2.109   0.676   4.273   1.00 51.37  ?  37  PHE A CG  1 
ATOM   217  C CD1 . PHE A 1 45  ? 2.036   -0.660  4.573   1.00 49.99  ?  37  PHE A CD1 1 
ATOM   218  C CD2 . PHE A 1 45  ? 0.948   1.418   4.186   1.00 49.60  ?  37  PHE A CD2 1 
ATOM   219  C CE1 . PHE A 1 45  ? 0.806   -1.262  4.774   1.00 54.61  ?  37  PHE A CE1 1 
ATOM   220  C CE2 . PHE A 1 45  ? -0.272  0.829   4.407   1.00 51.23  ?  37  PHE A CE2 1 
ATOM   221  C CZ  . PHE A 1 45  ? -0.355  -0.525  4.687   1.00 48.20  ?  37  PHE A CZ  1 
ATOM   222  N N   . ARG A 1 46  ? 2.993   3.585   6.144   1.00 47.15  ?  38  ARG A N   1 
ATOM   223  C CA  . ARG A 1 46  ? 2.115   4.362   6.923   1.00 53.00  ?  38  ARG A CA  1 
ATOM   224  C C   . ARG A 1 46  ? 1.510   5.234   5.866   1.00 59.21  ?  38  ARG A C   1 
ATOM   225  O O   . ARG A 1 46  ? 2.244   5.835   5.072   1.00 55.11  ?  38  ARG A O   1 
ATOM   226  C CB  . ARG A 1 46  ? 2.863   5.187   7.950   1.00 51.25  ?  38  ARG A CB  1 
ATOM   227  C CG  . ARG A 1 46  ? 1.943   6.158   8.674   1.00 65.34  ?  38  ARG A CG  1 
ATOM   228  C CD  . ARG A 1 46  ? 2.478   6.729   9.991   1.00 71.09  ?  38  ARG A CD  1 
ATOM   229  N NE  . ARG A 1 46  ? 3.265   7.955   9.808   1.00 67.55  ?  38  ARG A NE  1 
ATOM   230  C CZ  . ARG A 1 46  ? 4.600   8.016   9.689   1.00 75.39  ?  38  ARG A CZ  1 
ATOM   231  N NH1 . ARG A 1 46  ? 5.375   6.913   9.717   1.00 71.20  ?  38  ARG A NH1 1 
ATOM   232  N NH2 . ARG A 1 46  ? 5.179   9.212   9.524   1.00 72.89  ?  38  ARG A NH2 1 
ATOM   233  N N   . THR A 1 47  ? 0.179   5.296   5.849   1.00 59.42  ?  39  THR A N   1 
ATOM   234  C CA  . THR A 1 47  ? -0.546  5.974   4.798   1.00 54.90  ?  39  THR A CA  1 
ATOM   235  C C   . THR A 1 47  ? -1.252  7.132   5.430   1.00 50.89  ?  39  THR A C   1 
ATOM   236  O O   . THR A 1 47  ? -1.972  6.942   6.412   1.00 53.35  ?  39  THR A O   1 
ATOM   237  C CB  . THR A 1 47  ? -1.599  5.031   4.182   1.00 61.49  ?  39  THR A CB  1 
ATOM   238  O OG1 . THR A 1 47  ? -0.965  4.006   3.373   1.00 50.48  ?  39  THR A OG1 1 
ATOM   239  C CG2 . THR A 1 47  ? -2.592  5.842   3.351   1.00 63.09  ?  39  THR A CG2 1 
ATOM   240  N N   . MET A 1 48  ? -1.091  8.320   4.851   1.00 51.58  ?  40  MET A N   1 
ATOM   241  C CA  . MET A 1 48  ? -1.656  9.550   5.439   1.00 60.16  ?  40  MET A CA  1 
ATOM   242  C C   . MET A 1 48  ? -2.270  10.456  4.399   1.00 62.24  ?  40  MET A C   1 
ATOM   243  O O   . MET A 1 48  ? -1.783  10.588  3.266   1.00 56.97  ?  40  MET A O   1 
ATOM   244  C CB  . MET A 1 48  ? -0.603  10.406  6.197   1.00 56.99  ?  40  MET A CB  1 
ATOM   245  C CG  . MET A 1 48  ? 0.011   9.751   7.435   1.00 64.21  ?  40  MET A CG  1 
ATOM   246  S SD  . MET A 1 48  ? 1.728   10.239  7.778   1.00 64.36  ?  40  MET A SD  1 
ATOM   247  C CE  . MET A 1 48  ? 2.598   9.987   6.242   1.00 57.37  ?  40  MET A CE  1 
ATOM   248  N N   . LYS A 1 49  ? -3.298  11.152  4.847   1.00 63.64  ?  41  LYS A N   1 
ATOM   249  C CA  . LYS A 1 49  ? -3.815  12.266  4.109   1.00 70.04  ?  41  LYS A CA  1 
ATOM   250  C C   . LYS A 1 49  ? -2.800  13.416  4.019   1.00 76.55  ?  41  LYS A C   1 
ATOM   251  O O   . LYS A 1 49  ? -1.845  13.470  4.796   1.00 77.71  ?  41  LYS A O   1 
ATOM   252  C CB  . LYS A 1 49  ? -5.095  12.736  4.775   1.00 71.20  ?  41  LYS A CB  1 
ATOM   253  C CG  . LYS A 1 49  ? -6.171  11.657  4.843   1.00 67.76  ?  41  LYS A CG  1 
ATOM   254  C CD  . LYS A 1 49  ? -7.568  12.254  4.767   1.00 71.46  ?  41  LYS A CD  1 
ATOM   255  C CE  . LYS A 1 49  ? -8.506  11.677  5.813   1.00 83.53  ?  41  LYS A CE  1 
ATOM   256  N NZ  . LYS A 1 49  ? -9.381  12.746  6.351   1.00 82.68  ?  41  LYS A NZ  1 
ATOM   257  N N   . CYS A 1 50  ? -3.009  14.317  3.055   1.00 82.27  ?  42  CYS A N   1 
ATOM   258  C CA  . CYS A 1 50  ? -2.272  15.587  2.964   1.00 82.77  ?  42  CYS A CA  1 
ATOM   259  C C   . CYS A 1 50  ? -2.961  16.797  3.647   1.00 91.31  ?  42  CYS A C   1 
ATOM   260  O O   . CYS A 1 50  ? -2.839  17.927  3.165   1.00 108.01 ?  42  CYS A O   1 
ATOM   261  C CB  . CYS A 1 50  ? -2.008  15.932  1.508   1.00 78.69  ?  42  CYS A CB  1 
ATOM   262  S SG  . CYS A 1 50  ? -0.998  14.709  0.676   1.00 93.52  ?  42  CYS A SG  1 
ATOM   263  N N   . ASP A 1 51  ? -3.659  16.579  4.758   1.00 82.44  ?  43  ASP A N   1 
ATOM   264  C CA  . ASP A 1 51  ? -4.162  17.692  5.586   1.00 89.65  ?  43  ASP A CA  1 
ATOM   265  C C   . ASP A 1 51  ? -3.100  18.158  6.617   1.00 106.79 ?  43  ASP A C   1 
ATOM   266  O O   . ASP A 1 51  ? -1.948  17.710  6.551   1.00 118.67 ?  43  ASP A O   1 
ATOM   267  C CB  . ASP A 1 51  ? -5.472  17.288  6.252   1.00 87.54  ?  43  ASP A CB  1 
ATOM   268  C CG  . ASP A 1 51  ? -5.389  15.961  6.934   1.00 85.57  ?  43  ASP A CG  1 
ATOM   269  O OD1 . ASP A 1 51  ? -4.346  15.274  6.808   1.00 90.88  ?  43  ASP A OD1 1 
ATOM   270  O OD2 . ASP A 1 51  ? -6.380  15.594  7.572   1.00 78.88  -1 43  ASP A OD2 1 
ATOM   271  N N   . GLU A 1 52  ? -3.466  19.065  7.539   1.00 118.70 ?  44  GLU A N   1 
ATOM   272  C CA  . GLU A 1 52  ? -2.528  19.617  8.552   1.00 113.60 ?  44  GLU A CA  1 
ATOM   273  C C   . GLU A 1 52  ? -2.183  18.566  9.605   1.00 106.86 ?  44  GLU A C   1 
ATOM   274  O O   . GLU A 1 52  ? -1.006  18.235  9.805   1.00 109.06 ?  44  GLU A O   1 
ATOM   275  C CB  . GLU A 1 52  ? -3.113  20.874  9.228   1.00 105.56 ?  44  GLU A CB  1 
ATOM   276  N N   . GLU A 1 53  ? -3.227  18.023  10.234  1.00 97.53  ?  45  GLU A N   1 
ATOM   277  C CA  . GLU A 1 53  ? -3.114  16.906  11.188  1.00 95.24  ?  45  GLU A CA  1 
ATOM   278  C C   . GLU A 1 53  ? -2.412  15.664  10.596  1.00 94.35  ?  45  GLU A C   1 
ATOM   279  O O   . GLU A 1 53  ? -2.085  14.716  11.335  1.00 92.85  ?  45  GLU A O   1 
ATOM   280  C CB  . GLU A 1 53  ? -4.516  16.505  11.730  1.00 92.91  ?  45  GLU A CB  1 
ATOM   281  N N   . ARG A 1 54  ? -2.244  15.649  9.267   1.00 92.72  ?  46  ARG A N   1 
ATOM   282  C CA  . ARG A 1 54  ? -1.560  14.580  8.525   1.00 85.19  ?  46  ARG A CA  1 
ATOM   283  C C   . ARG A 1 54  ? -2.119  13.192  8.842   1.00 76.85  ?  46  ARG A C   1 
ATOM   284  O O   . ARG A 1 54  ? -1.398  12.232  9.075   1.00 73.78  ?  46  ARG A O   1 
ATOM   285  C CB  . ARG A 1 54  ? -0.061  14.674  8.747   1.00 87.44  ?  46  ARG A CB  1 
ATOM   286  C CG  . ARG A 1 54  ? 0.688   15.179  7.529   1.00 90.67  ?  46  ARG A CG  1 
ATOM   287  C CD  . ARG A 1 54  ? 2.061   14.561  7.488   1.00 88.78  ?  46  ARG A CD  1 
ATOM   288  N NE  . ARG A 1 54  ? 2.666   14.620  6.171   1.00 84.31  ?  46  ARG A NE  1 
ATOM   289  C CZ  . ARG A 1 54  ? 3.909   14.215  5.918   1.00 88.41  ?  46  ARG A CZ  1 
ATOM   290  N NH1 . ARG A 1 54  ? 4.705   13.713  6.885   1.00 104.49 ?  46  ARG A NH1 1 
ATOM   291  N NH2 . ARG A 1 54  ? 4.371   14.324  4.695   1.00 77.50  ?  46  ARG A NH2 1 
ATOM   292  N N   . THR A 1 55  ? -3.439  13.131  8.802   1.00 67.72  ?  47  THR A N   1 
ATOM   293  C CA  . THR A 1 55  ? -4.210  12.040  9.354   1.00 74.65  ?  47  THR A CA  1 
ATOM   294  C C   . THR A 1 55  ? -3.802  10.679  8.826   1.00 68.15  ?  47  THR A C   1 
ATOM   295  O O   . THR A 1 55  ? -3.769  10.483  7.618   1.00 78.70  ?  47  THR A O   1 
ATOM   296  C CB  . THR A 1 55  ? -5.698  12.259  9.026   1.00 75.79  ?  47  THR A CB  1 
ATOM   297  O OG1 . THR A 1 55  ? -6.023  13.632  9.287   1.00 69.21  ?  47  THR A OG1 1 
ATOM   298  C CG2 . THR A 1 55  ? -6.599  11.307  9.849   1.00 70.07  ?  47  THR A CG2 1 
ATOM   299  N N   . VAL A 1 56  ? -3.488  9.760   9.736   1.00 65.50  ?  48  VAL A N   1 
ATOM   300  C CA  . VAL A 1 56  ? -3.046  8.418   9.369   1.00 61.52  ?  48  VAL A CA  1 
ATOM   301  C C   . VAL A 1 56  ? -4.286  7.654   9.029   1.00 61.85  ?  48  VAL A C   1 
ATOM   302  O O   . VAL A 1 56  ? -5.279  7.803   9.701   1.00 68.87  ?  48  VAL A O   1 
ATOM   303  C CB  . VAL A 1 56  ? -2.284  7.704   10.523  1.00 59.25  ?  48  VAL A CB  1 
ATOM   304  C CG1 . VAL A 1 56  ? -2.149  6.218   10.287  1.00 63.96  ?  48  VAL A CG1 1 
ATOM   305  C CG2 . VAL A 1 56  ? -0.884  8.258   10.669  1.00 67.27  ?  48  VAL A CG2 1 
ATOM   306  N N   . ILE A 1 57  ? -4.207  6.838   7.983   1.00 62.15  ?  49  ILE A N   1 
ATOM   307  C CA  . ILE A 1 57  ? -5.264  5.911   7.610   1.00 59.96  ?  49  ILE A CA  1 
ATOM   308  C C   . ILE A 1 57  ? -4.853  4.455   7.847   1.00 57.03  ?  49  ILE A C   1 
ATOM   309  O O   . ILE A 1 57  ? -5.676  3.638   8.187   1.00 57.93  ?  49  ILE A O   1 
ATOM   310  C CB  . ILE A 1 57  ? -5.662  6.170   6.147   1.00 66.44  ?  49  ILE A CB  1 
ATOM   311  C CG1 . ILE A 1 57  ? -6.346  7.533   6.045   1.00 71.54  ?  49  ILE A CG1 1 
ATOM   312  C CG2 . ILE A 1 57  ? -6.620  5.116   5.634   1.00 71.50  ?  49  ILE A CG2 1 
ATOM   313  C CD1 . ILE A 1 57  ? -6.201  8.183   4.702   1.00 74.65  ?  49  ILE A CD1 1 
ATOM   314  N N   . ASP A 1 58  ? -3.592  4.111   7.638   1.00 56.92  ?  50  ASP A N   1 
ATOM   315  C CA  . ASP A 1 58  ? -3.135  2.741   7.872   1.00 55.19  ?  50  ASP A CA  1 
ATOM   316  C C   . ASP A 1 58  ? -1.675  2.787   8.280   1.00 52.79  ?  50  ASP A C   1 
ATOM   317  O O   . ASP A 1 58  ? -0.920  3.620   7.783   1.00 55.28  ?  50  ASP A O   1 
ATOM   318  C CB  . ASP A 1 58  ? -3.257  1.897   6.606   1.00 57.67  ?  50  ASP A CB  1 
ATOM   319  C CG  . ASP A 1 58  ? -4.684  1.537   6.263   1.00 65.20  ?  50  ASP A CG  1 
ATOM   320  O OD1 . ASP A 1 58  ? -5.356  0.858   7.079   1.00 61.83  ?  50  ASP A OD1 1 
ATOM   321  O OD2 . ASP A 1 58  ? -5.125  1.933   5.160   1.00 67.55  -1 50  ASP A OD2 1 
ATOM   322  N N   . ASP A 1 59  ? -1.276  1.872   9.146   1.00 52.66  ?  51  ASP A N   1 
ATOM   323  C CA  . ASP A 1 59  ? 0.089   1.824   9.643   1.00 55.18  ?  51  ASP A CA  1 
ATOM   324  C C   . ASP A 1 59  ? 0.402   0.385   10.018  1.00 53.50  ?  51  ASP A C   1 
ATOM   325  O O   . ASP A 1 59  ? -0.158  -0.163  10.963  1.00 53.82  ?  51  ASP A O   1 
ATOM   326  C CB  . ASP A 1 59  ? 0.236   2.760   10.845  1.00 60.87  ?  51  ASP A CB  1 
ATOM   327  C CG  . ASP A 1 59  ? 1.716   2.921   11.329  1.00 72.08  ?  51  ASP A CG  1 
ATOM   328  O OD1 . ASP A 1 59  ? 2.582   2.085   10.973  1.00 70.36  ?  51  ASP A OD1 1 
ATOM   329  O OD2 . ASP A 1 59  ? 1.994   3.892   12.089  1.00 65.90  -1 51  ASP A OD2 1 
ATOM   330  N N   . SER A 1 60  ? 1.296   -0.230  9.265   1.00 51.42  ?  52  SER A N   1 
ATOM   331  C CA  . SER A 1 60  ? 1.710   -1.601  9.532   1.00 54.26  ?  52  SER A CA  1 
ATOM   332  C C   . SER A 1 60  ? 2.385   -1.758  10.892  1.00 52.34  ?  52  SER A C   1 
ATOM   333  O O   . SER A 1 60  ? 2.330   -2.830  11.471  1.00 66.13  ?  52  SER A O   1 
ATOM   334  C CB  . SER A 1 60  ? 2.664   -2.101  8.429   1.00 52.39  ?  52  SER A CB  1 
ATOM   335  O OG  . SER A 1 60  ? 3.639   -1.112  8.144   1.00 50.81  ?  52  SER A OG  1 
ATOM   336  N N   . ARG A 1 61  ? 3.019   -0.713  11.401  1.00 52.54  ?  53  ARG A N   1 
ATOM   337  C CA  . ARG A 1 61  ? 3.666   -0.769  12.750  1.00 63.95  ?  53  ARG A CA  1 
ATOM   338  C C   . ARG A 1 61  ? 2.630   -0.828  13.857  1.00 69.67  ?  53  ARG A C   1 
ATOM   339  O O   . ARG A 1 61  ? 2.819   -1.544  14.854  1.00 77.66  ?  53  ARG A O   1 
ATOM   340  C CB  . ARG A 1 61  ? 4.639   0.415   13.008  1.00 62.47  ?  53  ARG A CB  1 
ATOM   341  C CG  . ARG A 1 61  ? 5.959   0.301   12.229  1.00 60.39  ?  53  ARG A CG  1 
ATOM   342  C CD  . ARG A 1 61  ? 6.863   1.498   12.419  1.00 66.57  ?  53  ARG A CD  1 
ATOM   343  N NE  . ARG A 1 61  ? 7.942   1.497   11.441  1.00 67.31  ?  53  ARG A NE  1 
ATOM   344  C CZ  . ARG A 1 61  ? 8.984   0.678   11.460  1.00 72.58  ?  53  ARG A CZ  1 
ATOM   345  N NH1 . ARG A 1 61  ? 9.159   -0.217  12.433  1.00 68.05  ?  53  ARG A NH1 1 
ATOM   346  N NH2 . ARG A 1 61  ? 9.870   0.763   10.478  1.00 83.80  ?  53  ARG A NH2 1 
ATOM   347  N N   . GLN A 1 62  ? 1.531   -0.103  13.651  1.00 65.70  ?  54  GLN A N   1 
ATOM   348  C CA  . GLN A 1 62  ? 0.372   -0.167  14.529  1.00 63.01  ?  54  GLN A CA  1 
ATOM   349  C C   . GLN A 1 62  ? -0.176  -1.571  14.609  1.00 59.90  ?  54  GLN A C   1 
ATOM   350  O O   . GLN A 1 62  ? -0.417  -2.063  15.682  1.00 70.25  ?  54  GLN A O   1 
ATOM   351  C CB  . GLN A 1 62  ? -0.698  0.815   14.045  1.00 71.67  ?  54  GLN A CB  1 
ATOM   352  C CG  . GLN A 1 62  ? -1.900  1.042   14.952  1.00 72.40  ?  54  GLN A CG  1 
ATOM   353  C CD  . GLN A 1 62  ? -3.047  0.068   14.703  1.00 79.47  ?  54  GLN A CD  1 
ATOM   354  O OE1 . GLN A 1 62  ? -3.342  -0.303  13.550  1.00 86.07  ?  54  GLN A OE1 1 
ATOM   355  N NE2 . GLN A 1 62  ? -3.705  -0.357  15.792  1.00 72.66  ?  54  GLN A NE2 1 
ATOM   356  N N   . VAL A 1 63  ? -0.347  -2.248  13.491  1.00 67.06  ?  55  VAL A N   1 
ATOM   357  C CA  . VAL A 1 63  ? -0.887  -3.618  13.538  1.00 68.85  ?  55  VAL A CA  1 
ATOM   358  C C   . VAL A 1 63  ? 0.137   -4.670  14.013  1.00 70.71  ?  55  VAL A C   1 
ATOM   359  O O   . VAL A 1 63  ? -0.234  -5.801  14.251  1.00 74.03  ?  55  VAL A O   1 
ATOM   360  C CB  . VAL A 1 63  ? -1.474  -4.074  12.172  1.00 71.94  ?  55  VAL A CB  1 
ATOM   361  C CG1 . VAL A 1 63  ? -2.381  -3.013  11.573  1.00 67.42  ?  55  VAL A CG1 1 
ATOM   362  C CG2 . VAL A 1 63  ? -0.370  -4.407  11.184  1.00 80.43  ?  55  VAL A CG2 1 
ATOM   363  N N   . GLY A 1 64  ? 1.423   -4.338  14.073  1.00 83.35  ?  56  GLY A N   1 
ATOM   364  C CA  . GLY A 1 64  ? 2.445   -5.289  14.521  1.00 81.92  ?  56  GLY A CA  1 
ATOM   365  C C   . GLY A 1 64  ? 3.308   -5.861  13.417  1.00 78.11  ?  56  GLY A C   1 
ATOM   366  O O   . GLY A 1 64  ? 4.512   -5.694  13.452  1.00 98.02  ?  56  GLY A O   1 
ATOM   367  N N   . GLN A 1 65  ? 2.710   -6.533  12.443  1.00 79.96  ?  57  GLN A N   1 
ATOM   368  C CA  . GLN A 1 65  ? 3.467   -7.260  11.412  1.00 81.75  ?  57  GLN A CA  1 
ATOM   369  C C   . GLN A 1 65  ? 3.758   -6.359  10.223  1.00 85.51  ?  57  GLN A C   1 
ATOM   370  O O   . GLN A 1 65  ? 2.954   -5.470  9.912   1.00 85.27  ?  57  GLN A O   1 
ATOM   371  C CB  . GLN A 1 65  ? 2.694   -8.481  10.888  1.00 95.48  ?  57  GLN A CB  1 
ATOM   372  C CG  . GLN A 1 65  ? 2.154   -9.459  11.935  1.00 113.85 ?  57  GLN A CG  1 
ATOM   373  C CD  . GLN A 1 65  ? 3.232   -10.205 12.730  1.00 126.34 ?  57  GLN A CD  1 
ATOM   374  O OE1 . GLN A 1 65  ? 3.163   -10.284 13.965  1.00 121.76 ?  57  GLN A OE1 1 
ATOM   375  N NE2 . GLN A 1 65  ? 4.219   -10.772 12.030  1.00 124.90 ?  57  GLN A NE2 1 
ATOM   376  N N   . PRO A 1 66  ? 4.905   -6.588  9.542   1.00 89.10  ?  58  PRO A N   1 
ATOM   377  C CA  . PRO A 1 66  ? 5.195   -5.915  8.274   1.00 82.65  ?  58  PRO A CA  1 
ATOM   378  C C   . PRO A 1 66  ? 4.560   -6.574  7.060   1.00 72.92  ?  58  PRO A C   1 
ATOM   379  O O   . PRO A 1 66  ? 4.178   -7.742  7.093   1.00 76.54  ?  58  PRO A O   1 
ATOM   380  C CB  . PRO A 1 66  ? 6.734   -5.948  8.179   1.00 86.93  ?  58  PRO A CB  1 
ATOM   381  C CG  . PRO A 1 66  ? 7.161   -7.080  9.023   1.00 88.32  ?  58  PRO A CG  1 
ATOM   382  C CD  . PRO A 1 66  ? 6.101   -7.271  10.079  1.00 94.95  ?  58  PRO A CD  1 
ATOM   383  N N   . MET A 1 67  ? 4.460   -5.789  5.996   1.00 71.95  ?  59  MET A N   1 
ATOM   384  C CA  . MET A 1 67  ? 3.777   -6.172  4.761   1.00 73.63  ?  59  MET A CA  1 
ATOM   385  C C   . MET A 1 67  ? 4.684   -6.945  3.795   1.00 72.94  ?  59  MET A C   1 
ATOM   386  O O   . MET A 1 67  ? 5.906   -6.784  3.802   1.00 75.13  ?  59  MET A O   1 
ATOM   387  C CB  . MET A 1 67  ? 3.256   -4.907  4.094   1.00 78.53  ?  59  MET A CB  1 
ATOM   388  C CG  . MET A 1 67  ? 2.279   -5.103  2.941   1.00 92.27  ?  59  MET A CG  1 
ATOM   389  S SD  . MET A 1 67  ? 0.817   -6.108  3.272   1.00 89.58  ?  59  MET A SD  1 
ATOM   390  C CE  . MET A 1 67  ? 0.424   -5.582  4.965   1.00 94.41  ?  59  MET A CE  1 
ATOM   391  N N   . HIS A 1 68  ? 4.051   -7.796  2.992   1.00 77.88  ?  60  HIS A N   1 
ATOM   392  C CA  . HIS A 1 68  ? 4.686   -8.765  2.075   1.00 78.47  ?  60  HIS A CA  1 
ATOM   393  C C   . HIS A 1 68  ? 3.950   -8.580  0.749   1.00 76.59  ?  60  HIS A C   1 
ATOM   394  O O   . HIS A 1 68  ? 2.733   -8.698  0.688   1.00 76.73  ?  60  HIS A O   1 
ATOM   395  C CB  . HIS A 1 68  ? 4.476   -10.223 2.550   1.00 74.75  ?  60  HIS A CB  1 
ATOM   396  C CG  . HIS A 1 68  ? 5.190   -10.572 3.829   1.00 104.56 ?  60  HIS A CG  1 
ATOM   397  N ND1 . HIS A 1 68  ? 5.804   -9.632  4.639   1.00 122.13 ?  60  HIS A ND1 1 
ATOM   398  C CD2 . HIS A 1 68  ? 5.377   -11.768 4.447   1.00 117.38 ?  60  HIS A CD2 1 
ATOM   399  C CE1 . HIS A 1 68  ? 6.349   -10.234 5.686   1.00 121.49 ?  60  HIS A CE1 1 
ATOM   400  N NE2 . HIS A 1 68  ? 6.105   -11.531 5.594   1.00 119.22 ?  60  HIS A NE2 1 
ATOM   401  N N   . ILE A 1 69  ? 4.665   -8.226  -0.309  1.00 78.97  ?  61  ILE A N   1 
ATOM   402  C CA  . ILE A 1 69  ? 4.122   -8.405  -1.648  1.00 74.75  ?  61  ILE A CA  1 
ATOM   403  C C   . ILE A 1 69  ? 5.089   -9.232  -2.461  1.00 77.97  ?  61  ILE A C   1 
ATOM   404  O O   . ILE A 1 69  ? 6.250   -9.454  -2.062  1.00 72.36  ?  61  ILE A O   1 
ATOM   405  C CB  . ILE A 1 69  ? 3.779   -7.086  -2.377  1.00 70.04  ?  61  ILE A CB  1 
ATOM   406  C CG1 . ILE A 1 69  ? 5.036   -6.314  -2.768  1.00 73.85  ?  61  ILE A CG1 1 
ATOM   407  C CG2 . ILE A 1 69  ? 2.850   -6.239  -1.539  1.00 69.86  ?  61  ILE A CG2 1 
ATOM   408  C CD1 . ILE A 1 69  ? 5.489   -6.565  -4.194  1.00 73.64  ?  61  ILE A CD1 1 
ATOM   409  N N   . ILE A 1 70  ? 4.623   -9.701  -3.614  1.00 77.81  ?  62  ILE A N   1 
ATOM   410  C CA  . ILE A 1 70  ? 5.447   -10.513 -4.500  1.00 77.57  ?  62  ILE A CA  1 
ATOM   411  C C   . ILE A 1 70  ? 5.316   -10.056 -5.948  1.00 82.32  ?  62  ILE A C   1 
ATOM   412  O O   . ILE A 1 70  ? 4.282   -10.263 -6.584  1.00 82.52  ?  62  ILE A O   1 
ATOM   413  C CB  . ILE A 1 70  ? 5.075   -12.004 -4.407  1.00 74.95  ?  62  ILE A CB  1 
ATOM   414  C CG1 . ILE A 1 70  ? 5.328   -12.530 -2.993  1.00 78.38  ?  62  ILE A CG1 1 
ATOM   415  C CG2 . ILE A 1 70  ? 5.858   -12.814 -5.429  1.00 77.87  ?  62  ILE A CG2 1 
ATOM   416  C CD1 . ILE A 1 70  ? 5.071   -14.013 -2.837  1.00 84.99  ?  62  ILE A CD1 1 
ATOM   417  N N   . ILE A 1 71  ? 6.370   -9.432  -6.465  1.00 88.41  ?  63  ILE A N   1 
ATOM   418  C CA  . ILE A 1 71  ? 6.375   -8.944  -7.839  1.00 78.53  ?  63  ILE A CA  1 
ATOM   419  C C   . ILE A 1 71  ? 5.889   -10.017 -8.807  1.00 79.38  ?  63  ILE A C   1 
ATOM   420  O O   . ILE A 1 71  ? 6.425   -11.124 -8.843  1.00 66.80  ?  63  ILE A O   1 
ATOM   421  C CB  . ILE A 1 71  ? 7.779   -8.478  -8.267  1.00 76.00  ?  63  ILE A CB  1 
ATOM   422  C CG1 . ILE A 1 71  ? 8.500   -7.812  -7.094  1.00 77.45  ?  63  ILE A CG1 1 
ATOM   423  C CG2 . ILE A 1 71  ? 7.686   -7.527  -9.451  1.00 78.87  ?  63  ILE A CG2 1 
ATOM   424  C CD1 . ILE A 1 71  ? 8.092   -6.372  -6.863  1.00 81.07  ?  63  ILE A CD1 1 
ATOM   425  N N   . GLY A 1 72  ? 4.868   -9.681  -9.591  1.00 69.22  ?  64  GLY A N   1 
ATOM   426  C CA  . GLY A 1 72  ? 4.310   -10.611 -10.556 1.00 76.12  ?  64  GLY A CA  1 
ATOM   427  C C   . GLY A 1 72  ? 4.958   -10.486 -11.921 1.00 84.82  ?  64  GLY A C   1 
ATOM   428  O O   . GLY A 1 72  ? 5.455   -11.467 -12.474 1.00 74.40  ?  64  GLY A O   1 
ATOM   429  N N   . ASN A 1 73  ? 4.953   -9.273  -12.464 1.00 89.78  ?  65  ASN A N   1 
ATOM   430  C CA  . ASN A 1 73  ? 5.543   -9.016  -13.773 1.00 82.84  ?  65  ASN A CA  1 
ATOM   431  C C   . ASN A 1 73  ? 6.428   -7.775  -13.770 1.00 79.59  ?  65  ASN A C   1 
ATOM   432  O O   . ASN A 1 73  ? 5.948   -6.658  -13.966 1.00 78.81  ?  65  ASN A O   1 
ATOM   433  C CB  . ASN A 1 73  ? 4.452   -8.883  -14.836 1.00 85.29  ?  65  ASN A CB  1 
ATOM   434  C CG  . ASN A 1 73  ? 5.013   -8.825  -16.243 1.00 92.80  ?  65  ASN A CG  1 
ATOM   435  O OD1 . ASN A 1 73  ? 6.103   -9.331  -16.510 1.00 86.45  ?  65  ASN A OD1 1 
ATOM   436  N ND2 . ASN A 1 73  ? 4.269   -8.205  -17.152 1.00 100.51 ?  65  ASN A ND2 1 
ATOM   437  N N   . MET A 1 74  ? 7.723   -7.977  -13.548 1.00 75.94  ?  66  MET A N   1 
ATOM   438  C CA  . MET A 1 74  ? 8.688   -6.861  -13.519 1.00 72.64  ?  66  MET A CA  1 
ATOM   439  C C   . MET A 1 74  ? 8.626   -5.908  -14.723 1.00 67.22  ?  66  MET A C   1 
ATOM   440  O O   . MET A 1 74  ? 9.067   -4.791  -14.610 1.00 62.23  ?  66  MET A O   1 
ATOM   441  C CB  . MET A 1 74  ? 10.102  -7.352  -13.334 1.00 66.99  ?  66  MET A CB  1 
ATOM   442  C CG  . MET A 1 74  ? 10.697  -8.023  -14.545 1.00 67.41  ?  66  MET A CG  1 
ATOM   443  S SD  . MET A 1 74  ? 12.269  -8.797  -14.119 1.00 66.37  ?  66  MET A SD  1 
ATOM   444  C CE  . MET A 1 74  ? 13.262  -7.301  -14.026 1.00 64.84  ?  66  MET A CE  1 
ATOM   445  N N   . PHE A 1 75  ? 8.081   -6.339  -15.857 1.00 69.42  ?  67  PHE A N   1 
ATOM   446  C CA  . PHE A 1 75  ? 7.890   -5.453  -17.015 1.00 75.54  ?  67  PHE A CA  1 
ATOM   447  C C   . PHE A 1 75  ? 6.494   -4.774  -17.108 1.00 83.42  ?  67  PHE A C   1 
ATOM   448  O O   . PHE A 1 75  ? 6.309   -3.824  -17.896 1.00 77.34  ?  67  PHE A O   1 
ATOM   449  C CB  . PHE A 1 75  ? 8.231   -6.210  -18.314 1.00 75.15  ?  67  PHE A CB  1 
ATOM   450  C CG  . PHE A 1 75  ? 9.563   -6.935  -18.275 1.00 66.00  ?  67  PHE A CG  1 
ATOM   451  C CD1 . PHE A 1 75  ? 10.752  -6.251  -18.488 1.00 70.04  ?  67  PHE A CD1 1 
ATOM   452  C CD2 . PHE A 1 75  ? 9.617   -8.306  -18.000 1.00 67.78  ?  67  PHE A CD2 1 
ATOM   453  C CE1 . PHE A 1 75  ? 11.972  -6.921  -18.422 1.00 77.56  ?  67  PHE A CE1 1 
ATOM   454  C CE2 . PHE A 1 75  ? 10.821  -8.994  -17.939 1.00 67.71  ?  67  PHE A CE2 1 
ATOM   455  C CZ  . PHE A 1 75  ? 12.008  -8.301  -18.146 1.00 73.93  ?  67  PHE A CZ  1 
ATOM   456  N N   . LYS A 1 76  ? 5.605   -5.209  -16.232 1.00 80.61  ?  68  LYS A N   1 
ATOM   457  C CA  . LYS A 1 76  ? 4.287   -4.647  -16.088 1.00 91.42  ?  68  LYS A CA  1 
ATOM   458  C C   . LYS A 1 76  ? 4.145   -4.529  -14.583 1.00 95.21  ?  68  LYS A C   1 
ATOM   459  O O   . LYS A 1 76  ? 3.775   -5.484  -13.930 1.00 97.25  ?  68  LYS A O   1 
ATOM   460  C CB  . LYS A 1 76  ? 3.233   -5.586  -16.652 1.00 77.89  ?  68  LYS A CB  1 
ATOM   461  N N   . LEU A 1 77  ? 4.455   -3.366  -14.026 1.00 87.59  ?  69  LEU A N   1 
ATOM   462  C CA  . LEU A 1 77  ? 4.391   -3.182  -12.584 1.00 83.48  ?  69  LEU A CA  1 
ATOM   463  C C   . LEU A 1 77  ? 3.169   -2.471  -12.081 1.00 78.51  ?  69  LEU A C   1 
ATOM   464  O O   . LEU A 1 77  ? 2.556   -1.709  -12.795 1.00 85.27  ?  69  LEU A O   1 
ATOM   465  C CB  . LEU A 1 77  ? 5.582   -2.375  -12.091 1.00 81.73  ?  69  LEU A CB  1 
ATOM   466  C CG  . LEU A 1 77  ? 7.028   -2.718  -12.369 1.00 75.07  ?  69  LEU A CG  1 
ATOM   467  C CD1 . LEU A 1 77  ? 7.792   -1.422  -12.360 1.00 80.83  ?  69  LEU A CD1 1 
ATOM   468  C CD2 . LEU A 1 77  ? 7.583   -3.633  -11.316 1.00 68.39  ?  69  LEU A CD2 1 
ATOM   469  N N   . GLU A 1 78  ? 2.842   -2.709  -10.820 1.00 80.33  ?  70  GLU A N   1 
ATOM   470  C CA  . GLU A 1 78  ? 1.711   -2.050  -10.206 1.00 86.33  ?  70  GLU A CA  1 
ATOM   471  C C   . GLU A 1 78  ? 2.242   -0.828  -9.514  1.00 80.22  ?  70  GLU A C   1 
ATOM   472  O O   . GLU A 1 78  ? 3.343   -0.820  -9.007  1.00 61.38  ?  70  GLU A O   1 
ATOM   473  C CB  . GLU A 1 78  ? 0.981   -2.926  -9.194  1.00 85.57  ?  70  GLU A CB  1 
ATOM   474  C CG  . GLU A 1 78  ? 0.960   -4.404  -9.488  1.00 80.61  ?  70  GLU A CG  1 
ATOM   475  C CD  . GLU A 1 78  ? -0.221  -4.817  -10.315 1.00 88.38  ?  70  GLU A CD  1 
ATOM   476  O OE1 . GLU A 1 78  ? -0.977  -3.945  -10.752 1.00 83.49  ?  70  GLU A OE1 1 
ATOM   477  O OE2 . GLU A 1 78  ? -0.373  -6.023  -10.541 1.00 88.89  -1 70  GLU A OE2 1 
ATOM   478  N N   . PHE A 1 79  ? 1.425   0.204   -9.500  1.00 75.13  ?  71  PHE A N   1 
ATOM   479  C CA  . PHE A 1 79  ? 1.780   1.465   -8.914  1.00 72.46  ?  71  PHE A CA  1 
ATOM   480  C C   . PHE A 1 79  ? 2.494   1.387   -7.599  1.00 67.25  ?  71  PHE A C   1 
ATOM   481  O O   . PHE A 1 79  ? 3.303   2.213   -7.315  1.00 66.59  ?  71  PHE A O   1 
ATOM   482  C CB  . PHE A 1 79  ? 0.555   2.322   -8.762  1.00 74.58  ?  71  PHE A CB  1 
ATOM   483  C CG  . PHE A 1 79  ? 0.848   3.679   -8.260  1.00 72.05  ?  71  PHE A CG  1 
ATOM   484  C CD1 . PHE A 1 79  ? 1.136   4.687   -9.123  1.00 69.89  ?  71  PHE A CD1 1 
ATOM   485  C CD2 . PHE A 1 79  ? 0.829   3.937   -6.926  1.00 72.22  ?  71  PHE A CD2 1 
ATOM   486  C CE1 . PHE A 1 79  ? 1.405   5.939   -8.667  1.00 73.47  ?  71  PHE A CE1 1 
ATOM   487  C CE2 . PHE A 1 79  ? 1.093   5.184   -6.458  1.00 69.90  ?  71  PHE A CE2 1 
ATOM   488  C CZ  . PHE A 1 79  ? 1.382   6.188   -7.329  1.00 72.05  ?  71  PHE A CZ  1 
ATOM   489  N N   . TRP A 1 80  ? 2.191   0.408   -6.782  1.00 62.32  ?  72  TRP A N   1 
ATOM   490  C CA  . TRP A 1 80  ? 2.899   0.311   -5.528  1.00 61.65  ?  72  TRP A CA  1 
ATOM   491  C C   . TRP A 1 80  ? 4.265   -0.239  -5.778  1.00 63.99  ?  72  TRP A C   1 
ATOM   492  O O   . TRP A 1 80  ? 5.221   0.108   -5.073  1.00 61.63  ?  72  TRP A O   1 
ATOM   493  C CB  . TRP A 1 80  ? 2.170   -0.533  -4.493  1.00 66.30  ?  72  TRP A CB  1 
ATOM   494  C CG  . TRP A 1 80  ? 1.795   -1.930  -4.876  1.00 74.59  ?  72  TRP A CG  1 
ATOM   495  C CD1 . TRP A 1 80  ? 2.514   -3.091  -4.655  1.00 70.11  ?  72  TRP A CD1 1 
ATOM   496  C CD2 . TRP A 1 80  ? 0.562   -2.330  -5.477  1.00 75.69  ?  72  TRP A CD2 1 
ATOM   497  N NE1 . TRP A 1 80  ? 1.812   -4.173  -5.142  1.00 69.83  ?  72  TRP A NE1 1 
ATOM   498  C CE2 . TRP A 1 80  ? 0.613   -3.735  -5.644  1.00 71.38  ?  72  TRP A CE2 1 
ATOM   499  C CE3 . TRP A 1 80  ? -0.580  -1.635  -5.904  1.00 71.39  ?  72  TRP A CE3 1 
ATOM   500  C CZ2 . TRP A 1 80  ? -0.437  -4.449  -6.192  1.00 70.79  ?  72  TRP A CZ2 1 
ATOM   501  C CZ3 . TRP A 1 80  ? -1.603  -2.348  -6.482  1.00 68.72  ?  72  TRP A CZ3 1 
ATOM   502  C CH2 . TRP A 1 80  ? -1.527  -3.736  -6.621  1.00 69.64  ?  72  TRP A CH2 1 
ATOM   503  N N   . GLU A 1 81  ? 4.358   -1.080  -6.793  1.00 60.42  ?  73  GLU A N   1 
ATOM   504  C CA  . GLU A 1 81  ? 5.628   -1.686  -7.173  1.00 65.87  ?  73  GLU A CA  1 
ATOM   505  C C   . GLU A 1 81  ? 6.559   -0.639  -7.800  1.00 62.49  ?  73  GLU A C   1 
ATOM   506  O O   . GLU A 1 81  ? 7.745   -0.688  -7.573  1.00 55.25  ?  73  GLU A O   1 
ATOM   507  C CB  . GLU A 1 81  ? 5.399   -2.862  -8.125  1.00 63.38  ?  73  GLU A CB  1 
ATOM   508  C CG  . GLU A 1 81  ? 4.596   -4.017  -7.551  1.00 55.95  ?  73  GLU A CG  1 
ATOM   509  C CD  . GLU A 1 81  ? 4.181   -5.021  -8.609  1.00 60.35  ?  73  GLU A CD  1 
ATOM   510  O OE1 . GLU A 1 81  ? 3.798   -4.559  -9.686  1.00 59.65  ?  73  GLU A OE1 1 
ATOM   511  O OE2 . GLU A 1 81  ? 4.215   -6.270  -8.378  1.00 66.78  -1 73  GLU A OE2 1 
ATOM   512  N N   . ILE A 1 82  ? 5.992   0.322   -8.544  1.00 68.27  ?  74  ILE A N   1 
ATOM   513  C CA  . ILE A 1 82  ? 6.726   1.504   -9.050  1.00 64.36  ?  74  ILE A CA  1 
ATOM   514  C C   . ILE A 1 82  ? 7.464   2.167   -7.869  1.00 72.12  ?  74  ILE A C   1 
ATOM   515  O O   . ILE A 1 82  ? 8.682   2.443   -7.967  1.00 75.21  ?  74  ILE A O   1 
ATOM   516  C CB  . ILE A 1 82  ? 5.761   2.546   -9.684  1.00 68.15  ?  74  ILE A CB  1 
ATOM   517  C CG1 . ILE A 1 82  ? 5.085   2.022   -10.966 1.00 75.89  ?  74  ILE A CG1 1 
ATOM   518  C CG2 . ILE A 1 82  ? 6.448   3.879   -9.962  1.00 74.79  ?  74  ILE A CG2 1 
ATOM   519  C CD1 . ILE A 1 82  ? 5.814   2.282   -12.261 1.00 83.12  ?  74  ILE A CD1 1 
ATOM   520  N N   . LEU A 1 83  ? 6.715   2.397   -6.768  1.00 64.13  ?  75  LEU A N   1 
ATOM   521  C CA  . LEU A 1 83  ? 7.199   3.030   -5.541  1.00 55.09  ?  75  LEU A CA  1 
ATOM   522  C C   . LEU A 1 83  ? 8.228   2.205   -4.838  1.00 60.30  ?  75  LEU A C   1 
ATOM   523  O O   . LEU A 1 83  ? 9.307   2.711   -4.519  1.00 66.67  ?  75  LEU A O   1 
ATOM   524  C CB  . LEU A 1 83  ? 6.064   3.280   -4.541  1.00 51.92  ?  75  LEU A CB  1 
ATOM   525  C CG  . LEU A 1 83  ? 4.906   4.110   -5.052  1.00 56.14  ?  75  LEU A CG  1 
ATOM   526  C CD1 . LEU A 1 83  ? 4.169   4.746   -3.899  1.00 59.12  ?  75  LEU A CD1 1 
ATOM   527  C CD2 . LEU A 1 83  ? 5.321   5.208   -6.010  1.00 57.14  ?  75  LEU A CD2 1 
ATOM   528  N N   . LEU A 1 84  ? 7.892   0.947   -4.574  1.00 55.75  ?  76  LEU A N   1 
ATOM   529  C CA  . LEU A 1 84  ? 8.788   0.077   -3.848  1.00 57.00  ?  76  LEU A CA  1 
ATOM   530  C C   . LEU A 1 84  ? 10.056  -0.230  -4.624  1.00 61.44  ?  76  LEU A C   1 
ATOM   531  O O   . LEU A 1 84  ? 11.134  -0.250  -4.051  1.00 57.60  ?  76  LEU A O   1 
ATOM   532  C CB  . LEU A 1 84  ? 8.127   -1.258  -3.558  1.00 62.21  ?  76  LEU A CB  1 
ATOM   533  C CG  . LEU A 1 84  ? 6.925   -1.321  -2.621  1.00 62.47  ?  76  LEU A CG  1 
ATOM   534  C CD1 . LEU A 1 84  ? 6.344   -2.744  -2.661  1.00 62.15  ?  76  LEU A CD1 1 
ATOM   535  C CD2 . LEU A 1 84  ? 7.333   -0.894  -1.219  1.00 65.18  ?  76  LEU A CD2 1 
ATOM   536  N N   . THR A 1 85  ? 9.920   -0.489  -5.928  1.00 65.48  ?  77  THR A N   1 
ATOM   537  C CA  . THR A 1 85  ? 11.069  -0.884  -6.762  1.00 66.33  ?  77  THR A CA  1 
ATOM   538  C C   . THR A 1 85  ? 12.124  0.212   -6.932  1.00 68.24  ?  77  THR A C   1 
ATOM   539  O O   . THR A 1 85  ? 13.221  -0.061  -7.409  1.00 73.71  ?  77  THR A O   1 
ATOM   540  C CB  . THR A 1 85  ? 10.654  -1.390  -8.170  1.00 67.97  ?  77  THR A CB  1 
ATOM   541  O OG1 . THR A 1 85  ? 9.856   -0.411  -8.864  1.00 66.60  ?  77  THR A OG1 1 
ATOM   542  C CG2 . THR A 1 85  ? 9.908   -2.682  -8.056  1.00 66.45  ?  77  THR A CG2 1 
ATOM   543  N N   . SER A 1 86  ? 11.777  1.438   -6.548  1.00 64.74  ?  78  SER A N   1 
ATOM   544  C CA  . SER A 1 86  ? 12.683  2.567   -6.567  1.00 59.19  ?  78  SER A CA  1 
ATOM   545  C C   . SER A 1 86  ? 13.446  2.730   -5.270  1.00 60.41  ?  78  SER A C   1 
ATOM   546  O O   . SER A 1 86  ? 13.933  3.833   -5.026  1.00 65.50  ?  78  SER A O   1 
ATOM   547  C CB  . SER A 1 86  ? 11.888  3.872   -6.795  1.00 57.02  ?  78  SER A CB  1 
ATOM   548  O OG  . SER A 1 86  ? 11.383  4.412   -5.568  1.00 59.33  ?  78  SER A OG  1 
ATOM   549  N N   . MET A 1 87  ? 13.558  1.691   -4.438  1.00 58.73  ?  79  MET A N   1 
ATOM   550  C CA  . MET A 1 87  ? 14.075  1.862   -3.068  1.00 66.83  ?  79  MET A CA  1 
ATOM   551  C C   . MET A 1 87  ? 15.225  0.905   -2.759  1.00 70.42  ?  79  MET A C   1 
ATOM   552  O O   . MET A 1 87  ? 15.176  -0.270  -3.130  1.00 68.25  ?  79  MET A O   1 
ATOM   553  C CB  . MET A 1 87  ? 12.947  1.630   -2.028  1.00 68.48  ?  79  MET A CB  1 
ATOM   554  C CG  . MET A 1 87  ? 11.798  2.632   -2.084  1.00 68.80  ?  79  MET A CG  1 
ATOM   555  S SD  . MET A 1 87  ? 10.619  2.416   -0.734  1.00 68.05  ?  79  MET A SD  1 
ATOM   556  C CE  . MET A 1 87  ? 11.609  2.925   0.675   1.00 74.13  ?  79  MET A CE  1 
ATOM   557  N N   . ARG A 1 88  ? 16.221  1.394   -2.022  1.00 77.13  ?  80  ARG A N   1 
ATOM   558  C CA  . ARG A 1 88  ? 17.298  0.545   -1.527  1.00 79.22  ?  80  ARG A CA  1 
ATOM   559  C C   . ARG A 1 88  ? 16.859  -0.072  -0.188  1.00 70.58  ?  80  ARG A C   1 
ATOM   560  O O   . ARG A 1 88  ? 15.991  0.450   0.457   1.00 72.59  ?  80  ARG A O   1 
ATOM   561  C CB  . ARG A 1 88  ? 18.590  1.375   -1.414  1.00 77.47  ?  80  ARG A CB  1 
ATOM   562  N N   . VAL A 1 89  ? 17.454  -1.184  0.228   1.00 69.12  ?  81  VAL A N   1 
ATOM   563  C CA  . VAL A 1 89  ? 17.168  -1.776  1.546   1.00 61.52  ?  81  VAL A CA  1 
ATOM   564  C C   . VAL A 1 89  ? 17.559  -0.853  2.708   1.00 72.41  ?  81  VAL A C   1 
ATOM   565  O O   . VAL A 1 89  ? 18.585  -0.168  2.636   1.00 76.52  ?  81  VAL A O   1 
ATOM   566  C CB  . VAL A 1 89  ? 17.845  -3.145  1.731   1.00 57.12  ?  81  VAL A CB  1 
ATOM   567  C CG1 . VAL A 1 89  ? 17.768  -3.684  3.165   1.00 65.45  ?  81  VAL A CG1 1 
ATOM   568  C CG2 . VAL A 1 89  ? 17.168  -4.145  0.855   1.00 59.62  ?  81  VAL A CG2 1 
ATOM   569  N N   . HIS A 1 90  ? 16.711  -0.885  3.760   1.00 68.79  ?  82  HIS A N   1 
ATOM   570  C CA  . HIS A 1 90  ? 16.626  0.063   4.883   1.00 57.62  ?  82  HIS A CA  1 
ATOM   571  C C   . HIS A 1 90  ? 16.341  1.492   4.489   1.00 59.13  ?  82  HIS A C   1 
ATOM   572  O O   . HIS A 1 90  ? 16.427  2.372   5.335   1.00 67.70  ?  82  HIS A O   1 
ATOM   573  C CB  . HIS A 1 90  ? 17.835  -0.024  5.793   1.00 65.32  ?  82  HIS A CB  1 
ATOM   574  C CG  . HIS A 1 90  ? 18.187  -1.429  6.187   1.00 75.57  ?  82  HIS A CG  1 
ATOM   575  N ND1 . HIS A 1 90  ? 19.414  -1.997  5.914   1.00 74.90  ?  82  HIS A ND1 1 
ATOM   576  C CD2 . HIS A 1 90  ? 17.458  -2.390  6.799   1.00 78.66  ?  82  HIS A CD2 1 
ATOM   577  C CE1 . HIS A 1 90  ? 19.431  -3.239  6.362   1.00 76.40  ?  82  HIS A CE1 1 
ATOM   578  N NE2 . HIS A 1 90  ? 18.253  -3.504  6.895   1.00 79.12  ?  82  HIS A NE2 1 
ATOM   579  N N   . GLU A 1 91  ? 15.948  1.744   3.240   1.00 57.52  ?  83  GLU A N   1 
ATOM   580  C CA  . GLU A 1 91  ? 15.533  3.094   2.851   1.00 61.87  ?  83  GLU A CA  1 
ATOM   581  C C   . GLU A 1 91  ? 14.192  3.396   3.535   1.00 63.64  ?  83  GLU A C   1 
ATOM   582  O O   . GLU A 1 91  ? 13.387  2.499   3.737   1.00 65.68  ?  83  GLU A O   1 
ATOM   583  C CB  . GLU A 1 91  ? 15.389  3.221   1.332   1.00 67.36  ?  83  GLU A CB  1 
ATOM   584  C CG  . GLU A 1 91  ? 14.965  4.608   0.857   1.00 78.84  ?  83  GLU A CG  1 
ATOM   585  C CD  . GLU A 1 91  ? 15.233  4.852   -0.625  1.00 88.02  ?  83  GLU A CD  1 
ATOM   586  O OE1 . GLU A 1 91  ? 16.346  4.511   -1.115  1.00 100.60 ?  83  GLU A OE1 1 
ATOM   587  O OE2 . GLU A 1 91  ? 14.332  5.414   -1.296  1.00 74.66  -1 83  GLU A OE2 1 
ATOM   588  N N   . VAL A 1 92  ? 14.005  4.642   3.934   1.00 60.19  ?  84  VAL A N   1 
ATOM   589  C CA  . VAL A 1 92  ? 12.742  5.145   4.397   1.00 60.75  ?  84  VAL A CA  1 
ATOM   590  C C   . VAL A 1 92  ? 12.477  6.294   3.486   1.00 59.75  ?  84  VAL A C   1 
ATOM   591  O O   . VAL A 1 92  ? 13.292  7.210   3.432   1.00 63.14  ?  84  VAL A O   1 
ATOM   592  C CB  . VAL A 1 92  ? 12.775  5.707   5.846   1.00 68.73  ?  84  VAL A CB  1 
ATOM   593  C CG1 . VAL A 1 92  ? 11.429  6.360   6.208   1.00 67.98  ?  84  VAL A CG1 1 
ATOM   594  C CG2 . VAL A 1 92  ? 13.110  4.622   6.857   1.00 70.79  ?  84  VAL A CG2 1 
ATOM   595  N N   . ALA A 1 93  ? 11.338  6.265   2.796   1.00 62.67  ?  85  ALA A N   1 
ATOM   596  C CA  . ALA A 1 93  ? 11.010  7.251   1.755   1.00 59.46  ?  85  ALA A CA  1 
ATOM   597  C C   . ALA A 1 93  ? 9.571   7.698   1.900   1.00 60.17  ?  85  ALA A C   1 
ATOM   598  O O   . ALA A 1 93  ? 8.715   6.956   2.355   1.00 60.01  ?  85  ALA A O   1 
ATOM   599  C CB  . ALA A 1 93  ? 11.216  6.641   0.398   1.00 56.97  ?  85  ALA A CB  1 
ATOM   600  N N   . GLU A 1 94  ? 9.334   8.940   1.533   1.00 61.99  ?  86  GLU A N   1 
ATOM   601  C CA  . GLU A 1 94  ? 8.035   9.524   1.576   1.00 61.19  ?  86  GLU A CA  1 
ATOM   602  C C   . GLU A 1 94  ? 7.635   9.702   0.147   1.00 61.73  ?  86  GLU A C   1 
ATOM   603  O O   . GLU A 1 94  ? 8.370   10.316  -0.603  1.00 72.10  ?  86  GLU A O   1 
ATOM   604  C CB  . GLU A 1 94  ? 8.074   10.865  2.257   1.00 63.90  ?  86  GLU A CB  1 
ATOM   605  C CG  . GLU A 1 94  ? 6.684   11.421  2.487   1.00 73.33  ?  86  GLU A CG  1 
ATOM   606  C CD  . GLU A 1 94  ? 6.668   12.753  3.228   1.00 74.57  ?  86  GLU A CD  1 
ATOM   607  O OE1 . GLU A 1 94  ? 6.330   13.806  2.613   1.00 69.25  ?  86  GLU A OE1 1 
ATOM   608  O OE2 . GLU A 1 94  ? 6.948   12.740  4.445   1.00 87.83  -1 86  GLU A OE2 1 
ATOM   609  N N   . PHE A 1 95  ? 6.478   9.148   -0.225  1.00 69.43  ?  87  PHE A N   1 
ATOM   610  C CA  . PHE A 1 95  ? 5.911   9.252   -1.578  1.00 68.73  ?  87  PHE A CA  1 
ATOM   611  C C   . PHE A 1 95  ? 4.583   10.018  -1.557  1.00 71.36  ?  87  PHE A C   1 
ATOM   612  O O   . PHE A 1 95  ? 3.563   9.491   -1.074  1.00 67.64  ?  87  PHE A O   1 
ATOM   613  C CB  . PHE A 1 95  ? 5.645   7.873   -2.144  1.00 62.80  ?  87  PHE A CB  1 
ATOM   614  C CG  . PHE A 1 95  ? 6.874   6.993   -2.330  1.00 60.41  ?  87  PHE A CG  1 
ATOM   615  C CD1 . PHE A 1 95  ? 7.289   6.130   -1.323  1.00 61.80  ?  87  PHE A CD1 1 
ATOM   616  C CD2 . PHE A 1 95  ? 7.520   6.917   -3.555  1.00 57.80  ?  87  PHE A CD2 1 
ATOM   617  C CE1 . PHE A 1 95  ? 8.356   5.242   -1.508  1.00 58.09  ?  87  PHE A CE1 1 
ATOM   618  C CE2 . PHE A 1 95  ? 8.579   6.027   -3.747  1.00 61.40  ?  87  PHE A CE2 1 
ATOM   619  C CZ  . PHE A 1 95  ? 9.003   5.192   -2.718  1.00 58.85  ?  87  PHE A CZ  1 
ATOM   620  N N   . TRP A 1 96  ? 4.612   11.261  -2.054  1.00 67.81  ?  88  TRP A N   1 
ATOM   621  C CA  . TRP A 1 96  ? 3.395   12.039  -2.264  1.00 70.67  ?  88  TRP A CA  1 
ATOM   622  C C   . TRP A 1 96  ? 2.758   11.609  -3.565  1.00 69.25  ?  88  TRP A C   1 
ATOM   623  O O   . TRP A 1 96  ? 3.466   11.478  -4.555  1.00 68.37  ?  88  TRP A O   1 
ATOM   624  C CB  . TRP A 1 96  ? 3.694   13.518  -2.362  1.00 76.14  ?  88  TRP A CB  1 
ATOM   625  C CG  . TRP A 1 96  ? 2.458   14.257  -2.611  1.00 77.90  ?  88  TRP A CG  1 
ATOM   626  C CD1 . TRP A 1 96  ? 1.534   14.637  -1.691  1.00 82.96  ?  88  TRP A CD1 1 
ATOM   627  C CD2 . TRP A 1 96  ? 1.960   14.652  -3.878  1.00 84.10  ?  88  TRP A CD2 1 
ATOM   628  N NE1 . TRP A 1 96  ? 0.488   15.283  -2.307  1.00 87.43  ?  88  TRP A NE1 1 
ATOM   629  C CE2 . TRP A 1 96  ? 0.721   15.307  -3.652  1.00 81.38  ?  88  TRP A CE2 1 
ATOM   630  C CE3 . TRP A 1 96  ? 2.451   14.539  -5.196  1.00 86.00  ?  88  TRP A CE3 1 
ATOM   631  C CZ2 . TRP A 1 96  ? -0.044  15.846  -4.687  1.00 83.29  ?  88  TRP A CZ2 1 
ATOM   632  C CZ3 . TRP A 1 96  ? 1.687   15.069  -6.242  1.00 89.32  ?  88  TRP A CZ3 1 
ATOM   633  C CH2 . TRP A 1 96  ? 0.444   15.715  -5.977  1.00 90.62  ?  88  TRP A CH2 1 
ATOM   634  N N   . CYS A 1 97  ? 1.433   11.429  -3.574  1.00 71.99  ?  89  CYS A N   1 
ATOM   635  C CA  . CYS A 1 97  ? 0.735   10.805  -4.724  1.00 73.00  ?  89  CYS A CA  1 
ATOM   636  C C   . CYS A 1 97  ? -0.556  11.553  -5.063  1.00 77.71  ?  89  CYS A C   1 
ATOM   637  O O   . CYS A 1 97  ? -1.421  11.759  -4.201  1.00 67.76  ?  89  CYS A O   1 
ATOM   638  C CB  . CYS A 1 97  ? 0.423   9.329   -4.445  1.00 70.84  ?  89  CYS A CB  1 
ATOM   639  S SG  . CYS A 1 97  ? 1.874   8.278   -4.193  1.00 71.61  ?  89  CYS A SG  1 
ATOM   640  N N   . ASP A 1 98  ? -0.674  11.914  -6.342  1.00 90.86  ?  90  ASP A N   1 
ATOM   641  C CA  . ASP A 1 98  ? -1.741  12.783  -6.853  1.00 98.99  ?  90  ASP A CA  1 
ATOM   642  C C   . ASP A 1 98  ? -2.990  11.944  -7.014  1.00 90.85  ?  90  ASP A C   1 
ATOM   643  O O   . ASP A 1 98  ? -2.893  10.737  -7.211  1.00 93.05  ?  90  ASP A O   1 
ATOM   644  C CB  . ASP A 1 98  ? -1.321  13.402  -8.216  1.00 104.35 ?  90  ASP A CB  1 
ATOM   645  C CG  . ASP A 1 98  ? -1.951  14.787  -8.490  1.00 103.50 ?  90  ASP A CG  1 
ATOM   646  O OD1 . ASP A 1 98  ? -3.064  15.101  -7.999  1.00 91.94  ?  90  ASP A OD1 1 
ATOM   647  O OD2 . ASP A 1 98  ? -1.308  15.571  -9.229  1.00 107.99 -1 90  ASP A OD2 1 
ATOM   648  N N   . THR A 1 99  ? -4.155  12.576  -6.923  1.00 87.44  ?  91  THR A N   1 
ATOM   649  C CA  . THR A 1 99  ? -5.434  11.877  -7.044  1.00 82.23  ?  91  THR A CA  1 
ATOM   650  C C   . THR A 1 99  ? -5.419  10.690  -8.011  1.00 73.07  ?  91  THR A C   1 
ATOM   651  O O   . THR A 1 99  ? -5.817  9.582   -7.649  1.00 72.44  ?  91  THR A O   1 
ATOM   652  C CB  . THR A 1 99  ? -6.561  12.842  -7.464  1.00 83.95  ?  91  THR A CB  1 
ATOM   653  O OG1 . THR A 1 99  ? -6.389  14.099  -6.797  1.00 85.35  ?  91  THR A OG1 1 
ATOM   654  C CG2 . THR A 1 99  ? -7.920  12.262  -7.103  1.00 83.40  ?  91  THR A CG2 1 
ATOM   655  N N   . ILE A 1 100 ? -4.965  10.934  -9.236  1.00 81.34  ?  92  ILE A N   1 
ATOM   656  C CA  . ILE A 1 100 ? -4.905  9.909   -10.281 1.00 89.83  ?  92  ILE A CA  1 
ATOM   657  C C   . ILE A 1 100 ? -4.583  8.494   -9.794  1.00 92.62  ?  92  ILE A C   1 
ATOM   658  O O   . ILE A 1 100 ? -5.094  7.514   -10.336 1.00 92.04  ?  92  ILE A O   1 
ATOM   659  C CB  . ILE A 1 100 ? -3.866  10.320  -11.342 1.00 30.00  ?  92  ILE A CB  1 
ATOM   660  N N   . HIS A 1 101 ? -3.736  8.391   -8.775  1.00 88.99  ?  93  HIS A N   1 
ATOM   661  C CA  . HIS A 1 101 ? -3.337  7.089   -8.228  1.00 80.97  ?  93  HIS A CA  1 
ATOM   662  C C   . HIS A 1 101 ? -3.872  6.667   -6.853  1.00 70.32  ?  93  HIS A C   1 
ATOM   663  O O   . HIS A 1 101 ? -3.544  5.579   -6.380  1.00 64.96  ?  93  HIS A O   1 
ATOM   664  C CB  . HIS A 1 101 ? -1.808  6.969   -8.233  1.00 78.44  ?  93  HIS A CB  1 
ATOM   665  C CG  . HIS A 1 101 ? -1.146  7.730   -9.340  1.00 81.99  ?  93  HIS A CG  1 
ATOM   666  N ND1 . HIS A 1 101 ? -0.476  7.111   -10.371 1.00 82.49  ?  93  HIS A ND1 1 
ATOM   667  C CD2 . HIS A 1 101 ? -1.052  9.060   -9.576  1.00 83.81  ?  93  HIS A CD2 1 
ATOM   668  C CE1 . HIS A 1 101 ? 0.003   8.025   -11.196 1.00 83.25  ?  93  HIS A CE1 1 
ATOM   669  N NE2 . HIS A 1 101 ? -0.333  9.217   -10.735 1.00 89.58  ?  93  HIS A NE2 1 
ATOM   670  N N   . THR A 1 102 ? -4.683  7.499   -6.210  1.00 63.53  ?  94  THR A N   1 
ATOM   671  C CA  . THR A 1 102 ? -5.207  7.136   -4.917  1.00 64.34  ?  94  THR A CA  1 
ATOM   672  C C   . THR A 1 102 ? -6.599  6.578   -4.903  1.00 68.26  ?  94  THR A C   1 
ATOM   673  O O   . THR A 1 102 ? -7.074  6.183   -3.870  1.00 70.47  ?  94  THR A O   1 
ATOM   674  C CB  . THR A 1 102 ? -5.171  8.319   -3.962  1.00 73.64  ?  94  THR A CB  1 
ATOM   675  O OG1 . THR A 1 102 ? -6.274  9.176   -4.231  1.00 77.96  ?  94  THR A OG1 1 
ATOM   676  C CG2 . THR A 1 102 ? -3.914  9.088   -4.140  1.00 81.46  ?  94  THR A CG2 1 
ATOM   677  N N   . GLY A 1 103 ? -7.255  6.535   -6.046  1.00 72.48  ?  95  GLY A N   1 
ATOM   678  C CA  . GLY A 1 103 ? -8.617  6.046   -6.121  1.00 62.41  ?  95  GLY A CA  1 
ATOM   679  C C   . GLY A 1 103 ? -8.914  4.645   -5.661  1.00 56.02  ?  95  GLY A C   1 
ATOM   680  O O   . GLY A 1 103 ? -9.956  4.376   -5.108  1.00 57.63  ?  95  GLY A O   1 
ATOM   681  N N   . VAL A 1 104 ? -7.991  3.747   -5.905  1.00 55.09  ?  96  VAL A N   1 
ATOM   682  C CA  . VAL A 1 104 ? -8.189  2.382   -5.525  1.00 62.01  ?  96  VAL A CA  1 
ATOM   683  C C   . VAL A 1 104 ? -7.746  2.124   -4.116  1.00 56.35  ?  96  VAL A C   1 
ATOM   684  O O   . VAL A 1 104 ? -8.024  1.091   -3.577  1.00 60.10  ?  96  VAL A O   1 
ATOM   685  C CB  . VAL A 1 104 ? -7.422  1.459   -6.463  1.00 69.79  ?  96  VAL A CB  1 
ATOM   686  C CG1 . VAL A 1 104 ? -5.963  1.840   -6.498  1.00 74.63  ?  96  VAL A CG1 1 
ATOM   687  C CG2 . VAL A 1 104 ? -7.582  0.021   -6.037  1.00 78.68  ?  96  VAL A CG2 1 
ATOM   688  N N   . TYR A 1 105 ? -7.069  3.074   -3.510  1.00 56.04  ?  97  TYR A N   1 
ATOM   689  C CA  . TYR A 1 105 ? -6.559  2.832   -2.141  1.00 53.25  ?  97  TYR A CA  1 
ATOM   690  C C   . TYR A 1 105 ? -7.603  2.250   -1.178  1.00 54.63  ?  97  TYR A C   1 
ATOM   691  O O   . TYR A 1 105 ? -7.320  1.250   -0.504  1.00 57.67  ?  97  TYR A O   1 
ATOM   692  C CB  . TYR A 1 105 ? -5.819  4.050   -1.502  1.00 55.28  ?  97  TYR A CB  1 
ATOM   693  C CG  . TYR A 1 105 ? -5.137  3.636   -0.191  1.00 57.63  ?  97  TYR A CG  1 
ATOM   694  C CD1 . TYR A 1 105 ? -4.012  2.841   -0.198  1.00 55.94  ?  97  TYR A CD1 1 
ATOM   695  C CD2 . TYR A 1 105 ? -5.680  3.946   1.035   1.00 59.77  ?  97  TYR A CD2 1 
ATOM   696  C CE1 . TYR A 1 105 ? -3.426  2.408   0.972   1.00 56.50  ?  97  TYR A CE1 1 
ATOM   697  C CE2 . TYR A 1 105 ? -5.089  3.523   2.210   1.00 63.25  ?  97  TYR A CE2 1 
ATOM   698  C CZ  . TYR A 1 105 ? -3.952  2.750   2.166   1.00 56.93  ?  97  TYR A CZ  1 
ATOM   699  O OH  . TYR A 1 105 ? -3.348  2.318   3.327   1.00 54.87  ?  97  TYR A OH  1 
ATOM   700  N N   . PRO A 1 106 ? -8.822  2.823   -1.130  1.00 55.16  ?  98  PRO A N   1 
ATOM   701  C CA  . PRO A 1 106 ? -9.753  2.264   -0.126  1.00 52.52  ?  98  PRO A CA  1 
ATOM   702  C C   . PRO A 1 106 ? -10.064 0.807   -0.324  1.00 57.82  ?  98  PRO A C   1 
ATOM   703  O O   . PRO A 1 106 ? -10.186 0.087   0.667   1.00 68.69  ?  98  PRO A O   1 
ATOM   704  C CB  . PRO A 1 106 ? -10.995 3.117   -0.262  1.00 53.22  ?  98  PRO A CB  1 
ATOM   705  C CG  . PRO A 1 106 ? -10.438 4.433   -0.696  1.00 61.26  ?  98  PRO A CG  1 
ATOM   706  C CD  . PRO A 1 106 ? -9.275  4.127   -1.629  1.00 55.11  ?  98  PRO A CD  1 
ATOM   707  N N   . ILE A 1 107 ? -10.108 0.331   -1.567  1.00 60.24  ?  99  ILE A N   1 
ATOM   708  C CA  . ILE A 1 107 ? -10.398 -1.088  -1.759  1.00 58.44  ?  99  ILE A CA  1 
ATOM   709  C C   . ILE A 1 107 ? -9.201  -1.912  -1.373  1.00 58.49  ?  99  ILE A C   1 
ATOM   710  O O   . ILE A 1 107 ? -9.322  -3.019  -0.864  1.00 58.07  ?  99  ILE A O   1 
ATOM   711  C CB  . ILE A 1 107 ? -10.892 -1.387  -3.174  1.00 61.44  ?  99  ILE A CB  1 
ATOM   712  C CG1 . ILE A 1 107 ? -12.326 -0.834  -3.335  1.00 67.68  ?  99  ILE A CG1 1 
ATOM   713  C CG2 . ILE A 1 107 ? -10.883 -2.881  -3.441  1.00 59.61  ?  99  ILE A CG2 1 
ATOM   714  C CD1 . ILE A 1 107 ? -12.563 -0.183  -4.675  1.00 72.56  ?  99  ILE A CD1 1 
ATOM   715  N N   . LEU A 1 108 ? -8.021  -1.348  -1.618  1.00 62.90  ?  100 LEU A N   1 
ATOM   716  C CA  . LEU A 1 108 ? -6.772  -2.006  -1.269  1.00 66.26  ?  100 LEU A CA  1 
ATOM   717  C C   . LEU A 1 108 ? -6.781  -2.137  0.242   1.00 62.80  ?  100 LEU A C   1 
ATOM   718  O O   . LEU A 1 108 ? -6.719  -3.241  0.783   1.00 65.96  ?  100 LEU A O   1 
ATOM   719  C CB  . LEU A 1 108 ? -5.575  -1.174  -1.727  1.00 84.52  ?  100 LEU A CB  1 
ATOM   720  C CG  . LEU A 1 108 ? -4.233  -1.905  -1.809  1.00 96.44  ?  100 LEU A CG  1 
ATOM   721  C CD1 . LEU A 1 108 ? -4.437  -3.359  -2.205  1.00 109.78 ?  100 LEU A CD1 1 
ATOM   722  C CD2 . LEU A 1 108 ? -3.298  -1.206  -2.784  1.00 98.21  ?  100 LEU A CD2 1 
ATOM   723  N N   . SER A 1 109 ? -6.872  -0.998  0.924   1.00 53.80  ?  101 SER A N   1 
ATOM   724  C CA  . SER A 1 109 ? -6.935  -0.997  2.388   1.00 54.23  ?  101 SER A CA  1 
ATOM   725  C C   . SER A 1 109 ? -7.938  -1.958  2.970   1.00 56.42  ?  101 SER A C   1 
ATOM   726  O O   . SER A 1 109 ? -7.623  -2.693  3.908   1.00 63.42  ?  101 SER A O   1 
ATOM   727  C CB  . SER A 1 109 ? -7.301  0.393   2.904   1.00 57.76  ?  101 SER A CB  1 
ATOM   728  O OG  . SER A 1 109 ? -7.280  0.410   4.321   1.00 59.13  ?  101 SER A OG  1 
ATOM   729  N N   . ARG A 1 110 ? -9.169  -1.927  2.464   1.00 57.99  ?  102 ARG A N   1 
ATOM   730  C CA  . ARG A 1 110 ? -10.155 -2.904  2.917   1.00 65.14  ?  102 ARG A CA  1 
ATOM   731  C C   . ARG A 1 110 ? -9.537  -4.303  2.911   1.00 57.41  ?  102 ARG A C   1 
ATOM   732  O O   . ARG A 1 110 ? -9.591  -4.982  3.898   1.00 60.75  ?  102 ARG A O   1 
ATOM   733  C CB  . ARG A 1 110 ? -11.404 -2.888  2.039   1.00 74.65  ?  102 ARG A CB  1 
ATOM   734  C CG  . ARG A 1 110 ? -12.487 -3.886  2.446   1.00 79.59  ?  102 ARG A CG  1 
ATOM   735  C CD  . ARG A 1 110 ? -13.631 -3.872  1.435   1.00 89.70  ?  102 ARG A CD  1 
ATOM   736  N NE  . ARG A 1 110 ? -14.375 -5.127  1.439   1.00 96.85  ?  102 ARG A NE  1 
ATOM   737  C CZ  . ARG A 1 110 ? -13.924 -6.284  0.947   1.00 114.12 ?  102 ARG A CZ  1 
ATOM   738  N NH1 . ARG A 1 110 ? -12.701 -6.386  0.397   1.00 119.44 ?  102 ARG A NH1 1 
ATOM   739  N NH2 . ARG A 1 110 ? -14.703 -7.360  1.014   1.00 115.39 ?  102 ARG A NH2 1 
ATOM   740  N N   . SER A 1 111 ? -8.888  -4.673  1.812   1.00 58.71  ?  103 SER A N   1 
ATOM   741  C CA  . SER A 1 111 ? -8.286  -5.988  1.646   1.00 65.70  ?  103 SER A CA  1 
ATOM   742  C C   . SER A 1 111 ? -7.176  -6.267  2.646   1.00 66.51  ?  103 SER A C   1 
ATOM   743  O O   . SER A 1 111 ? -7.076  -7.385  3.158   1.00 63.59  ?  103 SER A O   1 
ATOM   744  C CB  . SER A 1 111 ? -7.824  -6.204  0.193   1.00 68.38  ?  103 SER A CB  1 
ATOM   745  O OG  . SER A 1 111 ? -8.972  -6.226  -0.667  1.00 74.09  ?  103 SER A OG  1 
ATOM   746  N N   . LEU A 1 112 ? -6.393  -5.248  2.975   1.00 68.15  ?  104 LEU A N   1 
ATOM   747  C CA  . LEU A 1 112 ? -5.295  -5.413  3.954   1.00 71.75  ?  104 LEU A CA  1 
ATOM   748  C C   . LEU A 1 112 ? -5.855  -5.616  5.329   1.00 70.54  ?  104 LEU A C   1 
ATOM   749  O O   . LEU A 1 112 ? -5.453  -6.540  6.036   1.00 72.01  ?  104 LEU A O   1 
ATOM   750  C CB  . LEU A 1 112 ? -4.305  -4.225  3.961   1.00 67.36  ?  104 LEU A CB  1 
ATOM   751  C CG  . LEU A 1 112 ? -3.723  -3.902  2.581   1.00 73.13  ?  104 LEU A CG  1 
ATOM   752  C CD1 . LEU A 1 112 ? -2.866  -2.646  2.627   1.00 75.53  ?  104 LEU A CD1 1 
ATOM   753  C CD2 . LEU A 1 112 ? -3.009  -5.095  1.928   1.00 71.11  ?  104 LEU A CD2 1 
ATOM   754  N N   . ARG A 1 113 ? -6.810  -4.780  5.700   1.00 67.50  ?  105 ARG A N   1 
ATOM   755  C CA  . ARG A 1 113 ? -7.444  -4.949  6.998   1.00 59.63  ?  105 ARG A CA  1 
ATOM   756  C C   . ARG A 1 113 ? -8.041  -6.339  7.205   1.00 58.10  ?  105 ARG A C   1 
ATOM   757  O O   . ARG A 1 113 ? -7.941  -6.871  8.311   1.00 69.25  ?  105 ARG A O   1 
ATOM   758  C CB  . ARG A 1 113 ? -8.452  -3.848  7.249   1.00 54.00  ?  105 ARG A CB  1 
ATOM   759  C CG  . ARG A 1 113 ? -7.777  -2.488  7.366   1.00 51.77  ?  105 ARG A CG  1 
ATOM   760  C CD  . ARG A 1 113 ? -8.800  -1.373  7.476   1.00 53.49  ?  105 ARG A CD  1 
ATOM   761  N NE  . ARG A 1 113 ? -8.207  -0.060  7.290   1.00 50.71  ?  105 ARG A NE  1 
ATOM   762  C CZ  . ARG A 1 113 ? -8.794  1.088   7.591   1.00 57.90  ?  105 ARG A CZ  1 
ATOM   763  N NH1 . ARG A 1 113 ? -10.042 1.121   8.069   1.00 62.70  ?  105 ARG A NH1 1 
ATOM   764  N NH2 . ARG A 1 113 ? -8.130  2.225   7.404   1.00 62.36  ?  105 ARG A NH2 1 
ATOM   765  N N   . GLN A 1 114 ? -8.610  -6.951  6.163   1.00 63.16  ?  106 GLN A N   1 
ATOM   766  C CA  . GLN A 1 114 ? -9.111  -8.331  6.267   1.00 69.00  ?  106 GLN A CA  1 
ATOM   767  C C   . GLN A 1 114 ? -7.980  -9.344  6.456   1.00 77.88  ?  106 GLN A C   1 
ATOM   768  O O   . GLN A 1 114 ? -8.088  -10.221 7.295   1.00 89.92  ?  106 GLN A O   1 
ATOM   769  C CB  . GLN A 1 114 ? -9.899  -8.721  5.038   1.00 70.04  ?  106 GLN A CB  1 
ATOM   770  C CG  . GLN A 1 114 ? -11.311 -8.188  4.986   1.00 74.61  ?  106 GLN A CG  1 
ATOM   771  C CD  . GLN A 1 114 ? -11.937 -8.456  3.619   1.00 92.12  ?  106 GLN A CD  1 
ATOM   772  O OE1 . GLN A 1 114 ? -11.259 -8.902  2.684   1.00 84.58  ?  106 GLN A OE1 1 
ATOM   773  N NE2 . GLN A 1 114 ? -13.237 -8.183  3.492   1.00 104.18 ?  106 GLN A NE2 1 
ATOM   774  N N   . MET A 1 115 ? -6.911  -9.227  5.667   1.00 90.71  ?  107 MET A N   1 
ATOM   775  C CA  . MET A 1 115 ? -5.716  -10.074 5.818   1.00 92.61  ?  107 MET A CA  1 
ATOM   776  C C   . MET A 1 115 ? -5.103  -9.918  7.221   1.00 94.42  ?  107 MET A C   1 
ATOM   777  O O   . MET A 1 115 ? -4.653  -10.903 7.818   1.00 107.83 ?  107 MET A O   1 
ATOM   778  C CB  . MET A 1 115 ? -4.672  -9.763  4.736   1.00 94.85  ?  107 MET A CB  1 
ATOM   779  N N   . ALA A 1 116 ? -5.127  -8.701  7.764   1.00 87.64  ?  108 ALA A N   1 
ATOM   780  C CA  . ALA A 1 116 ? -4.661  -8.453  9.143   1.00 84.13  ?  108 ALA A CA  1 
ATOM   781  C C   . ALA A 1 116 ? -5.450  -9.181  10.243  1.00 85.62  ?  108 ALA A C   1 
ATOM   782  O O   . ALA A 1 116 ? -4.932  -9.364  11.327  1.00 90.74  ?  108 ALA A O   1 
ATOM   783  C CB  . ALA A 1 116 ? -4.599  -6.958  9.450   1.00 76.31  ?  108 ALA A CB  1 
ATOM   784  N N   . GLN A 1 117 ? -6.689  -9.585  9.983   1.00 94.69  ?  109 GLN A N   1 
ATOM   785  C CA  . GLN A 1 117 ? -7.435  -10.429 10.923  1.00 95.68  ?  109 GLN A CA  1 
ATOM   786  C C   . GLN A 1 117 ? -7.371  -11.916 10.510  1.00 99.16  ?  109 GLN A C   1 
ATOM   787  O O   . GLN A 1 117 ? -8.273  -12.689 10.841  1.00 94.24  ?  109 GLN A O   1 
ATOM   788  C CB  . GLN A 1 117 ? -8.894  -9.983  10.978  1.00 94.90  ?  109 GLN A CB  1 
ATOM   789  C CG  . GLN A 1 117 ? -9.134  -8.479  11.135  1.00 100.97 ?  109 GLN A CG  1 
ATOM   790  C CD  . GLN A 1 117 ? -10.456 -8.036  10.508  1.00 102.34 ?  109 GLN A CD  1 
ATOM   791  O OE1 . GLN A 1 117 ? -11.270 -8.871  10.115  1.00 102.18 ?  109 GLN A OE1 1 
ATOM   792  N NE2 . GLN A 1 117 ? -10.669 -6.721  10.396  1.00 97.97  ?  109 GLN A NE2 1 
ATOM   793  N N   . GLY A 1 118 ? -6.340  -12.312 9.756   1.00 98.56  ?  110 GLY A N   1 
ATOM   794  C CA  . GLY A 1 118 ? -6.242  -13.672 9.228   1.00 102.88 ?  110 GLY A CA  1 
ATOM   795  C C   . GLY A 1 118 ? -7.410  -14.169 8.376   1.00 115.37 ?  110 GLY A C   1 
ATOM   796  O O   . GLY A 1 118 ? -7.474  -15.368 8.081   1.00 118.31 ?  110 GLY A O   1 
ATOM   797  N N   . LYS A 1 119 ? -8.343  -13.279 7.998   1.00 118.53 ?  111 LYS A N   1 
ATOM   798  C CA  . LYS A 1 119 ? -9.374  -13.589 7.001   1.00 107.18 ?  111 LYS A CA  1 
ATOM   799  C C   . LYS A 1 119 ? -8.614  -13.543 5.685   1.00 104.31 ?  111 LYS A C   1 
ATOM   800  O O   . LYS A 1 119 ? -7.719  -12.703 5.516   1.00 98.02  ?  111 LYS A O   1 
ATOM   801  C CB  . LYS A 1 119 ? -10.530 -12.570 7.022   1.00 91.79  ?  111 LYS A CB  1 
ATOM   802  N N   . ASP A 1 120 ? -8.929  -14.480 4.796   1.00 108.91 ?  112 ASP A N   1 
ATOM   803  C CA  . ASP A 1 120 ? -8.250  -14.612 3.513   1.00 117.06 ?  112 ASP A CA  1 
ATOM   804  C C   . ASP A 1 120 ? -9.088  -13.875 2.453   1.00 129.26 ?  112 ASP A C   1 
ATOM   805  O O   . ASP A 1 120 ? -10.101 -14.426 1.999   1.00 132.99 ?  112 ASP A O   1 
ATOM   806  C CB  . ASP A 1 120 ? -8.091  -16.105 3.184   1.00 123.02 ?  112 ASP A CB  1 
ATOM   807  C CG  . ASP A 1 120 ? -7.348  -16.364 1.868   1.00 132.96 ?  112 ASP A CG  1 
ATOM   808  O OD1 . ASP A 1 120 ? -6.797  -15.416 1.254   1.00 120.92 -1 112 ASP A OD1 1 
ATOM   809  O OD2 . ASP A 1 120 ? -7.320  -17.546 1.450   1.00 142.10 ?  112 ASP A OD2 1 
ATOM   810  N N   . PRO A 1 121 ? -8.674  -12.636 2.049   1.00 135.01 ?  113 PRO A N   1 
ATOM   811  C CA  . PRO A 1 121 ? -9.490  -11.816 1.124   1.00 133.02 ?  113 PRO A CA  1 
ATOM   812  C C   . PRO A 1 121 ? -9.618  -12.327 -0.321  1.00 133.50 ?  113 PRO A C   1 
ATOM   813  O O   . PRO A 1 121 ? -10.328 -11.697 -1.110  1.00 144.39 ?  113 PRO A O   1 
ATOM   814  C CB  . PRO A 1 121 ? -8.789  -10.446 1.144   1.00 127.32 ?  113 PRO A CB  1 
ATOM   815  C CG  . PRO A 1 121 ? -7.390  -10.745 1.501   1.00 130.34 ?  113 PRO A CG  1 
ATOM   816  C CD  . PRO A 1 121 ? -7.455  -11.905 2.458   1.00 138.60 ?  113 PRO A CD  1 
ATOM   817  N N   . THR A 1 122 ? -8.932  -13.419 -0.669  1.00 120.57 ?  114 THR A N   1 
ATOM   818  C CA  . THR A 1 122 ? -9.167  -14.124 -1.931  1.00 125.92 ?  114 THR A CA  1 
ATOM   819  C C   . THR A 1 122 ? -9.644  -15.586 -1.730  1.00 124.06 ?  114 THR A C   1 
ATOM   820  O O   . THR A 1 122 ? -9.689  -16.358 -2.684  1.00 127.65 ?  114 THR A O   1 
ATOM   821  C CB  . THR A 1 122 ? -7.921  -14.056 -2.856  1.00 129.31 ?  114 THR A CB  1 
ATOM   822  O OG1 . THR A 1 122 ? -6.797  -14.695 -2.229  1.00 138.28 ?  114 THR A OG1 1 
ATOM   823  C CG2 . THR A 1 122 ? -7.572  -12.594 -3.188  1.00 125.13 ?  114 THR A CG2 1 
ATOM   824  N N   . GLU A 1 123 ? -10.010 -15.964 -0.506  1.00 122.52 ?  115 GLU A N   1 
ATOM   825  C CA  . GLU A 1 123 ? -10.766 -17.200 -0.292  1.00 131.32 ?  115 GLU A CA  1 
ATOM   826  C C   . GLU A 1 123 ? -12.221 -16.896 -0.652  1.00 132.11 ?  115 GLU A C   1 
ATOM   827  O O   . GLU A 1 123 ? -12.675 -15.757 -0.500  1.00 118.02 ?  115 GLU A O   1 
ATOM   828  C CB  . GLU A 1 123 ? -10.626 -17.694 1.156   1.00 130.64 ?  115 GLU A CB  1 
ATOM   829  C CG  . GLU A 1 123 ? -11.227 -19.065 1.445   1.00 127.80 ?  115 GLU A CG  1 
ATOM   830  C CD  . GLU A 1 123 ? -12.609 -19.002 2.077   1.00 137.94 ?  115 GLU A CD  1 
ATOM   831  O OE1 . GLU A 1 123 ? -12.806 -18.193 3.012   1.00 139.56 ?  115 GLU A OE1 1 
ATOM   832  O OE2 . GLU A 1 123 ? -13.505 -19.770 1.648   1.00 140.21 -1 115 GLU A OE2 1 
ATOM   833  N N   . TRP A 1 124 ? -12.936 -17.912 -1.144  1.00 137.94 ?  116 TRP A N   1 
ATOM   834  C CA  . TRP A 1 124 ? -14.294 -17.738 -1.671  1.00 131.82 ?  116 TRP A CA  1 
ATOM   835  C C   . TRP A 1 124 ? -15.247 -17.174 -0.598  1.00 134.16 ?  116 TRP A C   1 
ATOM   836  O O   . TRP A 1 124 ? -15.794 -16.081 -0.758  1.00 149.03 ?  116 TRP A O   1 
ATOM   837  C CB  . TRP A 1 124 ? -14.834 -19.059 -2.291  1.00 124.47 ?  116 TRP A CB  1 
ATOM   838  C CG  . TRP A 1 124 ? -16.103 -18.859 -3.090  1.00 125.50 ?  116 TRP A CG  1 
ATOM   839  C CD1 . TRP A 1 124 ? -16.215 -18.622 -4.446  1.00 124.19 ?  116 TRP A CD1 1 
ATOM   840  C CD2 . TRP A 1 124 ? -17.439 -18.831 -2.566  1.00 121.29 ?  116 TRP A CD2 1 
ATOM   841  N NE1 . TRP A 1 124 ? -17.541 -18.455 -4.789  1.00 120.99 ?  116 TRP A NE1 1 
ATOM   842  C CE2 . TRP A 1 124 ? -18.313 -18.573 -3.656  1.00 120.97 ?  116 TRP A CE2 1 
ATOM   843  C CE3 . TRP A 1 124 ? -17.984 -18.995 -1.277  1.00 113.04 ?  116 TRP A CE3 1 
ATOM   844  C CZ2 . TRP A 1 124 ? -19.712 -18.479 -3.489  1.00 115.32 ?  116 TRP A CZ2 1 
ATOM   845  C CZ3 . TRP A 1 124 ? -19.373 -18.896 -1.110  1.00 115.54 ?  116 TRP A CZ3 1 
ATOM   846  C CH2 . TRP A 1 124 ? -20.219 -18.646 -2.214  1.00 116.28 ?  116 TRP A CH2 1 
ATOM   847  N N   . HIS A 1 125 ? -15.410 -17.907 0.496   1.00 132.99 ?  117 HIS A N   1 
ATOM   848  C CA  . HIS A 1 125 ? -16.380 -17.573 1.554   1.00 132.94 ?  117 HIS A CA  1 
ATOM   849  C C   . HIS A 1 125 ? -16.315 -16.127 2.102   1.00 129.40 ?  117 HIS A C   1 
ATOM   850  O O   . HIS A 1 125 ? -17.340 -15.578 2.536   1.00 114.42 ?  117 HIS A O   1 
ATOM   851  C CB  . HIS A 1 125 ? -16.248 -18.580 2.707   1.00 139.79 ?  117 HIS A CB  1 
ATOM   852  C CG  . HIS A 1 125 ? -17.540 -18.888 3.391   1.00 146.20 ?  117 HIS A CG  1 
ATOM   853  N ND1 . HIS A 1 125 ? -18.381 -19.894 2.962   1.00 148.80 ?  117 HIS A ND1 1 
ATOM   854  C CD2 . HIS A 1 125 ? -18.131 -18.335 4.476   1.00 137.13 ?  117 HIS A CD2 1 
ATOM   855  C CE1 . HIS A 1 125 ? -19.436 -19.945 3.755   1.00 142.95 ?  117 HIS A CE1 1 
ATOM   856  N NE2 . HIS A 1 125 ? -19.308 -19.012 4.682   1.00 143.47 ?  117 HIS A NE2 1 
ATOM   857  N N   . VAL A 1 126 ? -15.121 -15.526 2.081   1.00 116.14 ?  118 VAL A N   1 
ATOM   858  C CA  . VAL A 1 126 ? -14.919 -14.139 2.525   1.00 119.61 ?  118 VAL A CA  1 
ATOM   859  C C   . VAL A 1 126 ? -15.063 -13.148 1.355   1.00 117.25 ?  118 VAL A C   1 
ATOM   860  O O   . VAL A 1 126 ? -15.651 -12.062 1.509   1.00 104.04 ?  118 VAL A O   1 
ATOM   861  C CB  . VAL A 1 126 ? -13.536 -13.971 3.202   1.00 125.44 ?  118 VAL A CB  1 
ATOM   862  C CG1 . VAL A 1 126 ? -13.340 -12.543 3.699   1.00 132.90 ?  118 VAL A CG1 1 
ATOM   863  C CG2 . VAL A 1 126 ? -13.391 -14.949 4.358   1.00 131.36 ?  118 VAL A CG2 1 
ATOM   864  N N   . HIS A 1 127 ? -14.497 -13.517 0.204   1.00 110.76 ?  119 HIS A N   1 
ATOM   865  C CA  . HIS A 1 127 ? -14.705 -12.793 -1.052  1.00 110.95 ?  119 HIS A CA  1 
ATOM   866  C C   . HIS A 1 127 ? -16.210 -12.580 -1.319  1.00 97.93  ?  119 HIS A C   1 
ATOM   867  O O   . HIS A 1 127 ? -16.653 -11.471 -1.599  1.00 98.02  ?  119 HIS A O   1 
ATOM   868  C CB  . HIS A 1 127 ? -14.028 -13.552 -2.209  1.00 119.51 ?  119 HIS A CB  1 
ATOM   869  C CG  . HIS A 1 127 ? -14.338 -13.009 -3.571  1.00 130.90 ?  119 HIS A CG  1 
ATOM   870  N ND1 . HIS A 1 127 ? -14.863 -13.788 -4.583  1.00 132.19 ?  119 HIS A ND1 1 
ATOM   871  C CD2 . HIS A 1 127 ? -14.196 -11.765 -4.084  1.00 133.10 ?  119 HIS A CD2 1 
ATOM   872  C CE1 . HIS A 1 127 ? -15.031 -13.042 -5.662  1.00 140.68 ?  119 HIS A CE1 1 
ATOM   873  N NE2 . HIS A 1 127 ? -14.634 -11.811 -5.386  1.00 139.03 ?  119 HIS A NE2 1 
ATOM   874  N N   . THR A 1 128 ? -16.987 -13.637 -1.179  1.00 87.80  ?  120 THR A N   1 
ATOM   875  C CA  . THR A 1 128 ? -18.411 -13.584 -1.458  1.00 88.56  ?  120 THR A CA  1 
ATOM   876  C C   . THR A 1 128 ? -19.210 -12.809 -0.403  1.00 88.13  ?  120 THR A C   1 
ATOM   877  O O   . THR A 1 128 ? -20.066 -12.010 -0.764  1.00 85.90  ?  120 THR A O   1 
ATOM   878  C CB  . THR A 1 128 ? -18.950 -15.004 -1.682  1.00 85.15  ?  120 THR A CB  1 
ATOM   879  O OG1 . THR A 1 128 ? -18.234 -15.581 -2.787  1.00 79.73  ?  120 THR A OG1 1 
ATOM   880  C CG2 . THR A 1 128 ? -20.444 -14.988 -1.987  1.00 84.48  ?  120 THR A CG2 1 
ATOM   881  N N   . CYS A 1 129 ? -18.937 -13.032 0.881   1.00 96.77  ?  121 CYS A N   1 
ATOM   882  C CA  . CYS A 1 129 ? -19.495 -12.166 1.960   1.00 105.88 ?  121 CYS A CA  1 
ATOM   883  C C   . CYS A 1 129 ? -19.156 -10.681 1.743   1.00 96.84  ?  121 CYS A C   1 
ATOM   884  O O   . CYS A 1 129 ? -19.977 -9.797  2.037   1.00 93.85  ?  121 CYS A O   1 
ATOM   885  C CB  . CYS A 1 129 ? -18.973 -12.572 3.361   1.00 118.76 ?  121 CYS A CB  1 
ATOM   886  S SG  . CYS A 1 129 ? -19.952 -13.781 4.292   1.00 128.50 ?  121 CYS A SG  1 
ATOM   887  N N   . GLY A 1 130 ? -17.937 -10.421 1.272   1.00 74.98  ?  122 GLY A N   1 
ATOM   888  C CA  . GLY A 1 130 ? -17.500 -9.067  0.986   1.00 77.84  ?  122 GLY A CA  1 
ATOM   889  C C   . GLY A 1 130 ? -18.304 -8.358  -0.089  1.00 80.85  ?  122 GLY A C   1 
ATOM   890  O O   . GLY A 1 130 ? -18.681 -7.183  0.069   1.00 77.24  ?  122 GLY A O   1 
ATOM   891  N N   . LEU A 1 131 ? -18.545 -9.071  -1.195  1.00 78.78  ?  123 LEU A N   1 
ATOM   892  C CA  . LEU A 1 131 ? -19.353 -8.549  -2.300  1.00 71.46  ?  123 LEU A CA  1 
ATOM   893  C C   . LEU A 1 131 ? -20.783 -8.424  -1.810  1.00 67.67  ?  123 LEU A C   1 
ATOM   894  O O   . LEU A 1 131 ? -21.462 -7.432  -2.073  1.00 67.17  ?  123 LEU A O   1 
ATOM   895  C CB  . LEU A 1 131 ? -19.273 -9.449  -3.554  1.00 70.71  ?  123 LEU A CB  1 
ATOM   896  C CG  . LEU A 1 131 ? -17.898 -9.541  -4.244  1.00 77.42  ?  123 LEU A CG  1 
ATOM   897  C CD1 . LEU A 1 131 ? -17.765 -10.742 -5.172  1.00 75.47  ?  123 LEU A CD1 1 
ATOM   898  C CD2 . LEU A 1 131 ? -17.609 -8.274  -5.029  1.00 90.70  ?  123 LEU A CD2 1 
ATOM   899  N N   . ALA A 1 132 ? -21.235 -9.437  -1.081  1.00 71.82  ?  124 ALA A N   1 
ATOM   900  C CA  . ALA A 1 132 ? -22.562 -9.411  -0.477  1.00 70.34  ?  124 ALA A CA  1 
ATOM   901  C C   . ALA A 1 132 ? -22.788 -8.076  0.260   1.00 71.45  ?  124 ALA A C   1 
ATOM   902  O O   . ALA A 1 132 ? -23.663 -7.284  -0.133  1.00 70.05  ?  124 ALA A O   1 
ATOM   903  C CB  . ALA A 1 132 ? -22.735 -10.598 0.463   1.00 69.61  ?  124 ALA A CB  1 
ATOM   904  N N   . ASN A 1 133 ? -21.967 -7.810  1.282   1.00 62.77  ?  125 ASN A N   1 
ATOM   905  C CA  . ASN A 1 133 ? -22.138 -6.622  2.081   1.00 63.54  ?  125 ASN A CA  1 
ATOM   906  C C   . ASN A 1 133 ? -21.906 -5.383  1.278   1.00 66.44  ?  125 ASN A C   1 
ATOM   907  O O   . ASN A 1 133 ? -22.674 -4.420  1.407   1.00 66.11  ?  125 ASN A O   1 
ATOM   908  C CB  . ASN A 1 133 ? -21.238 -6.630  3.310   1.00 70.54  ?  125 ASN A CB  1 
ATOM   909  C CG  . ASN A 1 133 ? -21.786 -7.521  4.373   1.00 77.08  ?  125 ASN A CG  1 
ATOM   910  O OD1 . ASN A 1 133 ? -22.434 -7.057  5.322   1.00 84.77  ?  125 ASN A OD1 1 
ATOM   911  N ND2 . ASN A 1 133 ? -21.624 -8.824  4.174   1.00 89.38  ?  125 ASN A ND2 1 
ATOM   912  N N   . MET A 1 134 ? -20.872 -5.391  0.437   1.00 69.96  ?  126 MET A N   1 
ATOM   913  C CA  . MET A 1 134 ? -20.566 -4.193  -0.315  1.00 76.22  ?  126 MET A CA  1 
ATOM   914  C C   . MET A 1 134 ? -21.799 -3.772  -1.108  1.00 72.06  ?  126 MET A C   1 
ATOM   915  O O   . MET A 1 134 ? -22.144 -2.579  -1.148  1.00 68.01  ?  126 MET A O   1 
ATOM   916  C CB  . MET A 1 134 ? -19.370 -4.380  -1.241  1.00 87.36  ?  126 MET A CB  1 
ATOM   917  C CG  . MET A 1 134 ? -19.241 -3.232  -2.247  1.00 99.17  ?  126 MET A CG  1 
ATOM   918  S SD  . MET A 1 134 ? -17.606 -3.014  -2.952  1.00 120.77 ?  126 MET A SD  1 
ATOM   919  C CE  . MET A 1 134 ? -16.639 -2.695  -1.480  1.00 119.40 ?  126 MET A CE  1 
ATOM   920  N N   . PHE A 1 135 ? -22.442 -4.768  -1.719  1.00 65.40  ?  127 PHE A N   1 
ATOM   921  C CA  . PHE A 1 135 ? -23.566 -4.549  -2.622  1.00 70.12  ?  127 PHE A CA  1 
ATOM   922  C C   . PHE A 1 135 ? -24.834 -4.197  -1.797  1.00 65.60  ?  127 PHE A C   1 
ATOM   923  O O   . PHE A 1 135 ? -25.506 -3.222  -2.083  1.00 66.21  ?  127 PHE A O   1 
ATOM   924  C CB  . PHE A 1 135 ? -23.762 -5.788  -3.529  1.00 71.03  ?  127 PHE A CB  1 
ATOM   925  C CG  . PHE A 1 135 ? -24.638 -5.537  -4.713  1.00 78.97  ?  127 PHE A CG  1 
ATOM   926  C CD1 . PHE A 1 135 ? -26.027 -5.545  -4.578  1.00 93.49  ?  127 PHE A CD1 1 
ATOM   927  C CD2 . PHE A 1 135 ? -24.100 -5.269  -5.944  1.00 77.17  ?  127 PHE A CD2 1 
ATOM   928  C CE1 . PHE A 1 135 ? -26.855 -5.290  -5.655  1.00 91.02  ?  127 PHE A CE1 1 
ATOM   929  C CE2 . PHE A 1 135 ? -24.914 -5.010  -7.028  1.00 86.91  ?  127 PHE A CE2 1 
ATOM   930  C CZ  . PHE A 1 135 ? -26.294 -5.024  -6.886  1.00 91.12  ?  127 PHE A CZ  1 
ATOM   931  N N   . ALA A 1 136 ? -25.127 -4.968  -0.760  1.00 55.17  ?  128 ALA A N   1 
ATOM   932  C CA  . ALA A 1 136 ? -26.282 -4.705  0.095   1.00 62.62  ?  128 ALA A CA  1 
ATOM   933  C C   . ALA A 1 136 ? -26.249 -3.342  0.796   1.00 70.87  ?  128 ALA A C   1 
ATOM   934  O O   . ALA A 1 136 ? -27.264 -2.670  0.890   1.00 67.44  ?  128 ALA A O   1 
ATOM   935  C CB  . ALA A 1 136 ? -26.379 -5.801  1.148   1.00 61.80  ?  128 ALA A CB  1 
ATOM   936  N N   . TYR A 1 137 ? -25.078 -2.957  1.313   1.00 74.62  ?  129 TYR A N   1 
ATOM   937  C CA  . TYR A 1 137 ? -24.975 -1.833  2.260   1.00 63.33  ?  129 TYR A CA  1 
ATOM   938  C C   . TYR A 1 137 ? -24.224 -0.621  1.751   1.00 63.48  ?  129 TYR A C   1 
ATOM   939  O O   . TYR A 1 137 ? -24.264 0.407   2.417   1.00 69.67  ?  129 TYR A O   1 
ATOM   940  C CB  . TYR A 1 137 ? -24.390 -2.325  3.590   1.00 54.83  ?  129 TYR A CB  1 
ATOM   941  C CG  . TYR A 1 137 ? -25.172 -3.478  4.177   1.00 55.78  ?  129 TYR A CG  1 
ATOM   942  C CD1 . TYR A 1 137 ? -26.571 -3.340  4.408   1.00 61.87  ?  129 TYR A CD1 1 
ATOM   943  C CD2 . TYR A 1 137 ? -24.564 -4.699  4.521   1.00 53.33  ?  129 TYR A CD2 1 
ATOM   944  C CE1 . TYR A 1 137 ? -27.337 -4.372  4.960   1.00 52.46  ?  129 TYR A CE1 1 
ATOM   945  C CE2 . TYR A 1 137 ? -25.332 -5.754  5.080   1.00 57.67  ?  129 TYR A CE2 1 
ATOM   946  C CZ  . TYR A 1 137 ? -26.725 -5.561  5.304   1.00 55.32  ?  129 TYR A CZ  1 
ATOM   947  O OH  . TYR A 1 137 ? -27.550 -6.511  5.822   1.00 56.09  ?  129 TYR A OH  1 
ATOM   948  N N   . HIS A 1 138 ? -23.567 -0.724  0.587   1.00 70.68  ?  130 HIS A N   1 
ATOM   949  C CA  . HIS A 1 138 ? -22.842 0.407   -0.042  1.00 78.59  ?  130 HIS A CA  1 
ATOM   950  C C   . HIS A 1 138 ? -21.717 0.932   0.865   1.00 73.78  ?  130 HIS A C   1 
ATOM   951  O O   . HIS A 1 138 ? -21.592 2.133   1.115   1.00 75.21  ?  130 HIS A O   1 
ATOM   952  C CB  . HIS A 1 138 ? -23.813 1.531   -0.454  1.00 88.90  ?  130 HIS A CB  1 
ATOM   953  C CG  . HIS A 1 138 ? -25.056 1.036   -1.139  1.00 107.61 ?  130 HIS A CG  1 
ATOM   954  N ND1 . HIS A 1 138 ? -25.034 0.431   -2.385  1.00 109.34 ?  130 HIS A ND1 1 
ATOM   955  C CD2 . HIS A 1 138 ? -26.356 1.043   -0.744  1.00 98.04  ?  130 HIS A CD2 1 
ATOM   956  C CE1 . HIS A 1 138 ? -26.267 0.094   -2.725  1.00 100.70 ?  130 HIS A CE1 1 
ATOM   957  N NE2 . HIS A 1 138 ? -27.085 0.452   -1.747  1.00 98.32  ?  130 HIS A NE2 1 
ATOM   958  N N   . THR A 1 139 ? -20.913 -0.004  1.352   1.00 70.36  ?  131 THR A N   1 
ATOM   959  C CA  . THR A 1 139 ? -19.814 0.300   2.241   1.00 77.23  ?  131 THR A CA  1 
ATOM   960  C C   . THR A 1 139 ? -18.631 -0.638  2.018   1.00 79.66  ?  131 THR A C   1 
ATOM   961  O O   . THR A 1 139 ? -18.798 -1.843  1.791   1.00 73.27  ?  131 THR A O   1 
ATOM   962  C CB  . THR A 1 139 ? -20.218 0.184   3.740   1.00 80.60  ?  131 THR A CB  1 
ATOM   963  O OG1 . THR A 1 139 ? -19.126 0.645   4.573   1.00 81.39  ?  131 THR A OG1 1 
ATOM   964  C CG2 . THR A 1 139 ? -20.588 -1.283  4.132   1.00 69.83  ?  131 THR A CG2 1 
ATOM   965  N N   . LEU A 1 140 ? -17.436 -0.079  2.165   1.00 77.82  ?  132 LEU A N   1 
ATOM   966  C CA  . LEU A 1 140 ? -16.219 -0.879  2.307   1.00 76.09  ?  132 LEU A CA  1 
ATOM   967  C C   . LEU A 1 140 ? -16.106 -1.546  3.706   1.00 70.60  ?  132 LEU A C   1 
ATOM   968  O O   . LEU A 1 140 ? -15.318 -2.476  3.900   1.00 65.71  ?  132 LEU A O   1 
ATOM   969  C CB  . LEU A 1 140 ? -15.023 0.009   2.020   1.00 74.04  ?  132 LEU A CB  1 
ATOM   970  C CG  . LEU A 1 140 ? -15.024 0.569   0.604   1.00 75.67  ?  132 LEU A CG  1 
ATOM   971  C CD1 . LEU A 1 140 ? -14.387 1.944   0.554   1.00 83.72  ?  132 LEU A CD1 1 
ATOM   972  C CD2 . LEU A 1 140 ? -14.325 -0.403  -0.326  1.00 79.49  ?  132 LEU A CD2 1 
ATOM   973  N N   . GLY A 1 141 ? -16.887 -1.074  4.681   1.00 74.85  ?  133 GLY A N   1 
ATOM   974  C CA  . GLY A 1 141 ? -16.881 -1.650  6.038   1.00 72.40  ?  133 GLY A CA  1 
ATOM   975  C C   . GLY A 1 141 ? -16.321 -0.731  7.112   1.00 68.50  ?  133 GLY A C   1 
ATOM   976  O O   . GLY A 1 141 ? -16.560 -0.938  8.283   1.00 75.96  ?  133 GLY A O   1 
ATOM   977  N N   . TYR A 1 142 ? -15.595 0.303   6.727   1.00 62.99  ?  134 TYR A N   1 
ATOM   978  C CA  . TYR A 1 142 ? -14.973 1.166   7.686   1.00 62.06  ?  134 TYR A CA  1 
ATOM   979  C C   . TYR A 1 142 ? -15.283 2.599   7.264   1.00 63.40  ?  134 TYR A C   1 
ATOM   980  O O   . TYR A 1 142 ? -15.267 2.927   6.048   1.00 64.15  ?  134 TYR A O   1 
ATOM   981  C CB  . TYR A 1 142 ? -13.449 0.878   7.748   1.00 67.13  ?  134 TYR A CB  1 
ATOM   982  C CG  . TYR A 1 142 ? -13.009 -0.605  7.895   1.00 60.57  ?  134 TYR A CG  1 
ATOM   983  C CD1 . TYR A 1 142 ? -12.865 -1.417  6.782   1.00 57.84  ?  134 TYR A CD1 1 
ATOM   984  C CD2 . TYR A 1 142 ? -12.651 -1.153  9.148   1.00 65.01  ?  134 TYR A CD2 1 
ATOM   985  C CE1 . TYR A 1 142 ? -12.425 -2.750  6.897   1.00 64.29  ?  134 TYR A CE1 1 
ATOM   986  C CE2 . TYR A 1 142 ? -12.220 -2.495  9.281   1.00 60.05  ?  134 TYR A CE2 1 
ATOM   987  C CZ  . TYR A 1 142 ? -12.113 -3.289  8.147   1.00 65.55  ?  134 TYR A CZ  1 
ATOM   988  O OH  . TYR A 1 142 ? -11.702 -4.615  8.236   1.00 71.26  ?  134 TYR A OH  1 
ATOM   989  N N   . GLU A 1 143 ? -15.587 3.443   8.263   1.00 72.50  ?  135 GLU A N   1 
ATOM   990  C CA  . GLU A 1 143 ? -16.024 4.834   8.016   1.00 77.23  ?  135 GLU A CA  1 
ATOM   991  C C   . GLU A 1 143 ? -14.938 5.670   7.307   1.00 77.70  ?  135 GLU A C   1 
ATOM   992  O O   . GLU A 1 143 ? -15.255 6.430   6.376   1.00 83.85  ?  135 GLU A O   1 
ATOM   993  C CB  . GLU A 1 143 ? -16.513 5.502   9.313   1.00 76.17  ?  135 GLU A CB  1 
ATOM   994  N N   . ASP A 1 144 ? -13.673 5.509   7.721   1.00 72.93  ?  136 ASP A N   1 
ATOM   995  C CA  . ASP A 1 144 ? -12.555 6.235   7.084   1.00 68.07  ?  136 ASP A CA  1 
ATOM   996  C C   . ASP A 1 144 ? -12.436 5.929   5.619   1.00 66.13  ?  136 ASP A C   1 
ATOM   997  O O   . ASP A 1 144 ? -12.285 6.846   4.797   1.00 66.51  ?  136 ASP A O   1 
ATOM   998  C CB  . ASP A 1 144 ? -11.177 6.069   7.789   1.00 69.22  ?  136 ASP A CB  1 
ATOM   999  C CG  . ASP A 1 144 ? -10.858 4.620   8.255   1.00 77.53  ?  136 ASP A CG  1 
ATOM   1000 O OD1 . ASP A 1 144 ? -11.755 3.750   8.249   1.00 75.61  ?  136 ASP A OD1 1 
ATOM   1001 O OD2 . ASP A 1 144 ? -9.687  4.374   8.676   1.00 79.06  -1 136 ASP A OD2 1 
ATOM   1002 N N   . LEU A 1 145 ? -12.514 4.650   5.271   1.00 67.04  ?  137 LEU A N   1 
ATOM   1003 C CA  . LEU A 1 145 ? -12.353 4.261   3.857   1.00 70.81  ?  137 LEU A CA  1 
ATOM   1004 C C   . LEU A 1 145 ? -13.527 4.771   2.972   1.00 76.05  ?  137 LEU A C   1 
ATOM   1005 O O   . LEU A 1 145 ? -13.318 5.210   1.818   1.00 56.94  ?  137 LEU A O   1 
ATOM   1006 C CB  . LEU A 1 145 ? -12.167 2.756   3.749   1.00 63.30  ?  137 LEU A CB  1 
ATOM   1007 C CG  . LEU A 1 145 ? -11.019 2.153   4.567   1.00 63.80  ?  137 LEU A CG  1 
ATOM   1008 C CD1 . LEU A 1 145 ? -10.984 0.650   4.374   1.00 66.22  ?  137 LEU A CD1 1 
ATOM   1009 C CD2 . LEU A 1 145 ? -9.669  2.727   4.196   1.00 64.59  ?  137 LEU A CD2 1 
ATOM   1010 N N   . ASP A 1 146 ? -14.736 4.726   3.555   1.00 83.23  ?  138 ASP A N   1 
ATOM   1011 C CA  . ASP A 1 146 ? -15.958 5.286   2.950   1.00 81.48  ?  138 ASP A CA  1 
ATOM   1012 C C   . ASP A 1 146 ? -15.932 6.793   2.788   1.00 82.98  ?  138 ASP A C   1 
ATOM   1013 O O   . ASP A 1 146 ? -16.337 7.302   1.729   1.00 84.78  ?  138 ASP A O   1 
ATOM   1014 C CB  . ASP A 1 146 ? -17.204 4.897   3.754   1.00 72.99  ?  138 ASP A CB  1 
ATOM   1015 C CG  . ASP A 1 146 ? -17.695 3.526   3.415   1.00 76.70  ?  138 ASP A CG  1 
ATOM   1016 O OD1 . ASP A 1 146 ? -17.485 3.133   2.247   1.00 84.36  ?  138 ASP A OD1 1 
ATOM   1017 O OD2 . ASP A 1 146 ? -18.284 2.846   4.295   1.00 67.72  -1 138 ASP A OD2 1 
ATOM   1018 N N   . GLU A 1 147 ? -15.497 7.500   3.832   1.00 82.05  ?  139 GLU A N   1 
ATOM   1019 C CA  . GLU A 1 147 ? -15.244 8.949   3.709   1.00 93.63  ?  139 GLU A CA  1 
ATOM   1020 C C   . GLU A 1 147 ? -14.213 9.164   2.598   1.00 91.19  ?  139 GLU A C   1 
ATOM   1021 O O   . GLU A 1 147 ? -14.411 9.989   1.707   1.00 107.44 ?  139 GLU A O   1 
ATOM   1022 C CB  . GLU A 1 147 ? -14.767 9.599   5.034   1.00 84.60  ?  139 GLU A CB  1 
ATOM   1023 N N   . LEU A 1 148 ? -13.118 8.415   2.661   1.00 83.61  ?  140 LEU A N   1 
ATOM   1024 C CA  . LEU A 1 148 ? -12.056 8.522   1.666   1.00 81.31  ?  140 LEU A CA  1 
ATOM   1025 C C   . LEU A 1 148 ? -12.559 8.189   0.264   1.00 73.21  ?  140 LEU A C   1 
ATOM   1026 O O   . LEU A 1 148 ? -12.028 8.684   -0.730  1.00 70.85  ?  140 LEU A O   1 
ATOM   1027 C CB  . LEU A 1 148 ? -10.883 7.612   2.035   1.00 88.00  ?  140 LEU A CB  1 
ATOM   1028 C CG  . LEU A 1 148 ? -9.589  7.820   1.245   1.00 81.42  ?  140 LEU A CG  1 
ATOM   1029 C CD1 . LEU A 1 148 ? -9.057  9.230   1.445   1.00 78.38  ?  140 LEU A CD1 1 
ATOM   1030 C CD2 . LEU A 1 148 ? -8.545  6.787   1.644   1.00 82.20  ?  140 LEU A CD2 1 
ATOM   1031 N N   . GLN A 1 149 ? -13.584 7.346   0.192   1.00 79.24  ?  141 GLN A N   1 
ATOM   1032 C CA  . GLN A 1 149 ? -14.155 6.943   -1.089  1.00 87.38  ?  141 GLN A CA  1 
ATOM   1033 C C   . GLN A 1 149 ? -15.061 8.028   -1.663  1.00 87.59  ?  141 GLN A C   1 
ATOM   1034 O O   . GLN A 1 149 ? -15.203 8.152   -2.880  1.00 77.93  ?  141 GLN A O   1 
ATOM   1035 C CB  . GLN A 1 149 ? -14.932 5.634   -0.941  1.00 79.60  ?  141 GLN A CB  1 
ATOM   1036 C CG  . GLN A 1 149 ? -15.322 4.991   -2.262  1.00 82.65  ?  141 GLN A CG  1 
ATOM   1037 C CD  . GLN A 1 149 ? -14.352 3.906   -2.690  1.00 86.43  ?  141 GLN A CD  1 
ATOM   1038 O OE1 . GLN A 1 149 ? -13.201 4.183   -3.023  1.00 95.51  ?  141 GLN A OE1 1 
ATOM   1039 N NE2 . GLN A 1 149 ? -14.816 2.662   -2.683  1.00 78.21  ?  141 GLN A NE2 1 
ATOM   1040 N N   . LYS A 1 150 ? -15.673 8.809   -0.780  1.00 92.92  ?  142 LYS A N   1 
ATOM   1041 C CA  . LYS A 1 150 ? -16.562 9.875   -1.192  1.00 95.76  ?  142 LYS A CA  1 
ATOM   1042 C C   . LYS A 1 150 ? -15.948 11.249  -1.234  1.00 99.10  ?  142 LYS A C   1 
ATOM   1043 O O   . LYS A 1 150 ? -16.654 12.223  -1.389  1.00 106.00 ?  142 LYS A O   1 
ATOM   1044 C CB  . LYS A 1 150 ? -17.782 9.917   -0.288  1.00 91.17  ?  142 LYS A CB  1 
ATOM   1045 N N   . GLU A 1 151 ? -14.639 11.340  -1.095  1.00 104.84 ?  143 GLU A N   1 
ATOM   1046 C CA  . GLU A 1 151 ? -13.977 12.632  -1.123  1.00 101.30 ?  143 GLU A CA  1 
ATOM   1047 C C   . GLU A 1 151 ? -12.588 12.404  -1.625  1.00 91.90  ?  143 GLU A C   1 
ATOM   1048 O O   . GLU A 1 151 ? -11.635 12.422  -0.883  1.00 87.43  ?  143 GLU A O   1 
ATOM   1049 C CB  . GLU A 1 151 ? -13.938 13.241  0.270   1.00 90.53  ?  143 GLU A CB  1 
ATOM   1050 N N   . PRO A 1 152 ? -12.486 12.188  -2.911  1.00 83.30  ?  144 PRO A N   1 
ATOM   1051 C CA  . PRO A 1 152 ? -11.193 11.867  -3.517  1.00 85.63  ?  144 PRO A CA  1 
ATOM   1052 C C   . PRO A 1 152 ? -10.096 12.886  -3.242  1.00 89.62  ?  144 PRO A C   1 
ATOM   1053 O O   . PRO A 1 152 ? -10.393 14.057  -3.028  1.00 96.68  ?  144 PRO A O   1 
ATOM   1054 C CB  . PRO A 1 152 ? -11.515 11.812  -5.006  1.00 80.72  ?  144 PRO A CB  1 
ATOM   1055 C CG  . PRO A 1 152 ? -12.915 11.341  -5.038  1.00 89.62  ?  144 PRO A CG  1 
ATOM   1056 C CD  . PRO A 1 152 ? -13.579 12.040  -3.891  1.00 92.02  ?  144 PRO A CD  1 
ATOM   1057 N N   . GLN A 1 153 ? -8.843  12.429  -3.240  1.00 86.20  ?  145 GLN A N   1 
ATOM   1058 C CA  . GLN A 1 153 ? -7.711  13.266  -2.811  1.00 88.27  ?  145 GLN A CA  1 
ATOM   1059 C C   . GLN A 1 153 ? -6.331  12.611  -2.974  1.00 83.83  ?  145 GLN A C   1 
ATOM   1060 O O   . GLN A 1 153 ? -6.230  11.412  -3.222  1.00 78.75  ?  145 GLN A O   1 
ATOM   1061 C CB  . GLN A 1 153 ? -7.883  13.642  -1.340  1.00 79.14  ?  145 GLN A CB  1 
ATOM   1062 C CG  . GLN A 1 153 ? -8.397  12.490  -0.511  1.00 75.95  ?  145 GLN A CG  1 
ATOM   1063 C CD  . GLN A 1 153 ? -8.695  12.910  0.885   1.00 74.94  ?  145 GLN A CD  1 
ATOM   1064 O OE1 . GLN A 1 153 ? -7.860  13.541  1.527   1.00 78.56  ?  145 GLN A OE1 1 
ATOM   1065 N NE2 . GLN A 1 153 ? -9.875  12.544  1.386   1.00 74.46  ?  145 GLN A NE2 1 
ATOM   1066 N N   . PRO A 1 154 ? -5.257  13.404  -2.828  1.00 81.06  ?  146 PRO A N   1 
ATOM   1067 C CA  . PRO A 1 154 ? -3.929  12.786  -2.816  1.00 84.12  ?  146 PRO A CA  1 
ATOM   1068 C C   . PRO A 1 154 ? -3.624  12.138  -1.437  1.00 86.96  ?  146 PRO A C   1 
ATOM   1069 O O   . PRO A 1 154 ? -4.390  12.317  -0.442  1.00 79.08  ?  146 PRO A O   1 
ATOM   1070 C CB  . PRO A 1 154 ? -2.982  13.961  -3.135  1.00 81.33  ?  146 PRO A CB  1 
ATOM   1071 C CG  . PRO A 1 154 ? -3.860  15.129  -3.446  1.00 82.86  ?  146 PRO A CG  1 
ATOM   1072 C CD  . PRO A 1 154 ? -5.164  14.867  -2.761  1.00 76.37  ?  146 PRO A CD  1 
ATOM   1073 N N   . LEU A 1 155 ? -2.541  11.361  -1.396  1.00 79.19  ?  147 LEU A N   1 
ATOM   1074 C CA  . LEU A 1 155 ? -2.096  10.704  -0.158  1.00 76.17  ?  147 LEU A CA  1 
ATOM   1075 C C   . LEU A 1 155 ? -0.591  10.633  -0.100  1.00 73.93  ?  147 LEU A C   1 
ATOM   1076 O O   . LEU A 1 155 ? 0.075   10.469  -1.147  1.00 69.48  ?  147 LEU A O   1 
ATOM   1077 C CB  . LEU A 1 155 ? -2.595  9.261   -0.075  1.00 75.12  ?  147 LEU A CB  1 
ATOM   1078 C CG  . LEU A 1 155 ? -4.076  8.952   -0.188  1.00 73.81  ?  147 LEU A CG  1 
ATOM   1079 C CD1 . LEU A 1 155 ? -4.247  7.461   -0.405  1.00 79.14  ?  147 LEU A CD1 1 
ATOM   1080 C CD2 . LEU A 1 155 ? -4.857  9.396   1.034   1.00 75.94  ?  147 LEU A CD2 1 
ATOM   1081 N N   . VAL A 1 156 ? -0.076  10.686  1.131   1.00 69.16  ?  148 VAL A N   1 
ATOM   1082 C CA  . VAL A 1 156 ? 1.333   10.446  1.384   1.00 68.89  ?  148 VAL A CA  1 
ATOM   1083 C C   . VAL A 1 156 ? 1.503   9.078   2.014   1.00 66.37  ?  148 VAL A C   1 
ATOM   1084 O O   . VAL A 1 156 ? 0.843   8.744   2.995   1.00 62.61  ?  148 VAL A O   1 
ATOM   1085 C CB  . VAL A 1 156 ? 1.980   11.458  2.343   1.00 74.01  ?  148 VAL A CB  1 
ATOM   1086 C CG1 . VAL A 1 156 ? 3.470   11.488  2.065   1.00 85.65  ?  148 VAL A CG1 1 
ATOM   1087 C CG2 . VAL A 1 156 ? 1.423   12.845  2.160   1.00 75.18  ?  148 VAL A CG2 1 
ATOM   1088 N N   . PHE A 1 157 ? 2.399   8.301   1.433   1.00 61.88  ?  149 PHE A N   1 
ATOM   1089 C CA  . PHE A 1 157 ? 2.775   7.025   1.964   1.00 61.91  ?  149 PHE A CA  1 
ATOM   1090 C C   . PHE A 1 157 ? 4.173   7.254   2.444   1.00 65.95  ?  149 PHE A C   1 
ATOM   1091 O O   . PHE A 1 157 ? 4.928   7.907   1.734   1.00 69.98  ?  149 PHE A O   1 
ATOM   1092 C CB  . PHE A 1 157 ? 2.733   5.958   0.860   1.00 64.11  ?  149 PHE A CB  1 
ATOM   1093 C CG  . PHE A 1 157 ? 1.376   5.808   0.254   1.00 64.14  ?  149 PHE A CG  1 
ATOM   1094 C CD1 . PHE A 1 157 ? 0.398   5.125   0.924   1.00 67.03  ?  149 PHE A CD1 1 
ATOM   1095 C CD2 . PHE A 1 157 ? 1.050   6.443   -0.932  1.00 68.25  ?  149 PHE A CD2 1 
ATOM   1096 C CE1 . PHE A 1 157 ? -0.873  5.031   0.404   1.00 68.20  ?  149 PHE A CE1 1 
ATOM   1097 C CE2 . PHE A 1 157 ? -0.223  6.364   -1.460  1.00 66.16  ?  149 PHE A CE2 1 
ATOM   1098 C CZ  . PHE A 1 157 ? -1.189  5.649   -0.795  1.00 63.79  ?  149 PHE A CZ  1 
ATOM   1099 N N   . VAL A 1 158 ? 4.492   6.787   3.654   1.00 66.43  ?  150 VAL A N   1 
ATOM   1100 C CA  . VAL A 1 158 ? 5.879   6.701   4.151   1.00 60.92  ?  150 VAL A CA  1 
ATOM   1101 C C   . VAL A 1 158 ? 6.198   5.233   4.273   1.00 54.78  ?  150 VAL A C   1 
ATOM   1102 O O   . VAL A 1 158 ? 5.455   4.510   4.918   1.00 53.38  ?  150 VAL A O   1 
ATOM   1103 C CB  . VAL A 1 158 ? 6.080   7.401   5.524   1.00 63.69  ?  150 VAL A CB  1 
ATOM   1104 C CG1 . VAL A 1 158 ? 7.384   6.983   6.206   1.00 60.85  ?  150 VAL A CG1 1 
ATOM   1105 C CG2 . VAL A 1 158 ? 6.111   8.903   5.339   1.00 67.82  ?  150 VAL A CG2 1 
ATOM   1106 N N   . ILE A 1 159 ? 7.310   4.813   3.678   1.00 52.20  ?  151 ILE A N   1 
ATOM   1107 C CA  . ILE A 1 159 ? 7.592   3.402   3.471   1.00 57.70  ?  151 ILE A CA  1 
ATOM   1108 C C   . ILE A 1 159 ? 9.028   3.132   3.861   1.00 58.05  ?  151 ILE A C   1 
ATOM   1109 O O   . ILE A 1 159 ? 9.855   3.982   3.610   1.00 56.76  ?  151 ILE A O   1 
ATOM   1110 C CB  . ILE A 1 159 ? 7.391   3.031   1.979   1.00 64.62  ?  151 ILE A CB  1 
ATOM   1111 C CG1 . ILE A 1 159 ? 5.946   3.371   1.549   1.00 61.42  ?  151 ILE A CG1 1 
ATOM   1112 C CG2 . ILE A 1 159 ? 7.743   1.548   1.714   1.00 61.46  ?  151 ILE A CG2 1 
ATOM   1113 C CD1 . ILE A 1 159 ? 5.690   3.103   0.103   1.00 64.43  ?  151 ILE A CD1 1 
ATOM   1114 N N   . GLU A 1 160 ? 9.291   1.971   4.474   1.00 54.98  ?  152 GLU A N   1 
ATOM   1115 C CA  . GLU A 1 160 ? 10.617  1.520   4.884   1.00 58.92  ?  152 GLU A CA  1 
ATOM   1116 C C   . GLU A 1 160 ? 10.793  0.148   4.305   1.00 65.12  ?  152 GLU A C   1 
ATOM   1117 O O   . GLU A 1 160 ? 10.047  -0.784  4.655   1.00 57.43  ?  152 GLU A O   1 
ATOM   1118 C CB  . GLU A 1 160 ? 10.821  1.413   6.417   1.00 66.03  ?  152 GLU A CB  1 
ATOM   1119 C CG  . GLU A 1 160 ? 12.112  0.649   6.857   1.00 76.79  ?  152 GLU A CG  1 
ATOM   1120 C CD  . GLU A 1 160 ? 12.679  0.958   8.273   1.00 86.77  ?  152 GLU A CD  1 
ATOM   1121 O OE1 . GLU A 1 160 ? 11.949  1.547   9.094   1.00 95.59  ?  152 GLU A OE1 1 
ATOM   1122 O OE2 . GLU A 1 160 ? 13.870  0.603   8.579   1.00 97.39  -1 152 GLU A OE2 1 
ATOM   1123 N N   . LEU A 1 161 ? 11.797  -0.002  3.441   1.00 67.88  ?  153 LEU A N   1 
ATOM   1124 C CA  . LEU A 1 161 ? 11.985  -1.281  2.791   1.00 70.69  ?  153 LEU A CA  1 
ATOM   1125 C C   . LEU A 1 161 ? 12.869  -2.132  3.712   1.00 63.03  ?  153 LEU A C   1 
ATOM   1126 O O   . LEU A 1 161 ? 13.898  -1.677  4.108   1.00 57.62  ?  153 LEU A O   1 
ATOM   1127 C CB  . LEU A 1 161 ? 12.556  -1.044  1.407   1.00 71.44  ?  153 LEU A CB  1 
ATOM   1128 C CG  . LEU A 1 161 ? 12.951  -2.277  0.612   1.00 74.50  ?  153 LEU A CG  1 
ATOM   1129 C CD1 . LEU A 1 161 ? 11.804  -3.235  0.407   1.00 70.62  ?  153 LEU A CD1 1 
ATOM   1130 C CD2 . LEU A 1 161 ? 13.460  -1.796  -0.723  1.00 86.69  ?  153 LEU A CD2 1 
ATOM   1131 N N   . LEU A 1 162 ? 12.436  -3.336  4.092   1.00 63.92  ?  154 LEU A N   1 
ATOM   1132 C CA  . LEU A 1 162 ? 13.158  -4.148  5.111   1.00 71.40  ?  154 LEU A CA  1 
ATOM   1133 C C   . LEU A 1 162 ? 13.989  -5.280  4.544   1.00 75.10  ?  154 LEU A C   1 
ATOM   1134 O O   . LEU A 1 162 ? 15.078  -5.585  5.037   1.00 90.43  ?  154 LEU A O   1 
ATOM   1135 C CB  . LEU A 1 162 ? 12.191  -4.815  6.094   1.00 70.10  ?  154 LEU A CB  1 
ATOM   1136 C CG  . LEU A 1 162 ? 11.148  -4.000  6.864   1.00 72.29  ?  154 LEU A CG  1 
ATOM   1137 C CD1 . LEU A 1 162 ? 10.189  -4.954  7.591   1.00 74.11  ?  154 LEU A CD1 1 
ATOM   1138 C CD2 . LEU A 1 162 ? 11.806  -3.006  7.805   1.00 62.92  ?  154 LEU A CD2 1 
ATOM   1139 N N   . GLN A 1 163 ? 13.433  -5.954  3.556   1.00 77.49  ?  155 GLN A N   1 
ATOM   1140 C CA  . GLN A 1 163 ? 14.082  -7.094  2.965   1.00 78.68  ?  155 GLN A CA  1 
ATOM   1141 C C   . GLN A 1 163 ? 13.518  -7.340  1.566   1.00 86.07  ?  155 GLN A C   1 
ATOM   1142 O O   . GLN A 1 163 ? 12.338  -7.043  1.318   1.00 90.24  ?  155 GLN A O   1 
ATOM   1143 C CB  . GLN A 1 163 ? 13.861  -8.278  3.886   1.00 82.82  ?  155 GLN A CB  1 
ATOM   1144 C CG  . GLN A 1 163 ? 14.279  -9.638  3.358   1.00 85.44  ?  155 GLN A CG  1 
ATOM   1145 C CD  . GLN A 1 163 ? 14.205  -10.677 4.448   1.00 85.19  ?  155 GLN A CD  1 
ATOM   1146 O OE1 . GLN A 1 163 ? 14.768  -10.489 5.530   1.00 88.35  ?  155 GLN A OE1 1 
ATOM   1147 N NE2 . GLN A 1 163 ? 13.480  -11.757 4.191   1.00 84.79  ?  155 GLN A NE2 1 
ATOM   1148 N N   . VAL A 1 164 ? 14.376  -7.832  0.657   1.00 83.62  ?  156 VAL A N   1 
ATOM   1149 C CA  . VAL A 1 164 ? 13.958  -8.315  -0.671  1.00 83.00  ?  156 VAL A CA  1 
ATOM   1150 C C   . VAL A 1 164 ? 14.539  -9.707  -0.858  1.00 82.49  ?  156 VAL A C   1 
ATOM   1151 O O   . VAL A 1 164 ? 15.727  -9.886  -0.661  1.00 89.18  ?  156 VAL A O   1 
ATOM   1152 C CB  . VAL A 1 164 ? 14.415  -7.383  -1.823  1.00 78.53  ?  156 VAL A CB  1 
ATOM   1153 C CG1 . VAL A 1 164 ? 13.693  -7.726  -3.129  1.00 79.09  ?  156 VAL A CG1 1 
ATOM   1154 C CG2 . VAL A 1 164 ? 14.137  -5.923  -1.478  1.00 84.38  ?  156 VAL A CG2 1 
ATOM   1155 N N   . ASP A 1 165 ? 13.688  -10.679 -1.205  1.00 83.42  ?  157 ASP A N   1 
ATOM   1156 C CA  . ASP A 1 165 ? 14.083  -12.092 -1.413  1.00 89.28  ?  157 ASP A CA  1 
ATOM   1157 C C   . ASP A 1 165 ? 13.617  -12.581 -2.805  1.00 91.46  ?  157 ASP A C   1 
ATOM   1158 O O   . ASP A 1 165 ? 12.530  -12.233 -3.256  1.00 103.84 ?  157 ASP A O   1 
ATOM   1159 C CB  . ASP A 1 165 ? 13.494  -12.994 -0.307  1.00 86.40  ?  157 ASP A CB  1 
ATOM   1160 C CG  . ASP A 1 165 ? 13.697  -12.425 1.097   1.00 91.44  ?  157 ASP A CG  1 
ATOM   1161 O OD1 . ASP A 1 165 ? 14.818  -11.927 1.396   1.00 88.79  ?  157 ASP A OD1 1 
ATOM   1162 O OD2 . ASP A 1 165 ? 12.722  -12.472 1.895   1.00 87.90  -1 157 ASP A OD2 1 
ATOM   1163 N N   . ALA A 1 166 ? 14.439  -13.377 -3.483  1.00 90.29  ?  158 ALA A N   1 
ATOM   1164 C CA  . ALA A 1 166 ? 14.141  -13.797 -4.848  1.00 94.67  ?  158 ALA A CA  1 
ATOM   1165 C C   . ALA A 1 166 ? 13.549  -15.228 -4.875  1.00 94.92  ?  158 ALA A C   1 
ATOM   1166 O O   . ALA A 1 166 ? 13.710  -15.965 -3.897  1.00 99.59  ?  158 ALA A O   1 
ATOM   1167 C CB  . ALA A 1 166 ? 15.401  -13.680 -5.688  1.00 95.48  ?  158 ALA A CB  1 
ATOM   1168 N N   . PRO A 1 167 ? 12.848  -15.617 -5.979  1.00 99.32  ?  159 PRO A N   1 
ATOM   1169 C CA  . PRO A 1 167 ? 12.206  -16.953 -6.053  1.00 95.32  ?  159 PRO A CA  1 
ATOM   1170 C C   . PRO A 1 167 ? 13.122  -18.155 -5.733  1.00 98.99  ?  159 PRO A C   1 
ATOM   1171 O O   . PRO A 1 167 ? 12.659  -19.167 -5.188  1.00 103.04 ?  159 PRO A O   1 
ATOM   1172 C CB  . PRO A 1 167 ? 11.720  -17.032 -7.515  1.00 97.74  ?  159 PRO A CB  1 
ATOM   1173 C CG  . PRO A 1 167 ? 11.576  -15.626 -7.974  1.00 95.01  ?  159 PRO A CG  1 
ATOM   1174 C CD  . PRO A 1 167 ? 12.598  -14.821 -7.208  1.00 98.47  ?  159 PRO A CD  1 
HETATM 1175 C C1  . FAR B 2 .   ? 0.911   -10.049 -4.003  1.00 84.66  ?  201 FAR A C1  1 
HETATM 1176 C C2  . FAR B 2 .   ? 0.226   -8.718  -4.082  1.00 101.52 ?  201 FAR A C2  1 
HETATM 1177 C C3  . FAR B 2 .   ? -0.675  -8.326  -3.139  1.00 112.86 ?  201 FAR A C3  1 
HETATM 1178 C C5  . FAR B 2 .   ? -1.342  -6.949  -3.243  1.00 100.78 ?  201 FAR A C5  1 
HETATM 1179 C C6  . FAR B 2 .   ? -0.936  -6.199  -1.937  1.00 100.56 ?  201 FAR A C6  1 
HETATM 1180 C C7  . FAR B 2 .   ? -0.901  -4.686  -2.117  1.00 101.43 ?  201 FAR A C7  1 
HETATM 1181 C C8  . FAR B 2 .   ? -0.473  -3.851  -1.130  1.00 104.36 ?  201 FAR A C8  1 
HETATM 1182 C C9  . FAR B 2 .   ? -0.476  -2.355  -1.339  1.00 89.65  ?  201 FAR A C9  1 
HETATM 1183 C C11 . FAR B 2 .   ? 0.902   -1.771  -0.908  1.00 84.60  ?  201 FAR A C11 1 
HETATM 1184 C C12 . FAR B 2 .   ? 0.688   -0.657  0.087   1.00 81.55  ?  201 FAR A C12 1 
HETATM 1185 C C13 . FAR B 2 .   ? 0.941   0.647   -0.151  1.00 83.07  ?  201 FAR A C13 1 
HETATM 1186 C C14 . FAR B 2 .   ? 1.429   1.218   -1.426  1.00 87.72  ?  201 FAR A C14 1 
HETATM 1187 C C15 . FAR B 2 .   ? 0.704   1.638   0.871   1.00 94.34  ?  201 FAR A C15 1 
HETATM 1188 C C4  . FAR B 2 .   ? -1.071  -9.166  -1.928  1.00 106.91 ?  201 FAR A C4  1 
HETATM 1189 C C10 . FAR B 2 .   ? 0.014   -4.312  0.244   1.00 119.10 ?  201 FAR A C10 1 
# 
loop_
_pdbx_poly_seq_scheme.asym_id 
_pdbx_poly_seq_scheme.entity_id 
_pdbx_poly_seq_scheme.seq_id 
_pdbx_poly_seq_scheme.mon_id 
_pdbx_poly_seq_scheme.ndb_seq_num 
_pdbx_poly_seq_scheme.pdb_seq_num 
_pdbx_poly_seq_scheme.auth_seq_num 
_pdbx_poly_seq_scheme.pdb_mon_id 
_pdbx_poly_seq_scheme.auth_mon_id 
_pdbx_poly_seq_scheme.pdb_strand_id 
_pdbx_poly_seq_scheme.pdb_ins_code 
_pdbx_poly_seq_scheme.hetero 
A 1 1   MET 1   -7  ?   ?   ?   A . n 
A 1 2   GLY 2   -6  ?   ?   ?   A . n 
A 1 3   HIS 3   -5  ?   ?   ?   A . n 
A 1 4   HIS 4   -4  ?   ?   ?   A . n 
A 1 5   HIS 5   -3  ?   ?   ?   A . n 
A 1 6   HIS 6   -2  ?   ?   ?   A . n 
A 1 7   HIS 7   -1  ?   ?   ?   A . n 
A 1 8   HIS 8   0   ?   ?   ?   A . n 
A 1 9   GLY 9   1   ?   ?   ?   A . n 
A 1 10  ASP 10  2   ?   ?   ?   A . n 
A 1 11  ALA 11  3   ?   ?   ?   A . n 
A 1 12  ALA 12  4   ?   ?   ?   A . n 
A 1 13  LEU 13  5   ?   ?   ?   A . n 
A 1 14  LEU 14  6   ?   ?   ?   A . n 
A 1 15  LEU 15  7   ?   ?   ?   A . n 
A 1 16  ASN 16  8   8   ASN ASN A . n 
A 1 17  VAL 17  9   9   VAL VAL A . n 
A 1 18  GLU 18  10  10  GLU GLU A . n 
A 1 19  GLY 19  11  11  GLY GLY A . n 
A 1 20  VAL 20  12  12  VAL VAL A . n 
A 1 21  LYS 21  13  13  LYS LYS A . n 
A 1 22  LYS 22  14  14  LYS LYS A . n 
A 1 23  THR 23  15  15  THR THR A . n 
A 1 24  ILE 24  16  16  ILE ILE A . n 
A 1 25  LEU 25  17  17  LEU LEU A . n 
A 1 26  HIS 26  18  18  HIS HIS A . n 
A 1 27  GLY 27  19  19  GLY GLY A . n 
A 1 28  GLY 28  20  20  GLY GLY A . n 
A 1 29  THR 29  21  21  THR THR A . n 
A 1 30  GLY 30  22  22  GLY GLY A . n 
A 1 31  GLU 31  23  23  GLU GLU A . n 
A 1 32  LEU 32  24  24  LEU LEU A . n 
A 1 33  PRO 33  25  25  PRO PRO A . n 
A 1 34  ASN 34  26  26  ASN ASN A . n 
A 1 35  PHE 35  27  27  PHE PHE A . n 
A 1 36  ILE 36  28  28  ILE ILE A . n 
A 1 37  THR 37  29  29  THR THR A . n 
A 1 38  GLY 38  30  30  GLY GLY A . n 
A 1 39  SER 39  31  31  SER SER A . n 
A 1 40  ARG 40  32  32  ARG ARG A . n 
A 1 41  VAL 41  33  33  VAL VAL A . n 
A 1 42  ILE 42  34  34  ILE ILE A . n 
A 1 43  PHE 43  35  35  PHE PHE A . n 
A 1 44  HIS 44  36  36  HIS HIS A . n 
A 1 45  PHE 45  37  37  PHE PHE A . n 
A 1 46  ARG 46  38  38  ARG ARG A . n 
A 1 47  THR 47  39  39  THR THR A . n 
A 1 48  MET 48  40  40  MET MET A . n 
A 1 49  LYS 49  41  41  LYS LYS A . n 
A 1 50  CYS 50  42  42  CYS CYS A . n 
A 1 51  ASP 51  43  43  ASP ASP A . n 
A 1 52  GLU 52  44  44  GLU GLU A . n 
A 1 53  GLU 53  45  45  GLU GLU A . n 
A 1 54  ARG 54  46  46  ARG ARG A . n 
A 1 55  THR 55  47  47  THR THR A . n 
A 1 56  VAL 56  48  48  VAL VAL A . n 
A 1 57  ILE 57  49  49  ILE ILE A . n 
A 1 58  ASP 58  50  50  ASP ASP A . n 
A 1 59  ASP 59  51  51  ASP ASP A . n 
A 1 60  SER 60  52  52  SER SER A . n 
A 1 61  ARG 61  53  53  ARG ARG A . n 
A 1 62  GLN 62  54  54  GLN GLN A . n 
A 1 63  VAL 63  55  55  VAL VAL A . n 
A 1 64  GLY 64  56  56  GLY GLY A . n 
A 1 65  GLN 65  57  57  GLN GLN A . n 
A 1 66  PRO 66  58  58  PRO PRO A . n 
A 1 67  MET 67  59  59  MET MET A . n 
A 1 68  HIS 68  60  60  HIS HIS A . n 
A 1 69  ILE 69  61  61  ILE ILE A . n 
A 1 70  ILE 70  62  62  ILE ILE A . n 
A 1 71  ILE 71  63  63  ILE ILE A . n 
A 1 72  GLY 72  64  64  GLY GLY A . n 
A 1 73  ASN 73  65  65  ASN ASN A . n 
A 1 74  MET 74  66  66  MET MET A . n 
A 1 75  PHE 75  67  67  PHE PHE A . n 
A 1 76  LYS 76  68  68  LYS LYS A . n 
A 1 77  LEU 77  69  69  LEU LEU A . n 
A 1 78  GLU 78  70  70  GLU GLU A . n 
A 1 79  PHE 79  71  71  PHE PHE A . n 
A 1 80  TRP 80  72  72  TRP TRP A . n 
A 1 81  GLU 81  73  73  GLU GLU A . n 
A 1 82  ILE 82  74  74  ILE ILE A . n 
A 1 83  LEU 83  75  75  LEU LEU A . n 
A 1 84  LEU 84  76  76  LEU LEU A . n 
A 1 85  THR 85  77  77  THR THR A . n 
A 1 86  SER 86  78  78  SER SER A . n 
A 1 87  MET 87  79  79  MET MET A . n 
A 1 88  ARG 88  80  80  ARG ARG A . n 
A 1 89  VAL 89  81  81  VAL VAL A . n 
A 1 90  HIS 90  82  82  HIS HIS A . n 
A 1 91  GLU 91  83  83  GLU GLU A . n 
A 1 92  VAL 92  84  84  VAL VAL A . n 
A 1 93  ALA 93  85  85  ALA ALA A . n 
A 1 94  GLU 94  86  86  GLU GLU A . n 
A 1 95  PHE 95  87  87  PHE PHE A . n 
A 1 96  TRP 96  88  88  TRP TRP A . n 
A 1 97  CYS 97  89  89  CYS CYS A . n 
A 1 98  ASP 98  90  90  ASP ASP A . n 
A 1 99  THR 99  91  91  THR THR A . n 
A 1 100 ILE 100 92  92  ILE ILE A . n 
A 1 101 HIS 101 93  93  HIS HIS A . n 
A 1 102 THR 102 94  94  THR THR A . n 
A 1 103 GLY 103 95  95  GLY GLY A . n 
A 1 104 VAL 104 96  96  VAL VAL A . n 
A 1 105 TYR 105 97  97  TYR TYR A . n 
A 1 106 PRO 106 98  98  PRO PRO A . n 
A 1 107 ILE 107 99  99  ILE ILE A . n 
A 1 108 LEU 108 100 100 LEU LEU A . n 
A 1 109 SER 109 101 101 SER SER A . n 
A 1 110 ARG 110 102 102 ARG ARG A . n 
A 1 111 SER 111 103 103 SER SER A . n 
A 1 112 LEU 112 104 104 LEU LEU A . n 
A 1 113 ARG 113 105 105 ARG ARG A . n 
A 1 114 GLN 114 106 106 GLN GLN A . n 
A 1 115 MET 115 107 107 MET MET A . n 
A 1 116 ALA 116 108 108 ALA ALA A . n 
A 1 117 GLN 117 109 109 GLN GLN A . n 
A 1 118 GLY 118 110 110 GLY GLY A . n 
A 1 119 LYS 119 111 111 LYS LYS A . n 
A 1 120 ASP 120 112 112 ASP ASP A . n 
A 1 121 PRO 121 113 113 PRO PRO A . n 
A 1 122 THR 122 114 114 THR THR A . n 
A 1 123 GLU 123 115 115 GLU GLU A . n 
A 1 124 TRP 124 116 116 TRP TRP A . n 
A 1 125 HIS 125 117 117 HIS HIS A . n 
A 1 126 VAL 126 118 118 VAL VAL A . n 
A 1 127 HIS 127 119 119 HIS HIS A . n 
A 1 128 THR 128 120 120 THR THR A . n 
A 1 129 CYS 129 121 121 CYS CYS A . n 
A 1 130 GLY 130 122 122 GLY GLY A . n 
A 1 131 LEU 131 123 123 LEU LEU A . n 
A 1 132 ALA 132 124 124 ALA ALA A . n 
A 1 133 ASN 133 125 125 ASN ASN A . n 
A 1 134 MET 134 126 126 MET MET A . n 
A 1 135 PHE 135 127 127 PHE PHE A . n 
A 1 136 ALA 136 128 128 ALA ALA A . n 
A 1 137 TYR 137 129 129 TYR TYR A . n 
A 1 138 HIS 138 130 130 HIS HIS A . n 
A 1 139 THR 139 131 131 THR THR A . n 
A 1 140 LEU 140 132 132 LEU LEU A . n 
A 1 141 GLY 141 133 133 GLY GLY A . n 
A 1 142 TYR 142 134 134 TYR TYR A . n 
A 1 143 GLU 143 135 135 GLU GLU A . n 
A 1 144 ASP 144 136 136 ASP ASP A . n 
A 1 145 LEU 145 137 137 LEU LEU A . n 
A 1 146 ASP 146 138 138 ASP ASP A . n 
A 1 147 GLU 147 139 139 GLU GLU A . n 
A 1 148 LEU 148 140 140 LEU LEU A . n 
A 1 149 GLN 149 141 141 GLN GLN A . n 
A 1 150 LYS 150 142 142 LYS LYS A . n 
A 1 151 GLU 151 143 143 GLU GLU A . n 
A 1 152 PRO 152 144 144 PRO PRO A . n 
A 1 153 GLN 153 145 145 GLN GLN A . n 
A 1 154 PRO 154 146 146 PRO PRO A . n 
A 1 155 LEU 155 147 147 LEU LEU A . n 
A 1 156 VAL 156 148 148 VAL VAL A . n 
A 1 157 PHE 157 149 149 PHE PHE A . n 
A 1 158 VAL 158 150 150 VAL VAL A . n 
A 1 159 ILE 159 151 151 ILE ILE A . n 
A 1 160 GLU 160 152 152 GLU GLU A . n 
A 1 161 LEU 161 153 153 LEU LEU A . n 
A 1 162 LEU 162 154 154 LEU LEU A . n 
A 1 163 GLN 163 155 155 GLN GLN A . n 
A 1 164 VAL 164 156 156 VAL VAL A . n 
A 1 165 ASP 165 157 157 ASP ASP A . n 
A 1 166 ALA 166 158 158 ALA ALA A . n 
A 1 167 PRO 167 159 159 PRO PRO A . n 
A 1 168 SER 168 160 ?   ?   ?   A . n 
A 1 169 ASP 169 161 ?   ?   ?   A . n 
# 
_pdbx_nonpoly_scheme.asym_id         B 
_pdbx_nonpoly_scheme.entity_id       2 
_pdbx_nonpoly_scheme.mon_id          FAR 
_pdbx_nonpoly_scheme.ndb_seq_num     1 
_pdbx_nonpoly_scheme.pdb_seq_num     201 
_pdbx_nonpoly_scheme.auth_seq_num    302 
_pdbx_nonpoly_scheme.pdb_mon_id      FAR 
_pdbx_nonpoly_scheme.auth_mon_id     FAR 
_pdbx_nonpoly_scheme.pdb_strand_id   A 
_pdbx_nonpoly_scheme.pdb_ins_code    . 
# 
_pdbx_struct_assembly.id                   1 
_pdbx_struct_assembly.details              author_and_software_defined_assembly 
_pdbx_struct_assembly.method_details       PISA 
_pdbx_struct_assembly.oligomeric_details   dimeric 
_pdbx_struct_assembly.oligomeric_count     2 
# 
_pdbx_struct_assembly_gen.assembly_id       1 
_pdbx_struct_assembly_gen.oper_expression   1,2 
_pdbx_struct_assembly_gen.asym_id_list      A,B 
# 
loop_
_pdbx_struct_assembly_prop.biol_id 
_pdbx_struct_assembly_prop.type 
_pdbx_struct_assembly_prop.value 
_pdbx_struct_assembly_prop.details 
1 'ABSA (A^2)' 3310  ? 
1 MORE         -19   ? 
1 'SSA (A^2)'  15230 ? 
# 
loop_
_pdbx_struct_oper_list.id 
_pdbx_struct_oper_list.type 
_pdbx_struct_oper_list.name 
_pdbx_struct_oper_list.symmetry_operation 
_pdbx_struct_oper_list.matrix[1][1] 
_pdbx_struct_oper_list.matrix[1][2] 
_pdbx_struct_oper_list.matrix[1][3] 
_pdbx_struct_oper_list.vector[1] 
_pdbx_struct_oper_list.matrix[2][1] 
_pdbx_struct_oper_list.matrix[2][2] 
_pdbx_struct_oper_list.matrix[2][3] 
_pdbx_struct_oper_list.vector[2] 
_pdbx_struct_oper_list.matrix[3][1] 
_pdbx_struct_oper_list.matrix[3][2] 
_pdbx_struct_oper_list.matrix[3][3] 
_pdbx_struct_oper_list.vector[3] 
1 'identity operation'         1_555 x,y,z   1.0000000000 0.0000000000  0.0000000000  0.0000000000   0.0000000000  1.0000000000  0.0000000000 0.0000000000   0.0000000000  0.0000000000 1.0000000000  0.0000000000  
2 'crystal symmetry operation' 4_555 x,-y,-z 0.0066496753 -0.9997981180 -0.0189606191 -23.7076327117 -0.9997981180 -0.0070068055 0.0188315675 -23.7033047979 -0.0189606191 0.0188315675 -0.9996428697 -8.7951370195 
# 
loop_
_pdbx_audit_revision_history.ordinal 
_pdbx_audit_revision_history.data_content_type 
_pdbx_audit_revision_history.major_revision 
_pdbx_audit_revision_history.minor_revision 
_pdbx_audit_revision_history.revision_date 
1 'Structure model' 1 0 2017-07-26 
2 'Structure model' 1 1 2017-08-09 
3 'Structure model' 1 2 2017-08-23 
4 'Structure model' 1 3 2017-11-22 
5 'Structure model' 1 4 2019-12-11 
6 'Structure model' 1 5 2023-10-04 
# 
_pdbx_audit_revision_details.ordinal             1 
_pdbx_audit_revision_details.revision_ordinal    1 
_pdbx_audit_revision_details.data_content_type   'Structure model' 
_pdbx_audit_revision_details.provider            repository 
_pdbx_audit_revision_details.type                'Initial release' 
_pdbx_audit_revision_details.description         ? 
_pdbx_audit_revision_details.details             ? 
# 
loop_
_pdbx_audit_revision_group.ordinal 
_pdbx_audit_revision_group.revision_ordinal 
_pdbx_audit_revision_group.data_content_type 
_pdbx_audit_revision_group.group 
1 2 'Structure model' 'Database references'        
2 3 'Structure model' 'Database references'        
3 4 'Structure model' 'Refinement description'     
4 5 'Structure model' 'Author supporting evidence' 
5 6 'Structure model' 'Data collection'            
6 6 'Structure model' 'Database references'        
7 6 'Structure model' 'Refinement description'     
# 
loop_
_pdbx_audit_revision_category.ordinal 
_pdbx_audit_revision_category.revision_ordinal 
_pdbx_audit_revision_category.data_content_type 
_pdbx_audit_revision_category.category 
1 2 'Structure model' citation                      
2 2 'Structure model' citation_author               
3 3 'Structure model' citation                      
4 4 'Structure model' software                      
5 5 'Structure model' pdbx_audit_support            
6 6 'Structure model' chem_comp_atom                
7 6 'Structure model' chem_comp_bond                
8 6 'Structure model' database_2                    
9 6 'Structure model' pdbx_initial_refinement_model 
# 
loop_
_pdbx_audit_revision_item.ordinal 
_pdbx_audit_revision_item.revision_ordinal 
_pdbx_audit_revision_item.data_content_type 
_pdbx_audit_revision_item.item 
1  2 'Structure model' '_citation.journal_abbrev'                 
2  2 'Structure model' '_citation.pdbx_database_id_PubMed'        
3  2 'Structure model' '_citation.title'                          
4  2 'Structure model' '_citation_author.name'                    
5  3 'Structure model' '_citation.journal_volume'                 
6  3 'Structure model' '_citation.page_first'                     
7  3 'Structure model' '_citation.page_last'                      
8  4 'Structure model' '_software.classification'                 
9  5 'Structure model' '_pdbx_audit_support.funding_organization' 
10 6 'Structure model' '_database_2.pdbx_DOI'                     
11 6 'Structure model' '_database_2.pdbx_database_accession'      
# 
loop_
_software.citation_id 
_software.classification 
_software.compiler_name 
_software.compiler_version 
_software.contact_author 
_software.contact_author_email 
_software.date 
_software.description 
_software.dependencies 
_software.hardware 
_software.language 
_software.location 
_software.mods 
_software.name 
_software.os 
_software.os_version 
_software.type 
_software.version 
_software.pdbx_ordinal 
? refinement        ? ? ? ? ? ? ? ? ? ? ? REFMAC  ? ? ? 5.8.0158 1 
? 'data collection' ? ? ? ? ? ? ? ? ? ? ? Blu-Ice ? ? ? .        2 
? 'data scaling'    ? ? ? ? ? ? ? ? ? ? ? XDS     ? ? ? .        3 
? phasing           ? ? ? ? ? ? ? ? ? ? ? PHASER  ? ? ? .        4 
? 'model building'  ? ? ? ? ? ? ? ? ? ? ? Coot    ? ? ? .        5 
# 
loop_
_pdbx_validate_torsion.id 
_pdbx_validate_torsion.PDB_model_num 
_pdbx_validate_torsion.auth_comp_id 
_pdbx_validate_torsion.auth_asym_id 
_pdbx_validate_torsion.auth_seq_id 
_pdbx_validate_torsion.PDB_ins_code 
_pdbx_validate_torsion.label_alt_id 
_pdbx_validate_torsion.phi 
_pdbx_validate_torsion.psi 
1 1 LEU A 24  ? ? -30.23  133.47 
2 1 CYS A 42  ? ? -93.44  34.72  
3 1 HIS A 82  ? ? 59.17   12.29  
4 1 ILE A 92  ? ? -34.64  -35.30 
5 1 GLU A 143 ? ? -152.13 75.34  
# 
loop_
_pdbx_unobs_or_zero_occ_atoms.id 
_pdbx_unobs_or_zero_occ_atoms.PDB_model_num 
_pdbx_unobs_or_zero_occ_atoms.polymer_flag 
_pdbx_unobs_or_zero_occ_atoms.occupancy_flag 
_pdbx_unobs_or_zero_occ_atoms.auth_asym_id 
_pdbx_unobs_or_zero_occ_atoms.auth_comp_id 
_pdbx_unobs_or_zero_occ_atoms.auth_seq_id 
_pdbx_unobs_or_zero_occ_atoms.PDB_ins_code 
_pdbx_unobs_or_zero_occ_atoms.auth_atom_id 
_pdbx_unobs_or_zero_occ_atoms.label_alt_id 
_pdbx_unobs_or_zero_occ_atoms.label_asym_id 
_pdbx_unobs_or_zero_occ_atoms.label_comp_id 
_pdbx_unobs_or_zero_occ_atoms.label_seq_id 
_pdbx_unobs_or_zero_occ_atoms.label_atom_id 
1  1 Y 1 A LYS 13  ? CG  ? A LYS 21  CG  
2  1 Y 1 A LYS 13  ? CD  ? A LYS 21  CD  
3  1 Y 1 A LYS 13  ? CE  ? A LYS 21  CE  
4  1 Y 1 A LYS 13  ? NZ  ? A LYS 21  NZ  
5  1 Y 1 A ARG 32  ? CG  ? A ARG 40  CG  
6  1 Y 1 A ARG 32  ? CD  ? A ARG 40  CD  
7  1 Y 1 A ARG 32  ? NE  ? A ARG 40  NE  
8  1 Y 1 A ARG 32  ? CZ  ? A ARG 40  CZ  
9  1 Y 1 A ARG 32  ? NH1 ? A ARG 40  NH1 
10 1 Y 1 A ARG 32  ? NH2 ? A ARG 40  NH2 
11 1 Y 1 A GLU 44  ? CG  ? A GLU 52  CG  
12 1 Y 1 A GLU 44  ? CD  ? A GLU 52  CD  
13 1 Y 1 A GLU 44  ? OE1 ? A GLU 52  OE1 
14 1 Y 1 A GLU 44  ? OE2 ? A GLU 52  OE2 
15 1 Y 1 A GLU 45  ? CG  ? A GLU 53  CG  
16 1 Y 1 A GLU 45  ? CD  ? A GLU 53  CD  
17 1 Y 1 A GLU 45  ? OE1 ? A GLU 53  OE1 
18 1 Y 1 A GLU 45  ? OE2 ? A GLU 53  OE2 
19 1 Y 1 A LYS 68  ? CG  ? A LYS 76  CG  
20 1 Y 1 A LYS 68  ? CD  ? A LYS 76  CD  
21 1 Y 1 A LYS 68  ? CE  ? A LYS 76  CE  
22 1 Y 1 A LYS 68  ? NZ  ? A LYS 76  NZ  
23 1 Y 1 A ARG 80  ? CG  ? A ARG 88  CG  
24 1 Y 1 A ARG 80  ? CD  ? A ARG 88  CD  
25 1 Y 1 A ARG 80  ? NE  ? A ARG 88  NE  
26 1 Y 1 A ARG 80  ? CZ  ? A ARG 88  CZ  
27 1 Y 1 A ARG 80  ? NH1 ? A ARG 88  NH1 
28 1 Y 1 A ARG 80  ? NH2 ? A ARG 88  NH2 
29 1 Y 1 A ILE 92  ? CG1 ? A ILE 100 CG1 
30 1 Y 1 A ILE 92  ? CG2 ? A ILE 100 CG2 
31 1 Y 1 A ILE 92  ? CD1 ? A ILE 100 CD1 
32 1 Y 1 A MET 107 ? CG  ? A MET 115 CG  
33 1 Y 1 A MET 107 ? SD  ? A MET 115 SD  
34 1 Y 1 A MET 107 ? CE  ? A MET 115 CE  
35 1 Y 1 A LYS 111 ? CG  ? A LYS 119 CG  
36 1 Y 1 A LYS 111 ? CD  ? A LYS 119 CD  
37 1 Y 1 A LYS 111 ? CE  ? A LYS 119 CE  
38 1 Y 1 A LYS 111 ? NZ  ? A LYS 119 NZ  
39 1 Y 1 A GLU 135 ? CG  ? A GLU 143 CG  
40 1 Y 1 A GLU 135 ? CD  ? A GLU 143 CD  
41 1 Y 1 A GLU 135 ? OE1 ? A GLU 143 OE1 
42 1 Y 1 A GLU 135 ? OE2 ? A GLU 143 OE2 
43 1 Y 1 A GLU 139 ? CG  ? A GLU 147 CG  
44 1 Y 1 A GLU 139 ? CD  ? A GLU 147 CD  
45 1 Y 1 A GLU 139 ? OE1 ? A GLU 147 OE1 
46 1 Y 1 A GLU 139 ? OE2 ? A GLU 147 OE2 
47 1 Y 1 A LYS 142 ? CG  ? A LYS 150 CG  
48 1 Y 1 A LYS 142 ? CD  ? A LYS 150 CD  
49 1 Y 1 A LYS 142 ? CE  ? A LYS 150 CE  
50 1 Y 1 A LYS 142 ? NZ  ? A LYS 150 NZ  
51 1 Y 1 A GLU 143 ? CG  ? A GLU 151 CG  
52 1 Y 1 A GLU 143 ? CD  ? A GLU 151 CD  
53 1 Y 1 A GLU 143 ? OE1 ? A GLU 151 OE1 
54 1 Y 1 A GLU 143 ? OE2 ? A GLU 151 OE2 
# 
loop_
_pdbx_unobs_or_zero_occ_residues.id 
_pdbx_unobs_or_zero_occ_residues.PDB_model_num 
_pdbx_unobs_or_zero_occ_residues.polymer_flag 
_pdbx_unobs_or_zero_occ_residues.occupancy_flag 
_pdbx_unobs_or_zero_occ_residues.auth_asym_id 
_pdbx_unobs_or_zero_occ_residues.auth_comp_id 
_pdbx_unobs_or_zero_occ_residues.auth_seq_id 
_pdbx_unobs_or_zero_occ_residues.PDB_ins_code 
_pdbx_unobs_or_zero_occ_residues.label_asym_id 
_pdbx_unobs_or_zero_occ_residues.label_comp_id 
_pdbx_unobs_or_zero_occ_residues.label_seq_id 
1  1 Y 1 A MET -7  ? A MET 1   
2  1 Y 1 A GLY -6  ? A GLY 2   
3  1 Y 1 A HIS -5  ? A HIS 3   
4  1 Y 1 A HIS -4  ? A HIS 4   
5  1 Y 1 A HIS -3  ? A HIS 5   
6  1 Y 1 A HIS -2  ? A HIS 6   
7  1 Y 1 A HIS -1  ? A HIS 7   
8  1 Y 1 A HIS 0   ? A HIS 8   
9  1 Y 1 A GLY 1   ? A GLY 9   
10 1 Y 1 A ASP 2   ? A ASP 10  
11 1 Y 1 A ALA 3   ? A ALA 11  
12 1 Y 1 A ALA 4   ? A ALA 12  
13 1 Y 1 A LEU 5   ? A LEU 13  
14 1 Y 1 A LEU 6   ? A LEU 14  
15 1 Y 1 A LEU 7   ? A LEU 15  
16 1 Y 1 A SER 160 ? A SER 168 
17 1 Y 1 A ASP 161 ? A ASP 169 
# 
loop_
_chem_comp_atom.comp_id 
_chem_comp_atom.atom_id 
_chem_comp_atom.type_symbol 
_chem_comp_atom.pdbx_aromatic_flag 
_chem_comp_atom.pdbx_stereo_config 
_chem_comp_atom.pdbx_ordinal 
ALA N    N N N 1   
ALA CA   C N S 2   
ALA C    C N N 3   
ALA O    O N N 4   
ALA CB   C N N 5   
ALA OXT  O N N 6   
ALA H    H N N 7   
ALA H2   H N N 8   
ALA HA   H N N 9   
ALA HB1  H N N 10  
ALA HB2  H N N 11  
ALA HB3  H N N 12  
ALA HXT  H N N 13  
ARG N    N N N 14  
ARG CA   C N S 15  
ARG C    C N N 16  
ARG O    O N N 17  
ARG CB   C N N 18  
ARG CG   C N N 19  
ARG CD   C N N 20  
ARG NE   N N N 21  
ARG CZ   C N N 22  
ARG NH1  N N N 23  
ARG NH2  N N N 24  
ARG OXT  O N N 25  
ARG H    H N N 26  
ARG H2   H N N 27  
ARG HA   H N N 28  
ARG HB2  H N N 29  
ARG HB3  H N N 30  
ARG HG2  H N N 31  
ARG HG3  H N N 32  
ARG HD2  H N N 33  
ARG HD3  H N N 34  
ARG HE   H N N 35  
ARG HH11 H N N 36  
ARG HH12 H N N 37  
ARG HH21 H N N 38  
ARG HH22 H N N 39  
ARG HXT  H N N 40  
ASN N    N N N 41  
ASN CA   C N S 42  
ASN C    C N N 43  
ASN O    O N N 44  
ASN CB   C N N 45  
ASN CG   C N N 46  
ASN OD1  O N N 47  
ASN ND2  N N N 48  
ASN OXT  O N N 49  
ASN H    H N N 50  
ASN H2   H N N 51  
ASN HA   H N N 52  
ASN HB2  H N N 53  
ASN HB3  H N N 54  
ASN HD21 H N N 55  
ASN HD22 H N N 56  
ASN HXT  H N N 57  
ASP N    N N N 58  
ASP CA   C N S 59  
ASP C    C N N 60  
ASP O    O N N 61  
ASP CB   C N N 62  
ASP CG   C N N 63  
ASP OD1  O N N 64  
ASP OD2  O N N 65  
ASP OXT  O N N 66  
ASP H    H N N 67  
ASP H2   H N N 68  
ASP HA   H N N 69  
ASP HB2  H N N 70  
ASP HB3  H N N 71  
ASP HD2  H N N 72  
ASP HXT  H N N 73  
CYS N    N N N 74  
CYS CA   C N R 75  
CYS C    C N N 76  
CYS O    O N N 77  
CYS CB   C N N 78  
CYS SG   S N N 79  
CYS OXT  O N N 80  
CYS H    H N N 81  
CYS H2   H N N 82  
CYS HA   H N N 83  
CYS HB2  H N N 84  
CYS HB3  H N N 85  
CYS HG   H N N 86  
CYS HXT  H N N 87  
FAR C1   C N N 88  
FAR C2   C N N 89  
FAR C3   C N N 90  
FAR C5   C N N 91  
FAR C6   C N N 92  
FAR C7   C N N 93  
FAR C8   C N N 94  
FAR C9   C N N 95  
FAR C11  C N N 96  
FAR C12  C N N 97  
FAR C13  C N N 98  
FAR C14  C N N 99  
FAR C15  C N N 100 
FAR C4   C N N 101 
FAR C10  C N N 102 
FAR H11  H N N 103 
FAR H12A H N N 104 
FAR H13  H N N 105 
FAR H2   H N N 106 
FAR H51  H N N 107 
FAR H52  H N N 108 
FAR H61  H N N 109 
FAR H62  H N N 110 
FAR H7   H N N 111 
FAR H91  H N N 112 
FAR H92  H N N 113 
FAR H111 H N N 114 
FAR H112 H N N 115 
FAR H12  H N N 116 
FAR H141 H N N 117 
FAR H142 H N N 118 
FAR H143 H N N 119 
FAR H151 H N N 120 
FAR H152 H N N 121 
FAR H153 H N N 122 
FAR H41  H N N 123 
FAR H42  H N N 124 
FAR H43  H N N 125 
FAR H101 H N N 126 
FAR H102 H N N 127 
FAR H103 H N N 128 
GLN N    N N N 129 
GLN CA   C N S 130 
GLN C    C N N 131 
GLN O    O N N 132 
GLN CB   C N N 133 
GLN CG   C N N 134 
GLN CD   C N N 135 
GLN OE1  O N N 136 
GLN NE2  N N N 137 
GLN OXT  O N N 138 
GLN H    H N N 139 
GLN H2   H N N 140 
GLN HA   H N N 141 
GLN HB2  H N N 142 
GLN HB3  H N N 143 
GLN HG2  H N N 144 
GLN HG3  H N N 145 
GLN HE21 H N N 146 
GLN HE22 H N N 147 
GLN HXT  H N N 148 
GLU N    N N N 149 
GLU CA   C N S 150 
GLU C    C N N 151 
GLU O    O N N 152 
GLU CB   C N N 153 
GLU CG   C N N 154 
GLU CD   C N N 155 
GLU OE1  O N N 156 
GLU OE2  O N N 157 
GLU OXT  O N N 158 
GLU H    H N N 159 
GLU H2   H N N 160 
GLU HA   H N N 161 
GLU HB2  H N N 162 
GLU HB3  H N N 163 
GLU HG2  H N N 164 
GLU HG3  H N N 165 
GLU HE2  H N N 166 
GLU HXT  H N N 167 
GLY N    N N N 168 
GLY CA   C N N 169 
GLY C    C N N 170 
GLY O    O N N 171 
GLY OXT  O N N 172 
GLY H    H N N 173 
GLY H2   H N N 174 
GLY HA2  H N N 175 
GLY HA3  H N N 176 
GLY HXT  H N N 177 
HIS N    N N N 178 
HIS CA   C N S 179 
HIS C    C N N 180 
HIS O    O N N 181 
HIS CB   C N N 182 
HIS CG   C Y N 183 
HIS ND1  N Y N 184 
HIS CD2  C Y N 185 
HIS CE1  C Y N 186 
HIS NE2  N Y N 187 
HIS OXT  O N N 188 
HIS H    H N N 189 
HIS H2   H N N 190 
HIS HA   H N N 191 
HIS HB2  H N N 192 
HIS HB3  H N N 193 
HIS HD1  H N N 194 
HIS HD2  H N N 195 
HIS HE1  H N N 196 
HIS HE2  H N N 197 
HIS HXT  H N N 198 
ILE N    N N N 199 
ILE CA   C N S 200 
ILE C    C N N 201 
ILE O    O N N 202 
ILE CB   C N S 203 
ILE CG1  C N N 204 
ILE CG2  C N N 205 
ILE CD1  C N N 206 
ILE OXT  O N N 207 
ILE H    H N N 208 
ILE H2   H N N 209 
ILE HA   H N N 210 
ILE HB   H N N 211 
ILE HG12 H N N 212 
ILE HG13 H N N 213 
ILE HG21 H N N 214 
ILE HG22 H N N 215 
ILE HG23 H N N 216 
ILE HD11 H N N 217 
ILE HD12 H N N 218 
ILE HD13 H N N 219 
ILE HXT  H N N 220 
LEU N    N N N 221 
LEU CA   C N S 222 
LEU C    C N N 223 
LEU O    O N N 224 
LEU CB   C N N 225 
LEU CG   C N N 226 
LEU CD1  C N N 227 
LEU CD2  C N N 228 
LEU OXT  O N N 229 
LEU H    H N N 230 
LEU H2   H N N 231 
LEU HA   H N N 232 
LEU HB2  H N N 233 
LEU HB3  H N N 234 
LEU HG   H N N 235 
LEU HD11 H N N 236 
LEU HD12 H N N 237 
LEU HD13 H N N 238 
LEU HD21 H N N 239 
LEU HD22 H N N 240 
LEU HD23 H N N 241 
LEU HXT  H N N 242 
LYS N    N N N 243 
LYS CA   C N S 244 
LYS C    C N N 245 
LYS O    O N N 246 
LYS CB   C N N 247 
LYS CG   C N N 248 
LYS CD   C N N 249 
LYS CE   C N N 250 
LYS NZ   N N N 251 
LYS OXT  O N N 252 
LYS H    H N N 253 
LYS H2   H N N 254 
LYS HA   H N N 255 
LYS HB2  H N N 256 
LYS HB3  H N N 257 
LYS HG2  H N N 258 
LYS HG3  H N N 259 
LYS HD2  H N N 260 
LYS HD3  H N N 261 
LYS HE2  H N N 262 
LYS HE3  H N N 263 
LYS HZ1  H N N 264 
LYS HZ2  H N N 265 
LYS HZ3  H N N 266 
LYS HXT  H N N 267 
MET N    N N N 268 
MET CA   C N S 269 
MET C    C N N 270 
MET O    O N N 271 
MET CB   C N N 272 
MET CG   C N N 273 
MET SD   S N N 274 
MET CE   C N N 275 
MET OXT  O N N 276 
MET H    H N N 277 
MET H2   H N N 278 
MET HA   H N N 279 
MET HB2  H N N 280 
MET HB3  H N N 281 
MET HG2  H N N 282 
MET HG3  H N N 283 
MET HE1  H N N 284 
MET HE2  H N N 285 
MET HE3  H N N 286 
MET HXT  H N N 287 
PHE N    N N N 288 
PHE CA   C N S 289 
PHE C    C N N 290 
PHE O    O N N 291 
PHE CB   C N N 292 
PHE CG   C Y N 293 
PHE CD1  C Y N 294 
PHE CD2  C Y N 295 
PHE CE1  C Y N 296 
PHE CE2  C Y N 297 
PHE CZ   C Y N 298 
PHE OXT  O N N 299 
PHE H    H N N 300 
PHE H2   H N N 301 
PHE HA   H N N 302 
PHE HB2  H N N 303 
PHE HB3  H N N 304 
PHE HD1  H N N 305 
PHE HD2  H N N 306 
PHE HE1  H N N 307 
PHE HE2  H N N 308 
PHE HZ   H N N 309 
PHE HXT  H N N 310 
PRO N    N N N 311 
PRO CA   C N S 312 
PRO C    C N N 313 
PRO O    O N N 314 
PRO CB   C N N 315 
PRO CG   C N N 316 
PRO CD   C N N 317 
PRO OXT  O N N 318 
PRO H    H N N 319 
PRO HA   H N N 320 
PRO HB2  H N N 321 
PRO HB3  H N N 322 
PRO HG2  H N N 323 
PRO HG3  H N N 324 
PRO HD2  H N N 325 
PRO HD3  H N N 326 
PRO HXT  H N N 327 
SER N    N N N 328 
SER CA   C N S 329 
SER C    C N N 330 
SER O    O N N 331 
SER CB   C N N 332 
SER OG   O N N 333 
SER OXT  O N N 334 
SER H    H N N 335 
SER H2   H N N 336 
SER HA   H N N 337 
SER HB2  H N N 338 
SER HB3  H N N 339 
SER HG   H N N 340 
SER HXT  H N N 341 
THR N    N N N 342 
THR CA   C N S 343 
THR C    C N N 344 
THR O    O N N 345 
THR CB   C N R 346 
THR OG1  O N N 347 
THR CG2  C N N 348 
THR OXT  O N N 349 
THR H    H N N 350 
THR H2   H N N 351 
THR HA   H N N 352 
THR HB   H N N 353 
THR HG1  H N N 354 
THR HG21 H N N 355 
THR HG22 H N N 356 
THR HG23 H N N 357 
THR HXT  H N N 358 
TRP N    N N N 359 
TRP CA   C N S 360 
TRP C    C N N 361 
TRP O    O N N 362 
TRP CB   C N N 363 
TRP CG   C Y N 364 
TRP CD1  C Y N 365 
TRP CD2  C Y N 366 
TRP NE1  N Y N 367 
TRP CE2  C Y N 368 
TRP CE3  C Y N 369 
TRP CZ2  C Y N 370 
TRP CZ3  C Y N 371 
TRP CH2  C Y N 372 
TRP OXT  O N N 373 
TRP H    H N N 374 
TRP H2   H N N 375 
TRP HA   H N N 376 
TRP HB2  H N N 377 
TRP HB3  H N N 378 
TRP HD1  H N N 379 
TRP HE1  H N N 380 
TRP HE3  H N N 381 
TRP HZ2  H N N 382 
TRP HZ3  H N N 383 
TRP HH2  H N N 384 
TRP HXT  H N N 385 
TYR N    N N N 386 
TYR CA   C N S 387 
TYR C    C N N 388 
TYR O    O N N 389 
TYR CB   C N N 390 
TYR CG   C Y N 391 
TYR CD1  C Y N 392 
TYR CD2  C Y N 393 
TYR CE1  C Y N 394 
TYR CE2  C Y N 395 
TYR CZ   C Y N 396 
TYR OH   O N N 397 
TYR OXT  O N N 398 
TYR H    H N N 399 
TYR H2   H N N 400 
TYR HA   H N N 401 
TYR HB2  H N N 402 
TYR HB3  H N N 403 
TYR HD1  H N N 404 
TYR HD2  H N N 405 
TYR HE1  H N N 406 
TYR HE2  H N N 407 
TYR HH   H N N 408 
TYR HXT  H N N 409 
VAL N    N N N 410 
VAL CA   C N S 411 
VAL C    C N N 412 
VAL O    O N N 413 
VAL CB   C N N 414 
VAL CG1  C N N 415 
VAL CG2  C N N 416 
VAL OXT  O N N 417 
VAL H    H N N 418 
VAL H2   H N N 419 
VAL HA   H N N 420 
VAL HB   H N N 421 
VAL HG11 H N N 422 
VAL HG12 H N N 423 
VAL HG13 H N N 424 
VAL HG21 H N N 425 
VAL HG22 H N N 426 
VAL HG23 H N N 427 
VAL HXT  H N N 428 
# 
loop_
_chem_comp_bond.comp_id 
_chem_comp_bond.atom_id_1 
_chem_comp_bond.atom_id_2 
_chem_comp_bond.value_order 
_chem_comp_bond.pdbx_aromatic_flag 
_chem_comp_bond.pdbx_stereo_config 
_chem_comp_bond.pdbx_ordinal 
ALA N   CA   sing N N 1   
ALA N   H    sing N N 2   
ALA N   H2   sing N N 3   
ALA CA  C    sing N N 4   
ALA CA  CB   sing N N 5   
ALA CA  HA   sing N N 6   
ALA C   O    doub N N 7   
ALA C   OXT  sing N N 8   
ALA CB  HB1  sing N N 9   
ALA CB  HB2  sing N N 10  
ALA CB  HB3  sing N N 11  
ALA OXT HXT  sing N N 12  
ARG N   CA   sing N N 13  
ARG N   H    sing N N 14  
ARG N   H2   sing N N 15  
ARG CA  C    sing N N 16  
ARG CA  CB   sing N N 17  
ARG CA  HA   sing N N 18  
ARG C   O    doub N N 19  
ARG C   OXT  sing N N 20  
ARG CB  CG   sing N N 21  
ARG CB  HB2  sing N N 22  
ARG CB  HB3  sing N N 23  
ARG CG  CD   sing N N 24  
ARG CG  HG2  sing N N 25  
ARG CG  HG3  sing N N 26  
ARG CD  NE   sing N N 27  
ARG CD  HD2  sing N N 28  
ARG CD  HD3  sing N N 29  
ARG NE  CZ   sing N N 30  
ARG NE  HE   sing N N 31  
ARG CZ  NH1  sing N N 32  
ARG CZ  NH2  doub N N 33  
ARG NH1 HH11 sing N N 34  
ARG NH1 HH12 sing N N 35  
ARG NH2 HH21 sing N N 36  
ARG NH2 HH22 sing N N 37  
ARG OXT HXT  sing N N 38  
ASN N   CA   sing N N 39  
ASN N   H    sing N N 40  
ASN N   H2   sing N N 41  
ASN CA  C    sing N N 42  
ASN CA  CB   sing N N 43  
ASN CA  HA   sing N N 44  
ASN C   O    doub N N 45  
ASN C   OXT  sing N N 46  
ASN CB  CG   sing N N 47  
ASN CB  HB2  sing N N 48  
ASN CB  HB3  sing N N 49  
ASN CG  OD1  doub N N 50  
ASN CG  ND2  sing N N 51  
ASN ND2 HD21 sing N N 52  
ASN ND2 HD22 sing N N 53  
ASN OXT HXT  sing N N 54  
ASP N   CA   sing N N 55  
ASP N   H    sing N N 56  
ASP N   H2   sing N N 57  
ASP CA  C    sing N N 58  
ASP CA  CB   sing N N 59  
ASP CA  HA   sing N N 60  
ASP C   O    doub N N 61  
ASP C   OXT  sing N N 62  
ASP CB  CG   sing N N 63  
ASP CB  HB2  sing N N 64  
ASP CB  HB3  sing N N 65  
ASP CG  OD1  doub N N 66  
ASP CG  OD2  sing N N 67  
ASP OD2 HD2  sing N N 68  
ASP OXT HXT  sing N N 69  
CYS N   CA   sing N N 70  
CYS N   H    sing N N 71  
CYS N   H2   sing N N 72  
CYS CA  C    sing N N 73  
CYS CA  CB   sing N N 74  
CYS CA  HA   sing N N 75  
CYS C   O    doub N N 76  
CYS C   OXT  sing N N 77  
CYS CB  SG   sing N N 78  
CYS CB  HB2  sing N N 79  
CYS CB  HB3  sing N N 80  
CYS SG  HG   sing N N 81  
CYS OXT HXT  sing N N 82  
FAR C1  C2   sing N N 83  
FAR C1  H11  sing N N 84  
FAR C1  H12A sing N N 85  
FAR C1  H13  sing N N 86  
FAR C2  C3   doub N E 87  
FAR C2  H2   sing N N 88  
FAR C3  C5   sing N N 89  
FAR C3  C4   sing N N 90  
FAR C5  C6   sing N N 91  
FAR C5  H51  sing N N 92  
FAR C5  H52  sing N N 93  
FAR C6  C7   sing N N 94  
FAR C6  H61  sing N N 95  
FAR C6  H62  sing N N 96  
FAR C7  C8   doub N E 97  
FAR C7  H7   sing N N 98  
FAR C8  C9   sing N N 99  
FAR C8  C10  sing N N 100 
FAR C9  C11  sing N N 101 
FAR C9  H91  sing N N 102 
FAR C9  H92  sing N N 103 
FAR C11 C12  sing N N 104 
FAR C11 H111 sing N N 105 
FAR C11 H112 sing N N 106 
FAR C12 C13  doub N N 107 
FAR C12 H12  sing N N 108 
FAR C13 C14  sing N N 109 
FAR C13 C15  sing N N 110 
FAR C14 H141 sing N N 111 
FAR C14 H142 sing N N 112 
FAR C14 H143 sing N N 113 
FAR C15 H151 sing N N 114 
FAR C15 H152 sing N N 115 
FAR C15 H153 sing N N 116 
FAR C4  H41  sing N N 117 
FAR C4  H42  sing N N 118 
FAR C4  H43  sing N N 119 
FAR C10 H101 sing N N 120 
FAR C10 H102 sing N N 121 
FAR C10 H103 sing N N 122 
GLN N   CA   sing N N 123 
GLN N   H    sing N N 124 
GLN N   H2   sing N N 125 
GLN CA  C    sing N N 126 
GLN CA  CB   sing N N 127 
GLN CA  HA   sing N N 128 
GLN C   O    doub N N 129 
GLN C   OXT  sing N N 130 
GLN CB  CG   sing N N 131 
GLN CB  HB2  sing N N 132 
GLN CB  HB3  sing N N 133 
GLN CG  CD   sing N N 134 
GLN CG  HG2  sing N N 135 
GLN CG  HG3  sing N N 136 
GLN CD  OE1  doub N N 137 
GLN CD  NE2  sing N N 138 
GLN NE2 HE21 sing N N 139 
GLN NE2 HE22 sing N N 140 
GLN OXT HXT  sing N N 141 
GLU N   CA   sing N N 142 
GLU N   H    sing N N 143 
GLU N   H2   sing N N 144 
GLU CA  C    sing N N 145 
GLU CA  CB   sing N N 146 
GLU CA  HA   sing N N 147 
GLU C   O    doub N N 148 
GLU C   OXT  sing N N 149 
GLU CB  CG   sing N N 150 
GLU CB  HB2  sing N N 151 
GLU CB  HB3  sing N N 152 
GLU CG  CD   sing N N 153 
GLU CG  HG2  sing N N 154 
GLU CG  HG3  sing N N 155 
GLU CD  OE1  doub N N 156 
GLU CD  OE2  sing N N 157 
GLU OE2 HE2  sing N N 158 
GLU OXT HXT  sing N N 159 
GLY N   CA   sing N N 160 
GLY N   H    sing N N 161 
GLY N   H2   sing N N 162 
GLY CA  C    sing N N 163 
GLY CA  HA2  sing N N 164 
GLY CA  HA3  sing N N 165 
GLY C   O    doub N N 166 
GLY C   OXT  sing N N 167 
GLY OXT HXT  sing N N 168 
HIS N   CA   sing N N 169 
HIS N   H    sing N N 170 
HIS N   H2   sing N N 171 
HIS CA  C    sing N N 172 
HIS CA  CB   sing N N 173 
HIS CA  HA   sing N N 174 
HIS C   O    doub N N 175 
HIS C   OXT  sing N N 176 
HIS CB  CG   sing N N 177 
HIS CB  HB2  sing N N 178 
HIS CB  HB3  sing N N 179 
HIS CG  ND1  sing Y N 180 
HIS CG  CD2  doub Y N 181 
HIS ND1 CE1  doub Y N 182 
HIS ND1 HD1  sing N N 183 
HIS CD2 NE2  sing Y N 184 
HIS CD2 HD2  sing N N 185 
HIS CE1 NE2  sing Y N 186 
HIS CE1 HE1  sing N N 187 
HIS NE2 HE2  sing N N 188 
HIS OXT HXT  sing N N 189 
ILE N   CA   sing N N 190 
ILE N   H    sing N N 191 
ILE N   H2   sing N N 192 
ILE CA  C    sing N N 193 
ILE CA  CB   sing N N 194 
ILE CA  HA   sing N N 195 
ILE C   O    doub N N 196 
ILE C   OXT  sing N N 197 
ILE CB  CG1  sing N N 198 
ILE CB  CG2  sing N N 199 
ILE CB  HB   sing N N 200 
ILE CG1 CD1  sing N N 201 
ILE CG1 HG12 sing N N 202 
ILE CG1 HG13 sing N N 203 
ILE CG2 HG21 sing N N 204 
ILE CG2 HG22 sing N N 205 
ILE CG2 HG23 sing N N 206 
ILE CD1 HD11 sing N N 207 
ILE CD1 HD12 sing N N 208 
ILE CD1 HD13 sing N N 209 
ILE OXT HXT  sing N N 210 
LEU N   CA   sing N N 211 
LEU N   H    sing N N 212 
LEU N   H2   sing N N 213 
LEU CA  C    sing N N 214 
LEU CA  CB   sing N N 215 
LEU CA  HA   sing N N 216 
LEU C   O    doub N N 217 
LEU C   OXT  sing N N 218 
LEU CB  CG   sing N N 219 
LEU CB  HB2  sing N N 220 
LEU CB  HB3  sing N N 221 
LEU CG  CD1  sing N N 222 
LEU CG  CD2  sing N N 223 
LEU CG  HG   sing N N 224 
LEU CD1 HD11 sing N N 225 
LEU CD1 HD12 sing N N 226 
LEU CD1 HD13 sing N N 227 
LEU CD2 HD21 sing N N 228 
LEU CD2 HD22 sing N N 229 
LEU CD2 HD23 sing N N 230 
LEU OXT HXT  sing N N 231 
LYS N   CA   sing N N 232 
LYS N   H    sing N N 233 
LYS N   H2   sing N N 234 
LYS CA  C    sing N N 235 
LYS CA  CB   sing N N 236 
LYS CA  HA   sing N N 237 
LYS C   O    doub N N 238 
LYS C   OXT  sing N N 239 
LYS CB  CG   sing N N 240 
LYS CB  HB2  sing N N 241 
LYS CB  HB3  sing N N 242 
LYS CG  CD   sing N N 243 
LYS CG  HG2  sing N N 244 
LYS CG  HG3  sing N N 245 
LYS CD  CE   sing N N 246 
LYS CD  HD2  sing N N 247 
LYS CD  HD3  sing N N 248 
LYS CE  NZ   sing N N 249 
LYS CE  HE2  sing N N 250 
LYS CE  HE3  sing N N 251 
LYS NZ  HZ1  sing N N 252 
LYS NZ  HZ2  sing N N 253 
LYS NZ  HZ3  sing N N 254 
LYS OXT HXT  sing N N 255 
MET N   CA   sing N N 256 
MET N   H    sing N N 257 
MET N   H2   sing N N 258 
MET CA  C    sing N N 259 
MET CA  CB   sing N N 260 
MET CA  HA   sing N N 261 
MET C   O    doub N N 262 
MET C   OXT  sing N N 263 
MET CB  CG   sing N N 264 
MET CB  HB2  sing N N 265 
MET CB  HB3  sing N N 266 
MET CG  SD   sing N N 267 
MET CG  HG2  sing N N 268 
MET CG  HG3  sing N N 269 
MET SD  CE   sing N N 270 
MET CE  HE1  sing N N 271 
MET CE  HE2  sing N N 272 
MET CE  HE3  sing N N 273 
MET OXT HXT  sing N N 274 
PHE N   CA   sing N N 275 
PHE N   H    sing N N 276 
PHE N   H2   sing N N 277 
PHE CA  C    sing N N 278 
PHE CA  CB   sing N N 279 
PHE CA  HA   sing N N 280 
PHE C   O    doub N N 281 
PHE C   OXT  sing N N 282 
PHE CB  CG   sing N N 283 
PHE CB  HB2  sing N N 284 
PHE CB  HB3  sing N N 285 
PHE CG  CD1  doub Y N 286 
PHE CG  CD2  sing Y N 287 
PHE CD1 CE1  sing Y N 288 
PHE CD1 HD1  sing N N 289 
PHE CD2 CE2  doub Y N 290 
PHE CD2 HD2  sing N N 291 
PHE CE1 CZ   doub Y N 292 
PHE CE1 HE1  sing N N 293 
PHE CE2 CZ   sing Y N 294 
PHE CE2 HE2  sing N N 295 
PHE CZ  HZ   sing N N 296 
PHE OXT HXT  sing N N 297 
PRO N   CA   sing N N 298 
PRO N   CD   sing N N 299 
PRO N   H    sing N N 300 
PRO CA  C    sing N N 301 
PRO CA  CB   sing N N 302 
PRO CA  HA   sing N N 303 
PRO C   O    doub N N 304 
PRO C   OXT  sing N N 305 
PRO CB  CG   sing N N 306 
PRO CB  HB2  sing N N 307 
PRO CB  HB3  sing N N 308 
PRO CG  CD   sing N N 309 
PRO CG  HG2  sing N N 310 
PRO CG  HG3  sing N N 311 
PRO CD  HD2  sing N N 312 
PRO CD  HD3  sing N N 313 
PRO OXT HXT  sing N N 314 
SER N   CA   sing N N 315 
SER N   H    sing N N 316 
SER N   H2   sing N N 317 
SER CA  C    sing N N 318 
SER CA  CB   sing N N 319 
SER CA  HA   sing N N 320 
SER C   O    doub N N 321 
SER C   OXT  sing N N 322 
SER CB  OG   sing N N 323 
SER CB  HB2  sing N N 324 
SER CB  HB3  sing N N 325 
SER OG  HG   sing N N 326 
SER OXT HXT  sing N N 327 
THR N   CA   sing N N 328 
THR N   H    sing N N 329 
THR N   H2   sing N N 330 
THR CA  C    sing N N 331 
THR CA  CB   sing N N 332 
THR CA  HA   sing N N 333 
THR C   O    doub N N 334 
THR C   OXT  sing N N 335 
THR CB  OG1  sing N N 336 
THR CB  CG2  sing N N 337 
THR CB  HB   sing N N 338 
THR OG1 HG1  sing N N 339 
THR CG2 HG21 sing N N 340 
THR CG2 HG22 sing N N 341 
THR CG2 HG23 sing N N 342 
THR OXT HXT  sing N N 343 
TRP N   CA   sing N N 344 
TRP N   H    sing N N 345 
TRP N   H2   sing N N 346 
TRP CA  C    sing N N 347 
TRP CA  CB   sing N N 348 
TRP CA  HA   sing N N 349 
TRP C   O    doub N N 350 
TRP C   OXT  sing N N 351 
TRP CB  CG   sing N N 352 
TRP CB  HB2  sing N N 353 
TRP CB  HB3  sing N N 354 
TRP CG  CD1  doub Y N 355 
TRP CG  CD2  sing Y N 356 
TRP CD1 NE1  sing Y N 357 
TRP CD1 HD1  sing N N 358 
TRP CD2 CE2  doub Y N 359 
TRP CD2 CE3  sing Y N 360 
TRP NE1 CE2  sing Y N 361 
TRP NE1 HE1  sing N N 362 
TRP CE2 CZ2  sing Y N 363 
TRP CE3 CZ3  doub Y N 364 
TRP CE3 HE3  sing N N 365 
TRP CZ2 CH2  doub Y N 366 
TRP CZ2 HZ2  sing N N 367 
TRP CZ3 CH2  sing Y N 368 
TRP CZ3 HZ3  sing N N 369 
TRP CH2 HH2  sing N N 370 
TRP OXT HXT  sing N N 371 
TYR N   CA   sing N N 372 
TYR N   H    sing N N 373 
TYR N   H2   sing N N 374 
TYR CA  C    sing N N 375 
TYR CA  CB   sing N N 376 
TYR CA  HA   sing N N 377 
TYR C   O    doub N N 378 
TYR C   OXT  sing N N 379 
TYR CB  CG   sing N N 380 
TYR CB  HB2  sing N N 381 
TYR CB  HB3  sing N N 382 
TYR CG  CD1  doub Y N 383 
TYR CG  CD2  sing Y N 384 
TYR CD1 CE1  sing Y N 385 
TYR CD1 HD1  sing N N 386 
TYR CD2 CE2  doub Y N 387 
TYR CD2 HD2  sing N N 388 
TYR CE1 CZ   doub Y N 389 
TYR CE1 HE1  sing N N 390 
TYR CE2 CZ   sing Y N 391 
TYR CE2 HE2  sing N N 392 
TYR CZ  OH   sing N N 393 
TYR OH  HH   sing N N 394 
TYR OXT HXT  sing N N 395 
VAL N   CA   sing N N 396 
VAL N   H    sing N N 397 
VAL N   H2   sing N N 398 
VAL CA  C    sing N N 399 
VAL CA  CB   sing N N 400 
VAL CA  HA   sing N N 401 
VAL C   O    doub N N 402 
VAL C   OXT  sing N N 403 
VAL CB  CG1  sing N N 404 
VAL CB  CG2  sing N N 405 
VAL CB  HB   sing N N 406 
VAL CG1 HG11 sing N N 407 
VAL CG1 HG12 sing N N 408 
VAL CG1 HG13 sing N N 409 
VAL CG2 HG21 sing N N 410 
VAL CG2 HG22 sing N N 411 
VAL CG2 HG23 sing N N 412 
VAL OXT HXT  sing N N 413 
# 
_pdbx_audit_support.funding_organization   'National Institutes of Health/National Eye Institute (NIH/NEI)' 
_pdbx_audit_support.country                'United States' 
_pdbx_audit_support.grant_number           EY-10843 
_pdbx_audit_support.ordinal                1 
# 
_pdbx_entity_nonpoly.entity_id   2 
_pdbx_entity_nonpoly.name        FARNESYL 
_pdbx_entity_nonpoly.comp_id     FAR 
# 
_pdbx_initial_refinement_model.id               1 
_pdbx_initial_refinement_model.entity_id_list   ? 
_pdbx_initial_refinement_model.type             'experimental model' 
_pdbx_initial_refinement_model.source_name      PDB 
_pdbx_initial_refinement_model.accession_code   5U9A 
_pdbx_initial_refinement_model.details          ? 
# 
_pdbx_struct_assembly_auth_evidence.id                     1 
_pdbx_struct_assembly_auth_evidence.assembly_id            1 
_pdbx_struct_assembly_auth_evidence.experimental_support   'gel filtration' 
_pdbx_struct_assembly_auth_evidence.details                no 
# 
